data_7Z0J
# 
_entry.id   7Z0J 
# 
_audit_conform.dict_name       mmcif_pdbx.dic 
_audit_conform.dict_version    5.404 
_audit_conform.dict_location   http://mmcif.pdb.org/dictionaries/ascii/mmcif_pdbx.dic 
# 
loop_
_database_2.database_id 
_database_2.database_code 
_database_2.pdbx_database_accession 
_database_2.pdbx_DOI 
PDB   7Z0J         pdb_00007z0j 10.2210/pdb7z0j/pdb 
WWPDB D_1292121103 ?            ?                   
# 
loop_
_pdbx_audit_revision_history.ordinal 
_pdbx_audit_revision_history.data_content_type 
_pdbx_audit_revision_history.major_revision 
_pdbx_audit_revision_history.minor_revision 
_pdbx_audit_revision_history.revision_date 
_pdbx_audit_revision_history.part_number 
1 'Structure model' 1 0 2023-03-08 ? 
2 'Structure model' 1 1 2024-02-07 ? 
3 'Structure model' 1 2 2025-09-03 ? 
# 
_pdbx_audit_revision_details.ordinal             1 
_pdbx_audit_revision_details.revision_ordinal    1 
_pdbx_audit_revision_details.data_content_type   'Structure model' 
_pdbx_audit_revision_details.provider            repository 
_pdbx_audit_revision_details.type                'Initial release' 
_pdbx_audit_revision_details.description         ? 
_pdbx_audit_revision_details.details             ? 
# 
loop_
_pdbx_audit_revision_group.ordinal 
_pdbx_audit_revision_group.revision_ordinal 
_pdbx_audit_revision_group.data_content_type 
_pdbx_audit_revision_group.group 
1 2 'Structure model' 'Data collection'        
2 2 'Structure model' 'Refinement description' 
3 3 'Structure model' 'Database references'    
4 3 'Structure model' 'Structure summary'      
# 
loop_
_pdbx_audit_revision_category.ordinal 
_pdbx_audit_revision_category.revision_ordinal 
_pdbx_audit_revision_category.data_content_type 
_pdbx_audit_revision_category.category 
1 2 'Structure model' chem_comp_atom                
2 2 'Structure model' chem_comp_bond                
3 2 'Structure model' pdbx_initial_refinement_model 
4 2 'Structure model' struct_ncs_dom_lim            
5 3 'Structure model' citation                      
6 3 'Structure model' citation_author               
7 3 'Structure model' pdbx_entry_details            
# 
loop_
_pdbx_audit_revision_item.ordinal 
_pdbx_audit_revision_item.revision_ordinal 
_pdbx_audit_revision_item.data_content_type 
_pdbx_audit_revision_item.item 
1 2 'Structure model' '_struct_ncs_dom_lim.beg_auth_comp_id'         
2 2 'Structure model' '_struct_ncs_dom_lim.beg_label_asym_id'        
3 2 'Structure model' '_struct_ncs_dom_lim.beg_label_comp_id'        
4 2 'Structure model' '_struct_ncs_dom_lim.beg_label_seq_id'         
5 2 'Structure model' '_struct_ncs_dom_lim.end_auth_comp_id'         
6 2 'Structure model' '_struct_ncs_dom_lim.end_label_asym_id'        
7 2 'Structure model' '_struct_ncs_dom_lim.end_label_comp_id'        
8 2 'Structure model' '_struct_ncs_dom_lim.end_label_seq_id'         
9 3 'Structure model' '_pdbx_entry_details.has_protein_modification' 
# 
_pdbx_database_status.status_code                     REL 
_pdbx_database_status.status_code_sf                  REL 
_pdbx_database_status.status_code_mr                  ? 
_pdbx_database_status.entry_id                        7Z0J 
_pdbx_database_status.recvd_initial_deposition_date   2022-02-23 
_pdbx_database_status.SG_entry                        N 
_pdbx_database_status.deposit_site                    PDBE 
_pdbx_database_status.process_site                    PDBE 
_pdbx_database_status.status_code_cs                  ? 
_pdbx_database_status.status_code_nmr_data            ? 
_pdbx_database_status.methods_development_category    ? 
_pdbx_database_status.pdb_format_compatible           Y 
# 
_pdbx_contact_author.id                 3 
_pdbx_contact_author.email              michael.sattler@tum.de 
_pdbx_contact_author.name_first         Michael 
_pdbx_contact_author.name_last          Sattler 
_pdbx_contact_author.name_mi            ? 
_pdbx_contact_author.role               'principal investigator/group leader' 
_pdbx_contact_author.identifier_ORCID   0000-0002-1594-0527 
# 
loop_
_audit_author.name 
_audit_author.pdbx_ordinal 
_audit_author.identifier_ORCID 
'Gaussmann, S.' 1 0000-0003-0225-5165 
'Zak, K.'       2 0000-0001-5844-6599 
'Kreisz, N.'    3 ?                   
'Sattler, M.'   4 0000-0002-1594-0527 
# 
loop_
_citation.abstract 
_citation.abstract_id_CAS 
_citation.book_id_ISBN 
_citation.book_publisher 
_citation.book_publisher_city 
_citation.book_title 
_citation.coordinate_linkage 
_citation.country 
_citation.database_id_Medline 
_citation.details 
_citation.id 
_citation.journal_abbrev 
_citation.journal_id_ASTM 
_citation.journal_id_CSD 
_citation.journal_id_ISSN 
_citation.journal_full 
_citation.journal_issue 
_citation.journal_volume 
_citation.language 
_citation.page_first 
_citation.page_last 
_citation.title 
_citation.year 
_citation.database_id_CSD 
_citation.pdbx_database_id_DOI 
_citation.pdbx_database_id_PubMed 
_citation.pdbx_database_id_patent 
_citation.unpublished_flag 
? ? ? ? ? ? ? UK ? ? primary 'Nat Commun' ? ? 2041-1723 ? ? 15 ? 3317 3317 
'Modulation of peroxisomal import by the PEX13 SH3 domain and a proximal FxxxF binding motif.' 2024 ? 10.1038/s41467-024-47605-w 
38632234 ? ? 
? ? ? ? ? ? ? US ? ? 1       Biorxiv      ? ? 2692-8205 ? ? ?  ? ?    ?    
'Intramolecular autoinhibition of human PEX13 modulates peroxisomal import'                    2022 ? 10.1101/2022.12.19.520972  ? 
? ? 
# 
loop_
_citation_author.citation_id 
_citation_author.name 
_citation_author.ordinal 
_citation_author.identifier_ORCID 
primary 'Gaussmann, S.'  1  0000-0003-0225-5165 
primary 'Peschel, R.'    2  0000-0003-0041-5268 
primary 'Ott, J.'        3  ?                   
primary 'Zak, K.M.'      4  ?                   
primary 'Sastre, J.'     5  ?                   
primary 'Delhommel, F.'  6  0000-0001-7021-087X 
primary 'Popowicz, G.M.' 7  0000-0003-2818-7498 
primary 'Boekhoven, J.'  8  0000-0002-9126-2430 
primary 'Schliebs, W.'   9  ?                   
primary 'Erdmann, R.'    10 0000-0001-8380-0342 
primary 'Sattler, M.'    11 0000-0002-1594-0527 
1       'Gaussmann, S.'  12 ?                   
1       'Ott, J.'        13 ?                   
1       'Zak, K.M.'      14 ?                   
1       'Delhommel, F.'  15 ?                   
1       'Popowicz, G.M.' 16 ?                   
1       'Schliebs, W.'   17 ?                   
1       'Erdmann, R.'    18 ?                   
1       'Sattler, M.'    19 ?                   
# 
loop_
_entity.id 
_entity.type 
_entity.src_method 
_entity.pdbx_description 
_entity.formula_weight 
_entity.pdbx_number_of_molecules 
_entity.pdbx_ec 
_entity.pdbx_mutation 
_entity.pdbx_fragment 
_entity.details 
1 polymer     man 'Peroxisomal membrane protein PEX13' 11573.688 2  ? ? ? ? 
2 non-polymer syn 1,2-ETHANEDIOL                       62.068    3  ? ? ? ? 
3 water       nat water                                18.015    75 ? ? ? ? 
# 
_entity_name_com.entity_id   1 
_entity_name_com.name        Peroxin-13 
# 
_entity_poly.entity_id                      1 
_entity_poly.type                           'polypeptide(L)' 
_entity_poly.nstd_linkage                   no 
_entity_poly.nstd_monomer                   no 
_entity_poly.pdbx_seq_one_letter_code       
;VTDSINWASGEDDHVVARAEYDFAAVSEEEISFRAGDMLNLALKEQQPKVRGWLLASLDGQTTGLIPANYVKILGKRKGR
KTVESSGGGGSGGGGSDEQEAAFESVFVE
;
_entity_poly.pdbx_seq_one_letter_code_can   
;VTDSINWASGEDDHVVARAEYDFAAVSEEEISFRAGDMLNLALKEQQPKVRGWLLASLDGQTTGLIPANYVKILGKRKGR
KTVESSGGGGSGGGGSDEQEAAFESVFVE
;
_entity_poly.pdbx_strand_id                 A,B 
_entity_poly.pdbx_target_identifier         ? 
# 
loop_
_pdbx_entity_nonpoly.entity_id 
_pdbx_entity_nonpoly.name 
_pdbx_entity_nonpoly.comp_id 
2 1,2-ETHANEDIOL EDO 
3 water          HOH 
# 
loop_
_entity_poly_seq.entity_id 
_entity_poly_seq.num 
_entity_poly_seq.mon_id 
_entity_poly_seq.hetero 
1 1   VAL n 
1 2   THR n 
1 3   ASP n 
1 4   SER n 
1 5   ILE n 
1 6   ASN n 
1 7   TRP n 
1 8   ALA n 
1 9   SER n 
1 10  GLY n 
1 11  GLU n 
1 12  ASP n 
1 13  ASP n 
1 14  HIS n 
1 15  VAL n 
1 16  VAL n 
1 17  ALA n 
1 18  ARG n 
1 19  ALA n 
1 20  GLU n 
1 21  TYR n 
1 22  ASP n 
1 23  PHE n 
1 24  ALA n 
1 25  ALA n 
1 26  VAL n 
1 27  SER n 
1 28  GLU n 
1 29  GLU n 
1 30  GLU n 
1 31  ILE n 
1 32  SER n 
1 33  PHE n 
1 34  ARG n 
1 35  ALA n 
1 36  GLY n 
1 37  ASP n 
1 38  MET n 
1 39  LEU n 
1 40  ASN n 
1 41  LEU n 
1 42  ALA n 
1 43  LEU n 
1 44  LYS n 
1 45  GLU n 
1 46  GLN n 
1 47  GLN n 
1 48  PRO n 
1 49  LYS n 
1 50  VAL n 
1 51  ARG n 
1 52  GLY n 
1 53  TRP n 
1 54  LEU n 
1 55  LEU n 
1 56  ALA n 
1 57  SER n 
1 58  LEU n 
1 59  ASP n 
1 60  GLY n 
1 61  GLN n 
1 62  THR n 
1 63  THR n 
1 64  GLY n 
1 65  LEU n 
1 66  ILE n 
1 67  PRO n 
1 68  ALA n 
1 69  ASN n 
1 70  TYR n 
1 71  VAL n 
1 72  LYS n 
1 73  ILE n 
1 74  LEU n 
1 75  GLY n 
1 76  LYS n 
1 77  ARG n 
1 78  LYS n 
1 79  GLY n 
1 80  ARG n 
1 81  LYS n 
1 82  THR n 
1 83  VAL n 
1 84  GLU n 
1 85  SER n 
1 86  SER n 
1 87  GLY n 
1 88  GLY n 
1 89  GLY n 
1 90  GLY n 
1 91  SER n 
1 92  GLY n 
1 93  GLY n 
1 94  GLY n 
1 95  GLY n 
1 96  SER n 
1 97  ASP n 
1 98  GLU n 
1 99  GLN n 
1 100 GLU n 
1 101 ALA n 
1 102 ALA n 
1 103 PHE n 
1 104 GLU n 
1 105 SER n 
1 106 VAL n 
1 107 PHE n 
1 108 VAL n 
1 109 GLU n 
# 
loop_
_entity_src_gen.entity_id 
_entity_src_gen.pdbx_src_id 
_entity_src_gen.pdbx_alt_source_flag 
_entity_src_gen.pdbx_seq_type 
_entity_src_gen.pdbx_beg_seq_num 
_entity_src_gen.pdbx_end_seq_num 
_entity_src_gen.gene_src_common_name 
_entity_src_gen.gene_src_genus 
_entity_src_gen.pdbx_gene_src_gene 
_entity_src_gen.gene_src_species 
_entity_src_gen.gene_src_strain 
_entity_src_gen.gene_src_tissue 
_entity_src_gen.gene_src_tissue_fraction 
_entity_src_gen.gene_src_details 
_entity_src_gen.pdbx_gene_src_fragment 
_entity_src_gen.pdbx_gene_src_scientific_name 
_entity_src_gen.pdbx_gene_src_ncbi_taxonomy_id 
_entity_src_gen.pdbx_gene_src_variant 
_entity_src_gen.pdbx_gene_src_cell_line 
_entity_src_gen.pdbx_gene_src_atcc 
_entity_src_gen.pdbx_gene_src_organ 
_entity_src_gen.pdbx_gene_src_organelle 
_entity_src_gen.pdbx_gene_src_cell 
_entity_src_gen.pdbx_gene_src_cellular_location 
_entity_src_gen.host_org_common_name 
_entity_src_gen.pdbx_host_org_scientific_name 
_entity_src_gen.pdbx_host_org_ncbi_taxonomy_id 
_entity_src_gen.host_org_genus 
_entity_src_gen.pdbx_host_org_gene 
_entity_src_gen.pdbx_host_org_organ 
_entity_src_gen.host_org_species 
_entity_src_gen.pdbx_host_org_tissue 
_entity_src_gen.pdbx_host_org_tissue_fraction 
_entity_src_gen.pdbx_host_org_strain 
_entity_src_gen.pdbx_host_org_variant 
_entity_src_gen.pdbx_host_org_cell_line 
_entity_src_gen.pdbx_host_org_atcc 
_entity_src_gen.pdbx_host_org_culture_collection 
_entity_src_gen.pdbx_host_org_cell 
_entity_src_gen.pdbx_host_org_organelle 
_entity_src_gen.pdbx_host_org_cellular_location 
_entity_src_gen.pdbx_host_org_vector_type 
_entity_src_gen.pdbx_host_org_vector 
_entity_src_gen.host_org_details 
_entity_src_gen.expression_system_id 
_entity_src_gen.plasmid_name 
_entity_src_gen.plasmid_details 
_entity_src_gen.pdbx_description 
1 1 sample 'Biological sequence' 1  86  human ? PEX13 ? ? ? ? ? ? 'Homo sapiens' 9606 ? ? ? ? ? ? ? ? 'Escherichia coli' 562 ? ? ? 
? ? ? ? ? ? ? ? ? ? ? ? ? ? ? ? ? ? 
1 2 sample 'Biological sequence' 87 109 human ? PEX13 ? ? ? ? ? ? 'Homo sapiens' 9606 ? ? ? ? ? ? ? ? 'Escherichia coli' 562 ? ? ? 
? ? ? ? ? ? ? ? ? ? ? ? ? ? ? ? ? ? 
# 
loop_
_chem_comp.id 
_chem_comp.type 
_chem_comp.mon_nstd_flag 
_chem_comp.name 
_chem_comp.pdbx_synonyms 
_chem_comp.formula 
_chem_comp.formula_weight 
ALA 'L-peptide linking' y ALANINE         ?                 'C3 H7 N O2'     89.093  
ARG 'L-peptide linking' y ARGININE        ?                 'C6 H15 N4 O2 1' 175.209 
ASN 'L-peptide linking' y ASPARAGINE      ?                 'C4 H8 N2 O3'    132.118 
ASP 'L-peptide linking' y 'ASPARTIC ACID' ?                 'C4 H7 N O4'     133.103 
EDO non-polymer         . 1,2-ETHANEDIOL  'ETHYLENE GLYCOL' 'C2 H6 O2'       62.068  
GLN 'L-peptide linking' y GLUTAMINE       ?                 'C5 H10 N2 O3'   146.144 
GLU 'L-peptide linking' y 'GLUTAMIC ACID' ?                 'C5 H9 N O4'     147.129 
GLY 'peptide linking'   y GLYCINE         ?                 'C2 H5 N O2'     75.067  
HIS 'L-peptide linking' y HISTIDINE       ?                 'C6 H10 N3 O2 1' 156.162 
HOH non-polymer         . WATER           ?                 'H2 O'           18.015  
ILE 'L-peptide linking' y ISOLEUCINE      ?                 'C6 H13 N O2'    131.173 
LEU 'L-peptide linking' y LEUCINE         ?                 'C6 H13 N O2'    131.173 
LYS 'L-peptide linking' y LYSINE          ?                 'C6 H15 N2 O2 1' 147.195 
MET 'L-peptide linking' y METHIONINE      ?                 'C5 H11 N O2 S'  149.211 
PHE 'L-peptide linking' y PHENYLALANINE   ?                 'C9 H11 N O2'    165.189 
PRO 'L-peptide linking' y PROLINE         ?                 'C5 H9 N O2'     115.130 
SER 'L-peptide linking' y SERINE          ?                 'C3 H7 N O3'     105.093 
THR 'L-peptide linking' y THREONINE       ?                 'C4 H9 N O3'     119.119 
TRP 'L-peptide linking' y TRYPTOPHAN      ?                 'C11 H12 N2 O2'  204.225 
TYR 'L-peptide linking' y TYROSINE        ?                 'C9 H11 N O3'    181.189 
VAL 'L-peptide linking' y VALINE          ?                 'C5 H11 N O2'    117.146 
# 
loop_
_pdbx_poly_seq_scheme.asym_id 
_pdbx_poly_seq_scheme.entity_id 
_pdbx_poly_seq_scheme.seq_id 
_pdbx_poly_seq_scheme.mon_id 
_pdbx_poly_seq_scheme.ndb_seq_num 
_pdbx_poly_seq_scheme.pdb_seq_num 
_pdbx_poly_seq_scheme.auth_seq_num 
_pdbx_poly_seq_scheme.pdb_mon_id 
_pdbx_poly_seq_scheme.auth_mon_id 
_pdbx_poly_seq_scheme.pdb_strand_id 
_pdbx_poly_seq_scheme.pdb_ins_code 
_pdbx_poly_seq_scheme.hetero 
A 1 1   VAL 1   261 ?   ?   ?   A . n 
A 1 2   THR 2   262 ?   ?   ?   A . n 
A 1 3   ASP 3   263 ?   ?   ?   A . n 
A 1 4   SER 4   264 ?   ?   ?   A . n 
A 1 5   ILE 5   265 265 ILE ILE A . n 
A 1 6   ASN 6   266 266 ASN ASN A . n 
A 1 7   TRP 7   267 267 TRP TRP A . n 
A 1 8   ALA 8   268 268 ALA ALA A . n 
A 1 9   SER 9   269 269 SER SER A . n 
A 1 10  GLY 10  270 270 GLY GLY A . n 
A 1 11  GLU 11  271 271 GLU GLU A . n 
A 1 12  ASP 12  272 272 ASP ASP A . n 
A 1 13  ASP 13  273 273 ASP ASP A . n 
A 1 14  HIS 14  274 274 HIS HIS A . n 
A 1 15  VAL 15  275 275 VAL VAL A . n 
A 1 16  VAL 16  276 276 VAL VAL A . n 
A 1 17  ALA 17  277 277 ALA ALA A . n 
A 1 18  ARG 18  278 278 ARG ARG A . n 
A 1 19  ALA 19  279 279 ALA ALA A . n 
A 1 20  GLU 20  280 280 GLU GLU A . n 
A 1 21  TYR 21  281 281 TYR TYR A . n 
A 1 22  ASP 22  282 282 ASP ASP A . n 
A 1 23  PHE 23  283 283 PHE PHE A . n 
A 1 24  ALA 24  284 284 ALA ALA A . n 
A 1 25  ALA 25  285 285 ALA ALA A . n 
A 1 26  VAL 26  286 286 VAL VAL A . n 
A 1 27  SER 27  287 287 SER SER A . n 
A 1 28  GLU 28  288 288 GLU GLU A . n 
A 1 29  GLU 29  289 289 GLU GLU A . n 
A 1 30  GLU 30  290 290 GLU GLU A . n 
A 1 31  ILE 31  291 291 ILE ILE A . n 
A 1 32  SER 32  292 292 SER SER A . n 
A 1 33  PHE 33  293 293 PHE PHE A . n 
A 1 34  ARG 34  294 294 ARG ARG A . n 
A 1 35  ALA 35  295 295 ALA ALA A . n 
A 1 36  GLY 36  296 296 GLY GLY A . n 
A 1 37  ASP 37  297 297 ASP ASP A . n 
A 1 38  MET 38  298 298 MET MET A . n 
A 1 39  LEU 39  299 299 LEU LEU A . n 
A 1 40  ASN 40  300 300 ASN ASN A . n 
A 1 41  LEU 41  301 301 LEU LEU A . n 
A 1 42  ALA 42  302 302 ALA ALA A . n 
A 1 43  LEU 43  303 303 LEU LEU A . n 
A 1 44  LYS 44  304 304 LYS LYS A . n 
A 1 45  GLU 45  305 305 GLU GLU A . n 
A 1 46  GLN 46  306 306 GLN GLN A . n 
A 1 47  GLN 47  307 307 GLN GLN A . n 
A 1 48  PRO 48  308 308 PRO PRO A . n 
A 1 49  LYS 49  309 309 LYS LYS A . n 
A 1 50  VAL 50  310 310 VAL VAL A . n 
A 1 51  ARG 51  311 311 ARG ARG A . n 
A 1 52  GLY 52  312 312 GLY GLY A . n 
A 1 53  TRP 53  313 313 TRP TRP A . n 
A 1 54  LEU 54  314 314 LEU LEU A . n 
A 1 55  LEU 55  315 315 LEU LEU A . n 
A 1 56  ALA 56  316 316 ALA ALA A . n 
A 1 57  SER 57  317 317 SER SER A . n 
A 1 58  LEU 58  318 318 LEU LEU A . n 
A 1 59  ASP 59  319 319 ASP ASP A . n 
A 1 60  GLY 60  320 320 GLY GLY A . n 
A 1 61  GLN 61  321 321 GLN GLN A . n 
A 1 62  THR 62  322 322 THR THR A . n 
A 1 63  THR 63  323 323 THR THR A . n 
A 1 64  GLY 64  324 324 GLY GLY A . n 
A 1 65  LEU 65  325 325 LEU LEU A . n 
A 1 66  ILE 66  326 326 ILE ILE A . n 
A 1 67  PRO 67  327 327 PRO PRO A . n 
A 1 68  ALA 68  328 328 ALA ALA A . n 
A 1 69  ASN 69  329 329 ASN ASN A . n 
A 1 70  TYR 70  330 330 TYR TYR A . n 
A 1 71  VAL 71  331 331 VAL VAL A . n 
A 1 72  LYS 72  332 332 LYS LYS A . n 
A 1 73  ILE 73  333 333 ILE ILE A . n 
A 1 74  LEU 74  334 334 LEU LEU A . n 
A 1 75  GLY 75  335 335 GLY GLY A . n 
A 1 76  LYS 76  336 336 LYS LYS A . n 
A 1 77  ARG 77  337 337 ARG ARG A . n 
A 1 78  LYS 78  338 338 LYS LYS A . n 
A 1 79  GLY 79  339 339 GLY GLY A . n 
A 1 80  ARG 80  340 340 ARG ARG A . n 
A 1 81  LYS 81  355 ?   ?   ?   A . n 
A 1 82  THR 82  356 ?   ?   ?   A . n 
A 1 83  VAL 83  357 ?   ?   ?   A . n 
A 1 84  GLU 84  358 ?   ?   ?   A . n 
A 1 85  SER 85  359 ?   ?   ?   A . n 
A 1 86  SER 86  360 ?   ?   ?   A . n 
A 1 87  GLY 87  361 ?   ?   ?   A . n 
A 1 88  GLY 88  362 ?   ?   ?   A . n 
A 1 89  GLY 89  363 ?   ?   ?   A . n 
A 1 90  GLY 90  364 ?   ?   ?   A . n 
A 1 91  SER 91  365 ?   ?   ?   A . n 
A 1 92  GLY 92  366 ?   ?   ?   A . n 
A 1 93  GLY 93  367 ?   ?   ?   A . n 
A 1 94  GLY 94  368 ?   ?   ?   A . n 
A 1 95  GLY 95  369 ?   ?   ?   A . n 
A 1 96  SER 96  370 ?   ?   ?   A . n 
A 1 97  ASP 97  371 371 ASP ASP A . n 
A 1 98  GLU 98  372 372 GLU GLU A . n 
A 1 99  GLN 99  373 373 GLN GLN A . n 
A 1 100 GLU 100 374 374 GLU GLU A . n 
A 1 101 ALA 101 375 375 ALA ALA A . n 
A 1 102 ALA 102 376 376 ALA ALA A . n 
A 1 103 PHE 103 377 377 PHE PHE A . n 
A 1 104 GLU 104 378 378 GLU GLU A . n 
A 1 105 SER 105 379 379 SER SER A . n 
A 1 106 VAL 106 380 380 VAL VAL A . n 
A 1 107 PHE 107 381 381 PHE PHE A . n 
A 1 108 VAL 108 382 382 VAL VAL A . n 
A 1 109 GLU 109 383 ?   ?   ?   A . n 
B 1 1   VAL 1   261 ?   ?   ?   B . n 
B 1 2   THR 2   262 ?   ?   ?   B . n 
B 1 3   ASP 3   263 ?   ?   ?   B . n 
B 1 4   SER 4   264 264 SER SER B . n 
B 1 5   ILE 5   265 265 ILE ILE B . n 
B 1 6   ASN 6   266 266 ASN ASN B . n 
B 1 7   TRP 7   267 267 TRP TRP B . n 
B 1 8   ALA 8   268 268 ALA ALA B . n 
B 1 9   SER 9   269 269 SER SER B . n 
B 1 10  GLY 10  270 270 GLY GLY B . n 
B 1 11  GLU 11  271 271 GLU GLU B . n 
B 1 12  ASP 12  272 272 ASP ASP B . n 
B 1 13  ASP 13  273 273 ASP ASP B . n 
B 1 14  HIS 14  274 274 HIS HIS B . n 
B 1 15  VAL 15  275 275 VAL VAL B . n 
B 1 16  VAL 16  276 276 VAL VAL B . n 
B 1 17  ALA 17  277 277 ALA ALA B . n 
B 1 18  ARG 18  278 278 ARG ARG B . n 
B 1 19  ALA 19  279 279 ALA ALA B . n 
B 1 20  GLU 20  280 280 GLU GLU B . n 
B 1 21  TYR 21  281 281 TYR TYR B . n 
B 1 22  ASP 22  282 282 ASP ASP B . n 
B 1 23  PHE 23  283 283 PHE PHE B . n 
B 1 24  ALA 24  284 284 ALA ALA B . n 
B 1 25  ALA 25  285 285 ALA ALA B . n 
B 1 26  VAL 26  286 286 VAL VAL B . n 
B 1 27  SER 27  287 287 SER SER B . n 
B 1 28  GLU 28  288 288 GLU GLU B . n 
B 1 29  GLU 29  289 289 GLU GLU B . n 
B 1 30  GLU 30  290 290 GLU GLU B . n 
B 1 31  ILE 31  291 291 ILE ILE B . n 
B 1 32  SER 32  292 292 SER SER B . n 
B 1 33  PHE 33  293 293 PHE PHE B . n 
B 1 34  ARG 34  294 294 ARG ARG B . n 
B 1 35  ALA 35  295 295 ALA ALA B . n 
B 1 36  GLY 36  296 296 GLY GLY B . n 
B 1 37  ASP 37  297 297 ASP ASP B . n 
B 1 38  MET 38  298 298 MET MET B . n 
B 1 39  LEU 39  299 299 LEU LEU B . n 
B 1 40  ASN 40  300 300 ASN ASN B . n 
B 1 41  LEU 41  301 301 LEU LEU B . n 
B 1 42  ALA 42  302 302 ALA ALA B . n 
B 1 43  LEU 43  303 303 LEU LEU B . n 
B 1 44  LYS 44  304 304 LYS LYS B . n 
B 1 45  GLU 45  305 305 GLU GLU B . n 
B 1 46  GLN 46  306 306 GLN GLN B . n 
B 1 47  GLN 47  307 307 GLN GLN B . n 
B 1 48  PRO 48  308 308 PRO PRO B . n 
B 1 49  LYS 49  309 309 LYS LYS B . n 
B 1 50  VAL 50  310 310 VAL VAL B . n 
B 1 51  ARG 51  311 311 ARG ARG B . n 
B 1 52  GLY 52  312 312 GLY GLY B . n 
B 1 53  TRP 53  313 313 TRP TRP B . n 
B 1 54  LEU 54  314 314 LEU LEU B . n 
B 1 55  LEU 55  315 315 LEU LEU B . n 
B 1 56  ALA 56  316 316 ALA ALA B . n 
B 1 57  SER 57  317 317 SER SER B . n 
B 1 58  LEU 58  318 318 LEU LEU B . n 
B 1 59  ASP 59  319 319 ASP ASP B . n 
B 1 60  GLY 60  320 320 GLY GLY B . n 
B 1 61  GLN 61  321 321 GLN GLN B . n 
B 1 62  THR 62  322 322 THR THR B . n 
B 1 63  THR 63  323 323 THR THR B . n 
B 1 64  GLY 64  324 324 GLY GLY B . n 
B 1 65  LEU 65  325 325 LEU LEU B . n 
B 1 66  ILE 66  326 326 ILE ILE B . n 
B 1 67  PRO 67  327 327 PRO PRO B . n 
B 1 68  ALA 68  328 328 ALA ALA B . n 
B 1 69  ASN 69  329 329 ASN ASN B . n 
B 1 70  TYR 70  330 330 TYR TYR B . n 
B 1 71  VAL 71  331 331 VAL VAL B . n 
B 1 72  LYS 72  332 332 LYS LYS B . n 
B 1 73  ILE 73  333 333 ILE ILE B . n 
B 1 74  LEU 74  334 334 LEU LEU B . n 
B 1 75  GLY 75  335 335 GLY GLY B . n 
B 1 76  LYS 76  336 336 LYS LYS B . n 
B 1 77  ARG 77  337 337 ARG ARG B . n 
B 1 78  LYS 78  338 338 LYS LYS B . n 
B 1 79  GLY 79  339 339 GLY GLY B . n 
B 1 80  ARG 80  340 340 ARG ARG B . n 
B 1 81  LYS 81  341 341 LYS LYS B . n 
B 1 82  THR 82  342 342 THR THR B . n 
B 1 83  VAL 83  343 343 VAL VAL B . n 
B 1 84  GLU 84  344 344 GLU GLU B . n 
B 1 85  SER 85  345 345 SER SER B . n 
B 1 86  SER 86  346 ?   ?   ?   B . n 
B 1 87  GLY 87  347 ?   ?   ?   B . n 
B 1 88  GLY 88  348 ?   ?   ?   B . n 
B 1 89  GLY 89  349 ?   ?   ?   B . n 
B 1 90  GLY 90  350 ?   ?   ?   B . n 
B 1 91  SER 91  351 ?   ?   ?   B . n 
B 1 92  GLY 92  352 ?   ?   ?   B . n 
B 1 93  GLY 93  353 ?   ?   ?   B . n 
B 1 94  GLY 94  354 ?   ?   ?   B . n 
B 1 95  GLY 95  355 ?   ?   ?   B . n 
B 1 96  SER 96  356 ?   ?   ?   B . n 
B 1 97  ASP 97  357 ?   ?   ?   B . n 
B 1 98  GLU 98  358 ?   ?   ?   B . n 
B 1 99  GLN 99  359 ?   ?   ?   B . n 
B 1 100 GLU 100 360 ?   ?   ?   B . n 
B 1 101 ALA 101 361 ?   ?   ?   B . n 
B 1 102 ALA 102 362 ?   ?   ?   B . n 
B 1 103 PHE 103 363 ?   ?   ?   B . n 
B 1 104 GLU 104 364 ?   ?   ?   B . n 
B 1 105 SER 105 365 ?   ?   ?   B . n 
B 1 106 VAL 106 366 ?   ?   ?   B . n 
B 1 107 PHE 107 367 ?   ?   ?   B . n 
B 1 108 VAL 108 368 ?   ?   ?   B . n 
B 1 109 GLU 109 369 ?   ?   ?   B . n 
# 
loop_
_pdbx_nonpoly_scheme.asym_id 
_pdbx_nonpoly_scheme.entity_id 
_pdbx_nonpoly_scheme.mon_id 
_pdbx_nonpoly_scheme.ndb_seq_num 
_pdbx_nonpoly_scheme.pdb_seq_num 
_pdbx_nonpoly_scheme.auth_seq_num 
_pdbx_nonpoly_scheme.pdb_mon_id 
_pdbx_nonpoly_scheme.auth_mon_id 
_pdbx_nonpoly_scheme.pdb_strand_id 
_pdbx_nonpoly_scheme.pdb_ins_code 
C 2 EDO 1  401 81  EDO EDO A . 
D 2 EDO 1  401 401 EDO EDO B . 
E 2 EDO 1  402 402 EDO EDO B . 
F 3 HOH 1  501 73  HOH HOH A . 
F 3 HOH 2  502 11  HOH HOH A . 
F 3 HOH 3  503 39  HOH HOH A . 
F 3 HOH 4  504 1   HOH HOH A . 
F 3 HOH 5  505 4   HOH HOH A . 
F 3 HOH 6  506 71  HOH HOH A . 
F 3 HOH 7  507 13  HOH HOH A . 
F 3 HOH 8  508 15  HOH HOH A . 
F 3 HOH 9  509 35  HOH HOH A . 
F 3 HOH 10 510 78  HOH HOH A . 
F 3 HOH 11 511 48  HOH HOH A . 
F 3 HOH 12 512 42  HOH HOH A . 
F 3 HOH 13 513 51  HOH HOH A . 
F 3 HOH 14 514 67  HOH HOH A . 
F 3 HOH 15 515 69  HOH HOH A . 
F 3 HOH 16 516 7   HOH HOH A . 
F 3 HOH 17 517 29  HOH HOH A . 
F 3 HOH 18 518 23  HOH HOH A . 
F 3 HOH 19 519 17  HOH HOH A . 
F 3 HOH 20 520 3   HOH HOH A . 
F 3 HOH 21 521 76  HOH HOH A . 
F 3 HOH 22 522 18  HOH HOH A . 
F 3 HOH 23 523 32  HOH HOH A . 
F 3 HOH 24 524 44  HOH HOH A . 
F 3 HOH 25 525 16  HOH HOH A . 
F 3 HOH 26 526 43  HOH HOH A . 
F 3 HOH 27 527 5   HOH HOH A . 
F 3 HOH 28 528 74  HOH HOH A . 
F 3 HOH 29 529 50  HOH HOH A . 
F 3 HOH 30 530 75  HOH HOH A . 
F 3 HOH 31 531 26  HOH HOH A . 
F 3 HOH 32 532 20  HOH HOH A . 
F 3 HOH 33 533 64  HOH HOH A . 
F 3 HOH 34 534 46  HOH HOH A . 
F 3 HOH 35 535 70  HOH HOH A . 
F 3 HOH 36 536 47  HOH HOH A . 
G 3 HOH 1  501 38  HOH HOH B . 
G 3 HOH 2  502 24  HOH HOH B . 
G 3 HOH 3  503 53  HOH HOH B . 
G 3 HOH 4  504 21  HOH HOH B . 
G 3 HOH 5  505 72  HOH HOH B . 
G 3 HOH 6  506 34  HOH HOH B . 
G 3 HOH 7  507 9   HOH HOH B . 
G 3 HOH 8  508 12  HOH HOH B . 
G 3 HOH 9  509 19  HOH HOH B . 
G 3 HOH 10 510 14  HOH HOH B . 
G 3 HOH 11 511 27  HOH HOH B . 
G 3 HOH 12 512 31  HOH HOH B . 
G 3 HOH 13 513 66  HOH HOH B . 
G 3 HOH 14 514 22  HOH HOH B . 
G 3 HOH 15 515 28  HOH HOH B . 
G 3 HOH 16 516 54  HOH HOH B . 
G 3 HOH 17 517 37  HOH HOH B . 
G 3 HOH 18 518 62  HOH HOH B . 
G 3 HOH 19 519 56  HOH HOH B . 
G 3 HOH 20 520 8   HOH HOH B . 
G 3 HOH 21 521 57  HOH HOH B . 
G 3 HOH 22 522 10  HOH HOH B . 
G 3 HOH 23 523 36  HOH HOH B . 
G 3 HOH 24 524 61  HOH HOH B . 
G 3 HOH 25 525 77  HOH HOH B . 
G 3 HOH 26 526 6   HOH HOH B . 
G 3 HOH 27 527 33  HOH HOH B . 
G 3 HOH 28 528 52  HOH HOH B . 
G 3 HOH 29 529 2   HOH HOH B . 
G 3 HOH 30 530 41  HOH HOH B . 
G 3 HOH 31 531 49  HOH HOH B . 
G 3 HOH 32 532 25  HOH HOH B . 
G 3 HOH 33 533 59  HOH HOH B . 
G 3 HOH 34 534 60  HOH HOH B . 
G 3 HOH 35 535 63  HOH HOH B . 
G 3 HOH 36 536 58  HOH HOH B . 
G 3 HOH 37 537 55  HOH HOH B . 
G 3 HOH 38 538 30  HOH HOH B . 
G 3 HOH 39 539 40  HOH HOH B . 
# 
loop_
_software.citation_id 
_software.classification 
_software.compiler_name 
_software.compiler_version 
_software.contact_author 
_software.contact_author_email 
_software.date 
_software.description 
_software.dependencies 
_software.hardware 
_software.language 
_software.location 
_software.mods 
_software.name 
_software.os 
_software.os_version 
_software.type 
_software.version 
_software.pdbx_ordinal 
? refinement        ? ? ? ? ? ? ? ? ? ? ? REFMAC      ? ? ? 5.8.0267 1 
? 'data extraction' ? ? ? ? ? ? ? ? ? ? ? PDB_EXTRACT ? ? ? 3.27     2 
? 'data reduction'  ? ? ? ? ? ? ? ? ? ? ? XDS         ? ? ? .        3 
? 'data scaling'    ? ? ? ? ? ? ? ? ? ? ? Aimless     ? ? ? .        4 
? phasing           ? ? ? ? ? ? ? ? ? ? ? MOLREP      ? ? ? .        5 
# 
_cell.angle_alpha                  90.000 
_cell.angle_alpha_esd              ? 
_cell.angle_beta                   90.000 
_cell.angle_beta_esd               ? 
_cell.angle_gamma                  120.000 
_cell.angle_gamma_esd              ? 
_cell.entry_id                     7Z0J 
_cell.details                      ? 
_cell.formula_units_Z              ? 
_cell.length_a                     86.808 
_cell.length_a_esd                 ? 
_cell.length_b                     86.808 
_cell.length_b_esd                 ? 
_cell.length_c                     65.436 
_cell.length_c_esd                 ? 
_cell.volume                       ? 
_cell.volume_esd                   ? 
_cell.Z_PDB                        12 
_cell.reciprocal_angle_alpha       ? 
_cell.reciprocal_angle_beta        ? 
_cell.reciprocal_angle_gamma       ? 
_cell.reciprocal_angle_alpha_esd   ? 
_cell.reciprocal_angle_beta_esd    ? 
_cell.reciprocal_angle_gamma_esd   ? 
_cell.reciprocal_length_a          ? 
_cell.reciprocal_length_b          ? 
_cell.reciprocal_length_c          ? 
_cell.reciprocal_length_a_esd      ? 
_cell.reciprocal_length_b_esd      ? 
_cell.reciprocal_length_c_esd      ? 
_cell.pdbx_unique_axis             ? 
# 
_symmetry.entry_id                         7Z0J 
_symmetry.cell_setting                     ? 
_symmetry.Int_Tables_number                152 
_symmetry.space_group_name_Hall            ? 
_symmetry.space_group_name_H-M             'P 31 2 1' 
_symmetry.pdbx_full_space_group_name_H-M   ? 
# 
_exptl.absorpt_coefficient_mu     ? 
_exptl.absorpt_correction_T_max   ? 
_exptl.absorpt_correction_T_min   ? 
_exptl.absorpt_correction_type    ? 
_exptl.absorpt_process_details    ? 
_exptl.entry_id                   7Z0J 
_exptl.crystals_number            1 
_exptl.details                    ? 
_exptl.method                     'X-RAY DIFFRACTION' 
_exptl.method_details             ? 
# 
_exptl_crystal.colour                      ? 
_exptl_crystal.density_diffrn              ? 
_exptl_crystal.density_Matthews            3.07 
_exptl_crystal.density_method              ? 
_exptl_crystal.density_percent_sol         60.00 
_exptl_crystal.description                 ? 
_exptl_crystal.F_000                       ? 
_exptl_crystal.id                          1 
_exptl_crystal.preparation                 ? 
_exptl_crystal.size_max                    ? 
_exptl_crystal.size_mid                    ? 
_exptl_crystal.size_min                    ? 
_exptl_crystal.size_rad                    ? 
_exptl_crystal.colour_lustre               ? 
_exptl_crystal.colour_modifier             ? 
_exptl_crystal.colour_primary              ? 
_exptl_crystal.density_meas                ? 
_exptl_crystal.density_meas_esd            ? 
_exptl_crystal.density_meas_gt             ? 
_exptl_crystal.density_meas_lt             ? 
_exptl_crystal.density_meas_temp           ? 
_exptl_crystal.density_meas_temp_esd       ? 
_exptl_crystal.density_meas_temp_gt        ? 
_exptl_crystal.density_meas_temp_lt        ? 
_exptl_crystal.pdbx_crystal_image_url      ? 
_exptl_crystal.pdbx_crystal_image_format   ? 
_exptl_crystal.pdbx_mosaicity              ? 
_exptl_crystal.pdbx_mosaicity_esd          ? 
# 
_exptl_crystal_grow.apparatus       ? 
_exptl_crystal_grow.atmosphere      ? 
_exptl_crystal_grow.crystal_id      1 
_exptl_crystal_grow.details         ? 
_exptl_crystal_grow.method          'VAPOR DIFFUSION, SITTING DROP' 
_exptl_crystal_grow.method_ref      ? 
_exptl_crystal_grow.pH              6.5 
_exptl_crystal_grow.pressure        ? 
_exptl_crystal_grow.pressure_esd    ? 
_exptl_crystal_grow.seeding         ? 
_exptl_crystal_grow.seeding_ref     ? 
_exptl_crystal_grow.temp            293 
_exptl_crystal_grow.temp_details    ? 
_exptl_crystal_grow.temp_esd        ? 
_exptl_crystal_grow.time            ? 
_exptl_crystal_grow.pdbx_details    '0.2 M Sodium chloride 0.1 M Bis-Tris pH 6.5 25% (w/v) PEG 3350' 
_exptl_crystal_grow.pdbx_pH_range   ? 
# 
_diffrn.ambient_environment              ? 
_diffrn.ambient_temp                     100 
_diffrn.ambient_temp_details             ? 
_diffrn.ambient_temp_esd                 ? 
_diffrn.crystal_id                       1 
_diffrn.crystal_support                  ? 
_diffrn.crystal_treatment                ? 
_diffrn.details                          ? 
_diffrn.id                               1 
_diffrn.ambient_pressure                 ? 
_diffrn.ambient_pressure_esd             ? 
_diffrn.ambient_pressure_gt              ? 
_diffrn.ambient_pressure_lt              ? 
_diffrn.ambient_temp_gt                  ? 
_diffrn.ambient_temp_lt                  ? 
_diffrn.pdbx_serial_crystal_experiment   N 
# 
_diffrn_detector.details                      ? 
_diffrn_detector.detector                     PIXEL 
_diffrn_detector.diffrn_id                    1 
_diffrn_detector.type                         'DECTRIS PILATUS 2M-F' 
_diffrn_detector.area_resol_mean              ? 
_diffrn_detector.dtime                        ? 
_diffrn_detector.pdbx_frames_total            ? 
_diffrn_detector.pdbx_collection_time_total   ? 
_diffrn_detector.pdbx_collection_date         2020-02-24 
_diffrn_detector.pdbx_frequency               ? 
# 
_diffrn_radiation.collimation                      ? 
_diffrn_radiation.diffrn_id                        1 
_diffrn_radiation.filter_edge                      ? 
_diffrn_radiation.inhomogeneity                    ? 
_diffrn_radiation.monochromator                    ? 
_diffrn_radiation.polarisn_norm                    ? 
_diffrn_radiation.polarisn_ratio                   ? 
_diffrn_radiation.probe                            ? 
_diffrn_radiation.type                             ? 
_diffrn_radiation.xray_symbol                      ? 
_diffrn_radiation.wavelength_id                    1 
_diffrn_radiation.pdbx_monochromatic_or_laue_m_l   M 
_diffrn_radiation.pdbx_wavelength_list             ? 
_diffrn_radiation.pdbx_wavelength                  ? 
_diffrn_radiation.pdbx_diffrn_protocol             'SINGLE WAVELENGTH' 
_diffrn_radiation.pdbx_analyzer                    ? 
_diffrn_radiation.pdbx_scattering_type             x-ray 
# 
_diffrn_radiation_wavelength.id           1 
_diffrn_radiation_wavelength.wavelength   1.000029 
_diffrn_radiation_wavelength.wt           1.0 
# 
_diffrn_source.current                     ? 
_diffrn_source.details                     ? 
_diffrn_source.diffrn_id                   1 
_diffrn_source.power                       ? 
_diffrn_source.size                        ? 
_diffrn_source.source                      SYNCHROTRON 
_diffrn_source.target                      ? 
_diffrn_source.type                        'SLS BEAMLINE X06DA' 
_diffrn_source.voltage                     ? 
_diffrn_source.take-off_angle              ? 
_diffrn_source.pdbx_wavelength_list        1.000029 
_diffrn_source.pdbx_wavelength             ? 
_diffrn_source.pdbx_synchrotron_beamline   X06DA 
_diffrn_source.pdbx_synchrotron_site       SLS 
# 
_reflns.B_iso_Wilson_estimate                          ? 
_reflns.entry_id                                       7Z0J 
_reflns.data_reduction_details                         ? 
_reflns.data_reduction_method                          ? 
_reflns.d_resolution_high                              2.30 
_reflns.d_resolution_low                               49.41 
_reflns.details                                        ? 
_reflns.limit_h_max                                    ? 
_reflns.limit_h_min                                    ? 
_reflns.limit_k_max                                    ? 
_reflns.limit_k_min                                    ? 
_reflns.limit_l_max                                    ? 
_reflns.limit_l_min                                    ? 
_reflns.number_all                                     ? 
_reflns.number_obs                                     12998 
_reflns.observed_criterion                             ? 
_reflns.observed_criterion_F_max                       ? 
_reflns.observed_criterion_F_min                       ? 
_reflns.observed_criterion_I_max                       ? 
_reflns.observed_criterion_I_min                       ? 
_reflns.observed_criterion_sigma_F                     ? 
_reflns.observed_criterion_sigma_I                     ? 
_reflns.percent_possible_obs                           100.0 
_reflns.R_free_details                                 ? 
_reflns.Rmerge_F_all                                   ? 
_reflns.Rmerge_F_obs                                   ? 
_reflns.Friedel_coverage                               ? 
_reflns.number_gt                                      ? 
_reflns.threshold_expression                           ? 
_reflns.pdbx_redundancy                                20.0 
_reflns.pdbx_Rmerge_I_obs                              0.2 
_reflns.pdbx_Rmerge_I_all                              ? 
_reflns.pdbx_Rsym_value                                ? 
_reflns.pdbx_netI_over_av_sigmaI                       ? 
_reflns.pdbx_netI_over_sigmaI                          11.8 
_reflns.pdbx_res_netI_over_av_sigmaI_2                 ? 
_reflns.pdbx_res_netI_over_sigmaI_2                    ? 
_reflns.pdbx_chi_squared                               ? 
_reflns.pdbx_scaling_rejects                           ? 
_reflns.pdbx_d_res_high_opt                            ? 
_reflns.pdbx_d_res_low_opt                             ? 
_reflns.pdbx_d_res_opt_method                          ? 
_reflns.phase_calculation_details                      ? 
_reflns.pdbx_Rrim_I_all                                0.296 
_reflns.pdbx_Rpim_I_all                                0.091 
_reflns.pdbx_d_opt                                     ? 
_reflns.pdbx_number_measured_all                       ? 
_reflns.pdbx_diffrn_id                                 1 
_reflns.pdbx_ordinal                                   1 
_reflns.pdbx_CC_half                                   0.997 
_reflns.pdbx_CC_star                                   ? 
_reflns.pdbx_R_split                                   ? 
_reflns.pdbx_aniso_diffraction_limit_axis_1_ortho[1]   ? 
_reflns.pdbx_aniso_diffraction_limit_axis_1_ortho[2]   ? 
_reflns.pdbx_aniso_diffraction_limit_axis_1_ortho[3]   ? 
_reflns.pdbx_aniso_diffraction_limit_axis_2_ortho[1]   ? 
_reflns.pdbx_aniso_diffraction_limit_axis_2_ortho[2]   ? 
_reflns.pdbx_aniso_diffraction_limit_axis_2_ortho[3]   ? 
_reflns.pdbx_aniso_diffraction_limit_axis_3_ortho[1]   ? 
_reflns.pdbx_aniso_diffraction_limit_axis_3_ortho[2]   ? 
_reflns.pdbx_aniso_diffraction_limit_axis_3_ortho[3]   ? 
_reflns.pdbx_aniso_diffraction_limit_1                 ? 
_reflns.pdbx_aniso_diffraction_limit_2                 ? 
_reflns.pdbx_aniso_diffraction_limit_3                 ? 
_reflns.pdbx_aniso_B_tensor_eigenvector_1_ortho[1]     ? 
_reflns.pdbx_aniso_B_tensor_eigenvector_1_ortho[2]     ? 
_reflns.pdbx_aniso_B_tensor_eigenvector_1_ortho[3]     ? 
_reflns.pdbx_aniso_B_tensor_eigenvector_2_ortho[1]     ? 
_reflns.pdbx_aniso_B_tensor_eigenvector_2_ortho[2]     ? 
_reflns.pdbx_aniso_B_tensor_eigenvector_2_ortho[3]     ? 
_reflns.pdbx_aniso_B_tensor_eigenvector_3_ortho[1]     ? 
_reflns.pdbx_aniso_B_tensor_eigenvector_3_ortho[2]     ? 
_reflns.pdbx_aniso_B_tensor_eigenvector_3_ortho[3]     ? 
_reflns.pdbx_aniso_B_tensor_eigenvalue_1               ? 
_reflns.pdbx_aniso_B_tensor_eigenvalue_2               ? 
_reflns.pdbx_aniso_B_tensor_eigenvalue_3               ? 
_reflns.pdbx_orthogonalization_convention              ? 
_reflns.pdbx_percent_possible_ellipsoidal              ? 
_reflns.pdbx_percent_possible_spherical                ? 
_reflns.pdbx_percent_possible_ellipsoidal_anomalous    ? 
_reflns.pdbx_percent_possible_spherical_anomalous      ? 
_reflns.pdbx_redundancy_anomalous                      ? 
_reflns.pdbx_CC_half_anomalous                         ? 
_reflns.pdbx_absDiff_over_sigma_anomalous              ? 
_reflns.pdbx_percent_possible_anomalous                ? 
_reflns.pdbx_observed_signal_threshold                 ? 
_reflns.pdbx_signal_type                               ? 
_reflns.pdbx_signal_details                            ? 
_reflns.pdbx_signal_software_id                        ? 
# 
loop_
_reflns_shell.d_res_high 
_reflns_shell.d_res_low 
_reflns_shell.meanI_over_sigI_all 
_reflns_shell.meanI_over_sigI_obs 
_reflns_shell.number_measured_all 
_reflns_shell.number_measured_obs 
_reflns_shell.number_possible 
_reflns_shell.number_unique_all 
_reflns_shell.number_unique_obs 
_reflns_shell.percent_possible_all 
_reflns_shell.percent_possible_obs 
_reflns_shell.Rmerge_F_all 
_reflns_shell.Rmerge_F_obs 
_reflns_shell.Rmerge_I_all 
_reflns_shell.Rmerge_I_obs 
_reflns_shell.meanI_over_sigI_gt 
_reflns_shell.meanI_over_uI_all 
_reflns_shell.meanI_over_uI_gt 
_reflns_shell.number_measured_gt 
_reflns_shell.number_unique_gt 
_reflns_shell.percent_possible_gt 
_reflns_shell.Rmerge_F_gt 
_reflns_shell.Rmerge_I_gt 
_reflns_shell.pdbx_redundancy 
_reflns_shell.pdbx_Rsym_value 
_reflns_shell.pdbx_chi_squared 
_reflns_shell.pdbx_netI_over_sigmaI_all 
_reflns_shell.pdbx_netI_over_sigmaI_obs 
_reflns_shell.pdbx_Rrim_I_all 
_reflns_shell.pdbx_Rpim_I_all 
_reflns_shell.pdbx_rejects 
_reflns_shell.pdbx_ordinal 
_reflns_shell.pdbx_diffrn_id 
_reflns_shell.pdbx_CC_half 
_reflns_shell.pdbx_CC_star 
_reflns_shell.pdbx_R_split 
_reflns_shell.pdbx_percent_possible_ellipsoidal 
_reflns_shell.pdbx_percent_possible_spherical 
_reflns_shell.pdbx_percent_possible_ellipsoidal_anomalous 
_reflns_shell.pdbx_percent_possible_spherical_anomalous 
_reflns_shell.pdbx_redundancy_anomalous 
_reflns_shell.pdbx_CC_half_anomalous 
_reflns_shell.pdbx_absDiff_over_sigma_anomalous 
_reflns_shell.pdbx_percent_possible_anomalous 
2.3  2.38  ? ? ? ? ? ? 1250 100 ? ? ? ? ?     ? ? ? ? ? ? ? ? ? ? ? ? ? ? 0.558 ? 1 1 0.652 ? ? ? ? ? ? ? ? ? ? 
8.91 49.41 ? ? ? ? ? ? 262  100 ? ? ? ? 0.049 ? ? ? ? ? ? ? ? ? ? ? ? ? ? 0.011 ? 2 1 0.999 ? ? ? ? ? ? ? ? ? ? 
# 
_refine.aniso_B[1][1]                            1.1100 
_refine.aniso_B[1][2]                            0.5500 
_refine.aniso_B[1][3]                            0.0000 
_refine.aniso_B[2][2]                            1.1100 
_refine.aniso_B[2][3]                            -0.0000 
_refine.aniso_B[3][3]                            -3.5900 
_refine.B_iso_max                                115.210 
_refine.B_iso_mean                               42.3310 
_refine.B_iso_min                                24.160 
_refine.correlation_coeff_Fo_to_Fc               0.9540 
_refine.correlation_coeff_Fo_to_Fc_free          0.9310 
_refine.details                                  
'HYDROGENS HAVE BEEN ADDED IN THE RIDING POSITIONS U VALUES      : REFINED INDIVIDUALLY' 
_refine.diff_density_max                         ? 
_refine.diff_density_max_esd                     ? 
_refine.diff_density_min                         ? 
_refine.diff_density_min_esd                     ? 
_refine.diff_density_rms                         ? 
_refine.diff_density_rms_esd                     ? 
_refine.entry_id                                 7Z0J 
_refine.pdbx_refine_id                           'X-RAY DIFFRACTION' 
_refine.ls_abs_structure_details                 ? 
_refine.ls_abs_structure_Flack                   ? 
_refine.ls_abs_structure_Flack_esd               ? 
_refine.ls_abs_structure_Rogers                  ? 
_refine.ls_abs_structure_Rogers_esd              ? 
_refine.ls_d_res_high                            2.3000 
_refine.ls_d_res_low                             49.4100 
_refine.ls_extinction_coef                       ? 
_refine.ls_extinction_coef_esd                   ? 
_refine.ls_extinction_expression                 ? 
_refine.ls_extinction_method                     ? 
_refine.ls_goodness_of_fit_all                   ? 
_refine.ls_goodness_of_fit_all_esd               ? 
_refine.ls_goodness_of_fit_obs                   ? 
_refine.ls_goodness_of_fit_obs_esd               ? 
_refine.ls_hydrogen_treatment                    ? 
_refine.ls_matrix_type                           ? 
_refine.ls_number_constraints                    ? 
_refine.ls_number_parameters                     ? 
_refine.ls_number_reflns_all                     ? 
_refine.ls_number_reflns_obs                     12361 
_refine.ls_number_reflns_R_free                  615 
_refine.ls_number_reflns_R_work                  ? 
_refine.ls_number_restraints                     ? 
_refine.ls_percent_reflns_obs                    99.9900 
_refine.ls_percent_reflns_R_free                 4.7000 
_refine.ls_R_factor_all                          ? 
_refine.ls_R_factor_obs                          0.1875 
_refine.ls_R_factor_R_free                       0.2278 
_refine.ls_R_factor_R_free_error                 ? 
_refine.ls_R_factor_R_free_error_details         ? 
_refine.ls_R_factor_R_work                       0.1855 
_refine.ls_R_Fsqd_factor_obs                     ? 
_refine.ls_R_I_factor_obs                        ? 
_refine.ls_redundancy_reflns_all                 ? 
_refine.ls_redundancy_reflns_obs                 ? 
_refine.ls_restrained_S_all                      ? 
_refine.ls_restrained_S_obs                      ? 
_refine.ls_shift_over_esd_max                    ? 
_refine.ls_shift_over_esd_mean                   ? 
_refine.ls_structure_factor_coef                 ? 
_refine.ls_weighting_details                     ? 
_refine.ls_weighting_scheme                      ? 
_refine.ls_wR_factor_all                         ? 
_refine.ls_wR_factor_obs                         ? 
_refine.ls_wR_factor_R_free                      ? 
_refine.ls_wR_factor_R_work                      ? 
_refine.occupancy_max                            ? 
_refine.occupancy_min                            ? 
_refine.solvent_model_details                    MASK 
_refine.solvent_model_param_bsol                 ? 
_refine.solvent_model_param_ksol                 ? 
_refine.pdbx_R_complete                          ? 
_refine.ls_R_factor_gt                           ? 
_refine.ls_goodness_of_fit_gt                    ? 
_refine.ls_goodness_of_fit_ref                   ? 
_refine.ls_shift_over_su_max                     ? 
_refine.ls_shift_over_su_max_lt                  ? 
_refine.ls_shift_over_su_mean                    ? 
_refine.ls_shift_over_su_mean_lt                 ? 
_refine.pdbx_ls_sigma_I                          ? 
_refine.pdbx_ls_sigma_F                          0.000 
_refine.pdbx_ls_sigma_Fsqd                       ? 
_refine.pdbx_data_cutoff_high_absF               ? 
_refine.pdbx_data_cutoff_high_rms_absF           ? 
_refine.pdbx_data_cutoff_low_absF                ? 
_refine.pdbx_isotropic_thermal_model             ? 
_refine.pdbx_ls_cross_valid_method               THROUGHOUT 
_refine.pdbx_method_to_determine_struct          'MOLECULAR REPLACEMENT' 
_refine.pdbx_starting_model                      7Z0I 
_refine.pdbx_stereochemistry_target_values       'MAXIMUM LIKELIHOOD' 
_refine.pdbx_R_Free_selection_details            RANDOM 
_refine.pdbx_stereochem_target_val_spec_case     ? 
_refine.pdbx_overall_ESU_R                       0.1990 
_refine.pdbx_overall_ESU_R_Free                  0.1800 
_refine.pdbx_solvent_vdw_probe_radii             1.2000 
_refine.pdbx_solvent_ion_probe_radii             0.8000 
_refine.pdbx_solvent_shrinkage_radii             0.8000 
_refine.pdbx_real_space_R                        ? 
_refine.pdbx_density_correlation                 ? 
_refine.pdbx_pd_number_of_powder_patterns        ? 
_refine.pdbx_pd_number_of_points                 ? 
_refine.pdbx_pd_meas_number_of_points            ? 
_refine.pdbx_pd_proc_ls_prof_R_factor            ? 
_refine.pdbx_pd_proc_ls_prof_wR_factor           ? 
_refine.pdbx_pd_Marquardt_correlation_coeff      ? 
_refine.pdbx_pd_Fsqrd_R_factor                   ? 
_refine.pdbx_pd_ls_matrix_band_width             ? 
_refine.pdbx_overall_phase_error                 ? 
_refine.pdbx_overall_SU_R_free_Cruickshank_DPI   ? 
_refine.pdbx_overall_SU_R_free_Blow_DPI          ? 
_refine.pdbx_overall_SU_R_Blow_DPI               ? 
_refine.pdbx_TLS_residual_ADP_flag               ? 
_refine.pdbx_diffrn_id                           1 
_refine.overall_SU_B                             6.4960 
_refine.overall_SU_ML                            0.1510 
_refine.overall_SU_R_Cruickshank_DPI             ? 
_refine.overall_SU_R_free                        ? 
_refine.overall_FOM_free_R_set                   ? 
_refine.overall_FOM_work_R_set                   ? 
_refine.pdbx_average_fsc_overall                 ? 
_refine.pdbx_average_fsc_work                    ? 
_refine.pdbx_average_fsc_free                    ? 
# 
_refine_hist.pdbx_refine_id                   'X-RAY DIFFRACTION' 
_refine_hist.cycle_id                         final 
_refine_hist.details                          ? 
_refine_hist.d_res_high                       2.3000 
_refine_hist.d_res_low                        49.4100 
_refine_hist.number_atoms_solvent             75 
_refine_hist.number_atoms_total               1413 
_refine_hist.number_reflns_all                ? 
_refine_hist.number_reflns_obs                ? 
_refine_hist.number_reflns_R_free             ? 
_refine_hist.number_reflns_R_work             ? 
_refine_hist.R_factor_all                     ? 
_refine_hist.R_factor_obs                     ? 
_refine_hist.R_factor_R_free                  ? 
_refine_hist.R_factor_R_work                  ? 
_refine_hist.pdbx_number_residues_total       170 
_refine_hist.pdbx_B_iso_mean_ligand           58.36 
_refine_hist.pdbx_B_iso_mean_solvent          44.31 
_refine_hist.pdbx_number_atoms_protein        1326 
_refine_hist.pdbx_number_atoms_nucleic_acid   0 
_refine_hist.pdbx_number_atoms_ligand         12 
_refine_hist.pdbx_number_atoms_lipid          ? 
_refine_hist.pdbx_number_atoms_carb           ? 
_refine_hist.pdbx_pseudo_atom_details         ? 
# 
loop_
_refine_ls_restr.pdbx_refine_id 
_refine_ls_restr.criterion 
_refine_ls_restr.dev_ideal 
_refine_ls_restr.dev_ideal_target 
_refine_ls_restr.number 
_refine_ls_restr.rejects 
_refine_ls_restr.type 
_refine_ls_restr.weight 
_refine_ls_restr.pdbx_restraint_function 
'X-RAY DIFFRACTION' ? 0.008  0.013  1356 ? r_bond_refined_d       ? ? 
'X-RAY DIFFRACTION' ? 0.001  0.015  1307 ? r_bond_other_d         ? ? 
'X-RAY DIFFRACTION' ? 1.525  1.636  1821 ? r_angle_refined_deg    ? ? 
'X-RAY DIFFRACTION' ? 1.285  1.591  3000 ? r_angle_other_deg      ? ? 
'X-RAY DIFFRACTION' ? 7.070  5.000  167  ? r_dihedral_angle_1_deg ? ? 
'X-RAY DIFFRACTION' ? 31.551 22.632 76   ? r_dihedral_angle_2_deg ? ? 
'X-RAY DIFFRACTION' ? 18.087 15.000 236  ? r_dihedral_angle_3_deg ? ? 
'X-RAY DIFFRACTION' ? 17.476 15.000 10   ? r_dihedral_angle_4_deg ? ? 
'X-RAY DIFFRACTION' ? 0.074  0.200  169  ? r_chiral_restr         ? ? 
'X-RAY DIFFRACTION' ? 0.007  0.020  1535 ? r_gen_planes_refined   ? ? 
'X-RAY DIFFRACTION' ? 0.001  0.020  313  ? r_gen_planes_other     ? ? 
# 
loop_
_refine_ls_restr_ncs.pdbx_refine_id 
_refine_ls_restr_ncs.dom_id 
_refine_ls_restr_ncs.ncs_model_details 
_refine_ls_restr_ncs.rms_dev_B_iso 
_refine_ls_restr_ncs.rms_dev_position 
_refine_ls_restr_ncs.weight_B_iso 
_refine_ls_restr_ncs.weight_position 
_refine_ls_restr_ncs.pdbx_ordinal 
_refine_ls_restr_ncs.pdbx_type 
_refine_ls_restr_ncs.pdbx_asym_id 
_refine_ls_restr_ncs.pdbx_auth_asym_id 
_refine_ls_restr_ncs.pdbx_number 
_refine_ls_restr_ncs.pdbx_rms 
_refine_ls_restr_ncs.pdbx_weight 
_refine_ls_restr_ncs.pdbx_ens_id 
'X-RAY DIFFRACTION' 1 ? ? 0.140 ? 0.050 1 'interatomic distance' ? A 2238 ? ? 1 
'X-RAY DIFFRACTION' 2 ? ? 0.140 ? 0.050 2 'interatomic distance' ? B 2238 ? ? 1 
# 
_refine_ls_shell.pdbx_refine_id                   'X-RAY DIFFRACTION' 
_refine_ls_shell.d_res_high                       2.3000 
_refine_ls_shell.d_res_low                        2.3600 
_refine_ls_shell.number_reflns_all                940 
_refine_ls_shell.number_reflns_obs                ? 
_refine_ls_shell.number_reflns_R_free             47 
_refine_ls_shell.number_reflns_R_work             893 
_refine_ls_shell.percent_reflns_obs               100.0000 
_refine_ls_shell.percent_reflns_R_free            ? 
_refine_ls_shell.R_factor_all                     ? 
_refine_ls_shell.R_factor_obs                     ? 
_refine_ls_shell.R_factor_R_free                  0.3260 
_refine_ls_shell.R_factor_R_free_error            0.0000 
_refine_ls_shell.R_factor_R_work                  0.2980 
_refine_ls_shell.redundancy_reflns_all            ? 
_refine_ls_shell.redundancy_reflns_obs            ? 
_refine_ls_shell.wR_factor_all                    ? 
_refine_ls_shell.wR_factor_obs                    ? 
_refine_ls_shell.wR_factor_R_free                 ? 
_refine_ls_shell.wR_factor_R_work                 ? 
_refine_ls_shell.pdbx_R_complete                  ? 
_refine_ls_shell.pdbx_total_number_of_bins_used   20 
_refine_ls_shell.pdbx_phase_error                 ? 
_refine_ls_shell.pdbx_fsc_work                    ? 
_refine_ls_shell.pdbx_fsc_free                    ? 
# 
loop_
_struct_ncs_dom.pdbx_ens_id 
_struct_ncs_dom.id 
_struct_ncs_dom.details 
1 1 A 
1 2 B 
# 
loop_
_struct_ncs_dom_lim.pdbx_ens_id 
_struct_ncs_dom_lim.dom_id 
_struct_ncs_dom_lim.pdbx_component_id 
_struct_ncs_dom_lim.beg_label_asym_id 
_struct_ncs_dom_lim.beg_label_comp_id 
_struct_ncs_dom_lim.beg_label_seq_id 
_struct_ncs_dom_lim.beg_label_alt_id 
_struct_ncs_dom_lim.end_label_asym_id 
_struct_ncs_dom_lim.end_label_comp_id 
_struct_ncs_dom_lim.end_label_seq_id 
_struct_ncs_dom_lim.end_label_alt_id 
_struct_ncs_dom_lim.beg_auth_asym_id 
_struct_ncs_dom_lim.beg_auth_comp_id 
_struct_ncs_dom_lim.beg_auth_seq_id 
_struct_ncs_dom_lim.end_auth_asym_id 
_struct_ncs_dom_lim.end_auth_comp_id 
_struct_ncs_dom_lim.end_auth_seq_id 
_struct_ncs_dom_lim.pdbx_refine_code 
_struct_ncs_dom_lim.selection_details 
1 1 0 A ILE 5 . A GLU 100 . A ILE 265 A GLU 374 0 ? 
1 2 0 B ILE 5 . B GLU 84  . B ILE 265 B GLU 344 0 ? 
# 
_struct_ncs_ens.id        1 
_struct_ncs_ens.details   ? 
# 
_struct.entry_id                     7Z0J 
_struct.title                        'human PEX13 SH3 domain in complex with internal FxxxF motif' 
_struct.pdbx_model_details           ? 
_struct.pdbx_formula_weight          ? 
_struct.pdbx_formula_weight_method   ? 
_struct.pdbx_model_type_details      ? 
_struct.pdbx_CASP_flag               N 
# 
_struct_keywords.entry_id        7Z0J 
_struct_keywords.text            'PROTEIN TRANSPORT' 
_struct_keywords.pdbx_keywords   'PROTEIN TRANSPORT' 
# 
loop_
_struct_asym.id 
_struct_asym.pdbx_blank_PDB_chainid_flag 
_struct_asym.pdbx_modified 
_struct_asym.entity_id 
_struct_asym.details 
A N N 1 ? 
B N N 1 ? 
C N N 2 ? 
D N N 2 ? 
E N N 2 ? 
F N N 3 ? 
G N N 3 ? 
# 
loop_
_struct_ref.id 
_struct_ref.db_name 
_struct_ref.db_code 
_struct_ref.pdbx_db_accession 
_struct_ref.pdbx_db_isoform 
_struct_ref.entity_id 
_struct_ref.pdbx_seq_one_letter_code 
_struct_ref.pdbx_align_begin 
1 UNP PEX13_HUMAN Q92968 ? 1 
;VTDSINWASGEDDHVVARAEYDFAAVSEEEISFRAGDMLNLALKEQQPKVRGWLLASLDGQTTGLIPANYVKILGKRKGR
KTVESS
;
261 
2 UNP PEX13_HUMAN Q92968 ? 1 DEQEAAFESVFVE                                                                             371 
# 
loop_
_struct_ref_seq.align_id 
_struct_ref_seq.ref_id 
_struct_ref_seq.pdbx_PDB_id_code 
_struct_ref_seq.pdbx_strand_id 
_struct_ref_seq.seq_align_beg 
_struct_ref_seq.pdbx_seq_align_beg_ins_code 
_struct_ref_seq.seq_align_end 
_struct_ref_seq.pdbx_seq_align_end_ins_code 
_struct_ref_seq.pdbx_db_accession 
_struct_ref_seq.db_align_beg 
_struct_ref_seq.pdbx_db_align_beg_ins_code 
_struct_ref_seq.db_align_end 
_struct_ref_seq.pdbx_db_align_end_ins_code 
_struct_ref_seq.pdbx_auth_seq_align_beg 
_struct_ref_seq.pdbx_auth_seq_align_end 
1 1 7Z0J A 1  ? 86  ? Q92968 261 ? 346 ? 261 360 
2 2 7Z0J A 97 ? 109 ? Q92968 371 ? 383 ? 371 383 
3 1 7Z0J B 1  ? 86  ? Q92968 261 ? 346 ? 261 346 
4 2 7Z0J B 97 ? 109 ? Q92968 371 ? 383 ? 357 369 
# 
loop_
_struct_ref_seq_dif.align_id 
_struct_ref_seq_dif.pdbx_pdb_id_code 
_struct_ref_seq_dif.mon_id 
_struct_ref_seq_dif.pdbx_pdb_strand_id 
_struct_ref_seq_dif.seq_num 
_struct_ref_seq_dif.pdbx_pdb_ins_code 
_struct_ref_seq_dif.pdbx_seq_db_name 
_struct_ref_seq_dif.pdbx_seq_db_accession_code 
_struct_ref_seq_dif.db_mon_id 
_struct_ref_seq_dif.pdbx_seq_db_seq_num 
_struct_ref_seq_dif.details 
_struct_ref_seq_dif.pdbx_auth_seq_num 
_struct_ref_seq_dif.pdbx_ordinal 
1 7Z0J GLY A 87 ? UNP Q92968 ? ? linker 361 1  
1 7Z0J GLY A 88 ? UNP Q92968 ? ? linker 362 2  
1 7Z0J GLY A 89 ? UNP Q92968 ? ? linker 363 3  
1 7Z0J GLY A 90 ? UNP Q92968 ? ? linker 364 4  
1 7Z0J SER A 91 ? UNP Q92968 ? ? linker 365 5  
1 7Z0J GLY A 92 ? UNP Q92968 ? ? linker 366 6  
1 7Z0J GLY A 93 ? UNP Q92968 ? ? linker 367 7  
1 7Z0J GLY A 94 ? UNP Q92968 ? ? linker 368 8  
1 7Z0J GLY A 95 ? UNP Q92968 ? ? linker 369 9  
1 7Z0J SER A 96 ? UNP Q92968 ? ? linker 370 10 
3 7Z0J GLY B 87 ? UNP Q92968 ? ? linker 347 11 
3 7Z0J GLY B 88 ? UNP Q92968 ? ? linker 348 12 
3 7Z0J GLY B 89 ? UNP Q92968 ? ? linker 349 13 
3 7Z0J GLY B 90 ? UNP Q92968 ? ? linker 350 14 
3 7Z0J SER B 91 ? UNP Q92968 ? ? linker 351 15 
3 7Z0J GLY B 92 ? UNP Q92968 ? ? linker 352 16 
3 7Z0J GLY B 93 ? UNP Q92968 ? ? linker 353 17 
3 7Z0J GLY B 94 ? UNP Q92968 ? ? linker 354 18 
3 7Z0J GLY B 95 ? UNP Q92968 ? ? linker 355 19 
3 7Z0J SER B 96 ? UNP Q92968 ? ? linker 356 20 
# 
loop_
_pdbx_struct_assembly.id 
_pdbx_struct_assembly.details 
_pdbx_struct_assembly.method_details 
_pdbx_struct_assembly.oligomeric_details 
_pdbx_struct_assembly.oligomeric_count 
1 author_defined_assembly ? monomeric 1 
2 author_defined_assembly ? monomeric 1 
# 
loop_
_pdbx_struct_assembly_gen.assembly_id 
_pdbx_struct_assembly_gen.oper_expression 
_pdbx_struct_assembly_gen.asym_id_list 
1 1 A,C,F   
2 1 B,D,E,G 
# 
_pdbx_struct_assembly_auth_evidence.id                     1 
_pdbx_struct_assembly_auth_evidence.assembly_id            1 
_pdbx_struct_assembly_auth_evidence.experimental_support   'light scattering' 
_pdbx_struct_assembly_auth_evidence.details                ? 
# 
_pdbx_struct_oper_list.id                   1 
_pdbx_struct_oper_list.type                 'identity operation' 
_pdbx_struct_oper_list.name                 1_555 
_pdbx_struct_oper_list.symmetry_operation   x,y,z 
_pdbx_struct_oper_list.matrix[1][1]         1.0000000000 
_pdbx_struct_oper_list.matrix[1][2]         0.0000000000 
_pdbx_struct_oper_list.matrix[1][3]         0.0000000000 
_pdbx_struct_oper_list.vector[1]            0.0000000000 
_pdbx_struct_oper_list.matrix[2][1]         0.0000000000 
_pdbx_struct_oper_list.matrix[2][2]         1.0000000000 
_pdbx_struct_oper_list.matrix[2][3]         0.0000000000 
_pdbx_struct_oper_list.vector[2]            0.0000000000 
_pdbx_struct_oper_list.matrix[3][1]         0.0000000000 
_pdbx_struct_oper_list.matrix[3][2]         0.0000000000 
_pdbx_struct_oper_list.matrix[3][3]         1.0000000000 
_pdbx_struct_oper_list.vector[3]            0.0000000000 
# 
loop_
_struct_conf.conf_type_id 
_struct_conf.id 
_struct_conf.pdbx_PDB_helix_id 
_struct_conf.beg_label_comp_id 
_struct_conf.beg_label_asym_id 
_struct_conf.beg_label_seq_id 
_struct_conf.pdbx_beg_PDB_ins_code 
_struct_conf.end_label_comp_id 
_struct_conf.end_label_asym_id 
_struct_conf.end_label_seq_id 
_struct_conf.pdbx_end_PDB_ins_code 
_struct_conf.beg_auth_comp_id 
_struct_conf.beg_auth_asym_id 
_struct_conf.beg_auth_seq_id 
_struct_conf.end_auth_comp_id 
_struct_conf.end_auth_asym_id 
_struct_conf.end_auth_seq_id 
_struct_conf.pdbx_PDB_helix_class 
_struct_conf.details 
_struct_conf.pdbx_PDB_helix_length 
HELX_P HELX_P1 AA1 ILE A 5  ? GLY A 10  ? ILE A 265 GLY A 270 1 ? 6 
HELX_P HELX_P2 AA2 LEU A 43 ? GLN A 47  ? LEU A 303 GLN A 307 5 ? 5 
HELX_P HELX_P3 AA3 GLU A 98 ? SER A 105 ? GLU A 372 SER A 379 1 ? 8 
HELX_P HELX_P4 AA4 LEU B 43 ? GLN B 47  ? LEU B 303 GLN B 307 5 ? 5 
# 
_struct_conf_type.id          HELX_P 
_struct_conf_type.criteria    ? 
_struct_conf_type.reference   ? 
# 
loop_
_struct_sheet.id 
_struct_sheet.type 
_struct_sheet.number_strands 
_struct_sheet.details 
AA1 ? 5 ? 
AA2 ? 5 ? 
# 
loop_
_struct_sheet_order.sheet_id 
_struct_sheet_order.range_id_1 
_struct_sheet_order.range_id_2 
_struct_sheet_order.offset 
_struct_sheet_order.sense 
AA1 1 2 ? anti-parallel 
AA1 2 3 ? anti-parallel 
AA1 3 4 ? anti-parallel 
AA1 4 5 ? anti-parallel 
AA2 1 2 ? anti-parallel 
AA2 2 3 ? anti-parallel 
AA2 3 4 ? anti-parallel 
AA2 4 5 ? anti-parallel 
# 
loop_
_struct_sheet_range.sheet_id 
_struct_sheet_range.id 
_struct_sheet_range.beg_label_comp_id 
_struct_sheet_range.beg_label_asym_id 
_struct_sheet_range.beg_label_seq_id 
_struct_sheet_range.pdbx_beg_PDB_ins_code 
_struct_sheet_range.end_label_comp_id 
_struct_sheet_range.end_label_asym_id 
_struct_sheet_range.end_label_seq_id 
_struct_sheet_range.pdbx_end_PDB_ins_code 
_struct_sheet_range.beg_auth_comp_id 
_struct_sheet_range.beg_auth_asym_id 
_struct_sheet_range.beg_auth_seq_id 
_struct_sheet_range.end_auth_comp_id 
_struct_sheet_range.end_auth_asym_id 
_struct_sheet_range.end_auth_seq_id 
AA1 1 GLY A 64 ? PRO A 67 ? GLY A 324 PRO A 327 
AA1 2 TRP A 53 ? SER A 57 ? TRP A 313 SER A 317 
AA1 3 MET A 38 ? LEU A 41 ? MET A 298 LEU A 301 
AA1 4 HIS A 14 ? ALA A 19 ? HIS A 274 ALA A 279 
AA1 5 VAL A 71 ? ARG A 77 ? VAL A 331 ARG A 337 
AA2 1 GLY B 64 ? PRO B 67 ? GLY B 324 PRO B 327 
AA2 2 TRP B 53 ? SER B 57 ? TRP B 313 SER B 317 
AA2 3 MET B 38 ? LEU B 41 ? MET B 298 LEU B 301 
AA2 4 HIS B 14 ? ALA B 19 ? HIS B 274 ALA B 279 
AA2 5 VAL B 71 ? ARG B 77 ? VAL B 331 ARG B 337 
# 
loop_
_pdbx_struct_sheet_hbond.sheet_id 
_pdbx_struct_sheet_hbond.range_id_1 
_pdbx_struct_sheet_hbond.range_id_2 
_pdbx_struct_sheet_hbond.range_1_label_atom_id 
_pdbx_struct_sheet_hbond.range_1_label_comp_id 
_pdbx_struct_sheet_hbond.range_1_label_asym_id 
_pdbx_struct_sheet_hbond.range_1_label_seq_id 
_pdbx_struct_sheet_hbond.range_1_PDB_ins_code 
_pdbx_struct_sheet_hbond.range_1_auth_atom_id 
_pdbx_struct_sheet_hbond.range_1_auth_comp_id 
_pdbx_struct_sheet_hbond.range_1_auth_asym_id 
_pdbx_struct_sheet_hbond.range_1_auth_seq_id 
_pdbx_struct_sheet_hbond.range_2_label_atom_id 
_pdbx_struct_sheet_hbond.range_2_label_comp_id 
_pdbx_struct_sheet_hbond.range_2_label_asym_id 
_pdbx_struct_sheet_hbond.range_2_label_seq_id 
_pdbx_struct_sheet_hbond.range_2_PDB_ins_code 
_pdbx_struct_sheet_hbond.range_2_auth_atom_id 
_pdbx_struct_sheet_hbond.range_2_auth_comp_id 
_pdbx_struct_sheet_hbond.range_2_auth_asym_id 
_pdbx_struct_sheet_hbond.range_2_auth_seq_id 
AA1 1 2 O GLY A 64 ? O GLY A 324 N ALA A 56 ? N ALA A 316 
AA1 2 3 O SER A 57 ? O SER A 317 N ASN A 40 ? N ASN A 300 
AA1 3 4 O LEU A 41 ? O LEU A 301 N VAL A 15 ? N VAL A 275 
AA1 4 5 N VAL A 16 ? N VAL A 276 O LEU A 74 ? O LEU A 334 
AA2 1 2 O GLY B 64 ? O GLY B 324 N ALA B 56 ? N ALA B 316 
AA2 2 3 O SER B 57 ? O SER B 317 N ASN B 40 ? N ASN B 300 
AA2 3 4 O LEU B 41 ? O LEU B 301 N VAL B 15 ? N VAL B 275 
AA2 4 5 N VAL B 16 ? N VAL B 276 O LEU B 74 ? O LEU B 334 
# 
_pdbx_entry_details.entry_id                   7Z0J 
_pdbx_entry_details.has_ligand_of_interest     N 
_pdbx_entry_details.compound_details           ? 
_pdbx_entry_details.source_details             ? 
_pdbx_entry_details.nonpolymer_details         ? 
_pdbx_entry_details.sequence_details           ? 
_pdbx_entry_details.has_protein_modification   N 
# 
_pdbx_validate_torsion.id              1 
_pdbx_validate_torsion.PDB_model_num   1 
_pdbx_validate_torsion.auth_comp_id    GLN 
_pdbx_validate_torsion.auth_asym_id    B 
_pdbx_validate_torsion.auth_seq_id     321 
_pdbx_validate_torsion.PDB_ins_code    ? 
_pdbx_validate_torsion.label_alt_id    ? 
_pdbx_validate_torsion.phi             -131.69 
_pdbx_validate_torsion.psi             -49.27 
# 
loop_
_pdbx_unobs_or_zero_occ_residues.id 
_pdbx_unobs_or_zero_occ_residues.PDB_model_num 
_pdbx_unobs_or_zero_occ_residues.polymer_flag 
_pdbx_unobs_or_zero_occ_residues.occupancy_flag 
_pdbx_unobs_or_zero_occ_residues.auth_asym_id 
_pdbx_unobs_or_zero_occ_residues.auth_comp_id 
_pdbx_unobs_or_zero_occ_residues.auth_seq_id 
_pdbx_unobs_or_zero_occ_residues.PDB_ins_code 
_pdbx_unobs_or_zero_occ_residues.label_asym_id 
_pdbx_unobs_or_zero_occ_residues.label_comp_id 
_pdbx_unobs_or_zero_occ_residues.label_seq_id 
1  1 Y 1 A VAL 261 ? A VAL 1   
2  1 Y 1 A THR 262 ? A THR 2   
3  1 Y 1 A ASP 263 ? A ASP 3   
4  1 Y 1 A SER 264 ? A SER 4   
5  1 Y 1 A LYS 355 ? A LYS 81  
6  1 Y 1 A THR 356 ? A THR 82  
7  1 Y 1 A VAL 357 ? A VAL 83  
8  1 Y 1 A GLU 358 ? A GLU 84  
9  1 Y 1 A SER 359 ? A SER 85  
10 1 Y 1 A SER 360 ? A SER 86  
11 1 Y 1 A GLY 361 ? A GLY 87  
12 1 Y 1 A GLY 362 ? A GLY 88  
13 1 Y 1 A GLY 363 ? A GLY 89  
14 1 Y 1 A GLY 364 ? A GLY 90  
15 1 Y 1 A SER 365 ? A SER 91  
16 1 Y 1 A GLY 366 ? A GLY 92  
17 1 Y 1 A GLY 367 ? A GLY 93  
18 1 Y 1 A GLY 368 ? A GLY 94  
19 1 Y 1 A GLY 369 ? A GLY 95  
20 1 Y 1 A SER 370 ? A SER 96  
21 1 Y 1 A GLU 383 ? A GLU 109 
22 1 Y 1 B VAL 261 ? B VAL 1   
23 1 Y 1 B THR 262 ? B THR 2   
24 1 Y 1 B ASP 263 ? B ASP 3   
25 1 Y 1 B SER 346 ? B SER 86  
26 1 Y 1 B GLY 347 ? B GLY 87  
27 1 Y 1 B GLY 348 ? B GLY 88  
28 1 Y 1 B GLY 349 ? B GLY 89  
29 1 Y 1 B GLY 350 ? B GLY 90  
30 1 Y 1 B SER 351 ? B SER 91  
31 1 Y 1 B GLY 352 ? B GLY 92  
32 1 Y 1 B GLY 353 ? B GLY 93  
33 1 Y 1 B GLY 354 ? B GLY 94  
34 1 Y 1 B GLY 355 ? B GLY 95  
35 1 Y 1 B SER 356 ? B SER 96  
36 1 Y 1 B ASP 357 ? B ASP 97  
37 1 Y 1 B GLU 358 ? B GLU 98  
38 1 Y 1 B GLN 359 ? B GLN 99  
39 1 Y 1 B GLU 360 ? B GLU 100 
40 1 Y 1 B ALA 361 ? B ALA 101 
41 1 Y 1 B ALA 362 ? B ALA 102 
42 1 Y 1 B PHE 363 ? B PHE 103 
43 1 Y 1 B GLU 364 ? B GLU 104 
44 1 Y 1 B SER 365 ? B SER 105 
45 1 Y 1 B VAL 366 ? B VAL 106 
46 1 Y 1 B PHE 367 ? B PHE 107 
47 1 Y 1 B VAL 368 ? B VAL 108 
48 1 Y 1 B GLU 369 ? B GLU 109 
# 
loop_
_chem_comp_atom.comp_id 
_chem_comp_atom.atom_id 
_chem_comp_atom.type_symbol 
_chem_comp_atom.pdbx_aromatic_flag 
_chem_comp_atom.pdbx_stereo_config 
_chem_comp_atom.pdbx_ordinal 
ALA N    N N N 1   
ALA CA   C N S 2   
ALA C    C N N 3   
ALA O    O N N 4   
ALA CB   C N N 5   
ALA OXT  O N N 6   
ALA H    H N N 7   
ALA H2   H N N 8   
ALA HA   H N N 9   
ALA HB1  H N N 10  
ALA HB2  H N N 11  
ALA HB3  H N N 12  
ALA HXT  H N N 13  
ARG N    N N N 14  
ARG CA   C N S 15  
ARG C    C N N 16  
ARG O    O N N 17  
ARG CB   C N N 18  
ARG CG   C N N 19  
ARG CD   C N N 20  
ARG NE   N N N 21  
ARG CZ   C N N 22  
ARG NH1  N N N 23  
ARG NH2  N N N 24  
ARG OXT  O N N 25  
ARG H    H N N 26  
ARG H2   H N N 27  
ARG HA   H N N 28  
ARG HB2  H N N 29  
ARG HB3  H N N 30  
ARG HG2  H N N 31  
ARG HG3  H N N 32  
ARG HD2  H N N 33  
ARG HD3  H N N 34  
ARG HE   H N N 35  
ARG HH11 H N N 36  
ARG HH12 H N N 37  
ARG HH21 H N N 38  
ARG HH22 H N N 39  
ARG HXT  H N N 40  
ASN N    N N N 41  
ASN CA   C N S 42  
ASN C    C N N 43  
ASN O    O N N 44  
ASN CB   C N N 45  
ASN CG   C N N 46  
ASN OD1  O N N 47  
ASN ND2  N N N 48  
ASN OXT  O N N 49  
ASN H    H N N 50  
ASN H2   H N N 51  
ASN HA   H N N 52  
ASN HB2  H N N 53  
ASN HB3  H N N 54  
ASN HD21 H N N 55  
ASN HD22 H N N 56  
ASN HXT  H N N 57  
ASP N    N N N 58  
ASP CA   C N S 59  
ASP C    C N N 60  
ASP O    O N N 61  
ASP CB   C N N 62  
ASP CG   C N N 63  
ASP OD1  O N N 64  
ASP OD2  O N N 65  
ASP OXT  O N N 66  
ASP H    H N N 67  
ASP H2   H N N 68  
ASP HA   H N N 69  
ASP HB2  H N N 70  
ASP HB3  H N N 71  
ASP HD2  H N N 72  
ASP HXT  H N N 73  
EDO C1   C N N 74  
EDO O1   O N N 75  
EDO C2   C N N 76  
EDO O2   O N N 77  
EDO H11  H N N 78  
EDO H12  H N N 79  
EDO HO1  H N N 80  
EDO H21  H N N 81  
EDO H22  H N N 82  
EDO HO2  H N N 83  
GLN N    N N N 84  
GLN CA   C N S 85  
GLN C    C N N 86  
GLN O    O N N 87  
GLN CB   C N N 88  
GLN CG   C N N 89  
GLN CD   C N N 90  
GLN OE1  O N N 91  
GLN NE2  N N N 92  
GLN OXT  O N N 93  
GLN H    H N N 94  
GLN H2   H N N 95  
GLN HA   H N N 96  
GLN HB2  H N N 97  
GLN HB3  H N N 98  
GLN HG2  H N N 99  
GLN HG3  H N N 100 
GLN HE21 H N N 101 
GLN HE22 H N N 102 
GLN HXT  H N N 103 
GLU N    N N N 104 
GLU CA   C N S 105 
GLU C    C N N 106 
GLU O    O N N 107 
GLU CB   C N N 108 
GLU CG   C N N 109 
GLU CD   C N N 110 
GLU OE1  O N N 111 
GLU OE2  O N N 112 
GLU OXT  O N N 113 
GLU H    H N N 114 
GLU H2   H N N 115 
GLU HA   H N N 116 
GLU HB2  H N N 117 
GLU HB3  H N N 118 
GLU HG2  H N N 119 
GLU HG3  H N N 120 
GLU HE2  H N N 121 
GLU HXT  H N N 122 
GLY N    N N N 123 
GLY CA   C N N 124 
GLY C    C N N 125 
GLY O    O N N 126 
GLY OXT  O N N 127 
GLY H    H N N 128 
GLY H2   H N N 129 
GLY HA2  H N N 130 
GLY HA3  H N N 131 
GLY HXT  H N N 132 
HIS N    N N N 133 
HIS CA   C N S 134 
HIS C    C N N 135 
HIS O    O N N 136 
HIS CB   C N N 137 
HIS CG   C Y N 138 
HIS ND1  N Y N 139 
HIS CD2  C Y N 140 
HIS CE1  C Y N 141 
HIS NE2  N Y N 142 
HIS OXT  O N N 143 
HIS H    H N N 144 
HIS H2   H N N 145 
HIS HA   H N N 146 
HIS HB2  H N N 147 
HIS HB3  H N N 148 
HIS HD1  H N N 149 
HIS HD2  H N N 150 
HIS HE1  H N N 151 
HIS HE2  H N N 152 
HIS HXT  H N N 153 
HOH O    O N N 154 
HOH H1   H N N 155 
HOH H2   H N N 156 
ILE N    N N N 157 
ILE CA   C N S 158 
ILE C    C N N 159 
ILE O    O N N 160 
ILE CB   C N S 161 
ILE CG1  C N N 162 
ILE CG2  C N N 163 
ILE CD1  C N N 164 
ILE OXT  O N N 165 
ILE H    H N N 166 
ILE H2   H N N 167 
ILE HA   H N N 168 
ILE HB   H N N 169 
ILE HG12 H N N 170 
ILE HG13 H N N 171 
ILE HG21 H N N 172 
ILE HG22 H N N 173 
ILE HG23 H N N 174 
ILE HD11 H N N 175 
ILE HD12 H N N 176 
ILE HD13 H N N 177 
ILE HXT  H N N 178 
LEU N    N N N 179 
LEU CA   C N S 180 
LEU C    C N N 181 
LEU O    O N N 182 
LEU CB   C N N 183 
LEU CG   C N N 184 
LEU CD1  C N N 185 
LEU CD2  C N N 186 
LEU OXT  O N N 187 
LEU H    H N N 188 
LEU H2   H N N 189 
LEU HA   H N N 190 
LEU HB2  H N N 191 
LEU HB3  H N N 192 
LEU HG   H N N 193 
LEU HD11 H N N 194 
LEU HD12 H N N 195 
LEU HD13 H N N 196 
LEU HD21 H N N 197 
LEU HD22 H N N 198 
LEU HD23 H N N 199 
LEU HXT  H N N 200 
LYS N    N N N 201 
LYS CA   C N S 202 
LYS C    C N N 203 
LYS O    O N N 204 
LYS CB   C N N 205 
LYS CG   C N N 206 
LYS CD   C N N 207 
LYS CE   C N N 208 
LYS NZ   N N N 209 
LYS OXT  O N N 210 
LYS H    H N N 211 
LYS H2   H N N 212 
LYS HA   H N N 213 
LYS HB2  H N N 214 
LYS HB3  H N N 215 
LYS HG2  H N N 216 
LYS HG3  H N N 217 
LYS HD2  H N N 218 
LYS HD3  H N N 219 
LYS HE2  H N N 220 
LYS HE3  H N N 221 
LYS HZ1  H N N 222 
LYS HZ2  H N N 223 
LYS HZ3  H N N 224 
LYS HXT  H N N 225 
MET N    N N N 226 
MET CA   C N S 227 
MET C    C N N 228 
MET O    O N N 229 
MET CB   C N N 230 
MET CG   C N N 231 
MET SD   S N N 232 
MET CE   C N N 233 
MET OXT  O N N 234 
MET H    H N N 235 
MET H2   H N N 236 
MET HA   H N N 237 
MET HB2  H N N 238 
MET HB3  H N N 239 
MET HG2  H N N 240 
MET HG3  H N N 241 
MET HE1  H N N 242 
MET HE2  H N N 243 
MET HE3  H N N 244 
MET HXT  H N N 245 
PHE N    N N N 246 
PHE CA   C N S 247 
PHE C    C N N 248 
PHE O    O N N 249 
PHE CB   C N N 250 
PHE CG   C Y N 251 
PHE CD1  C Y N 252 
PHE CD2  C Y N 253 
PHE CE1  C Y N 254 
PHE CE2  C Y N 255 
PHE CZ   C Y N 256 
PHE OXT  O N N 257 
PHE H    H N N 258 
PHE H2   H N N 259 
PHE HA   H N N 260 
PHE HB2  H N N 261 
PHE HB3  H N N 262 
PHE HD1  H N N 263 
PHE HD2  H N N 264 
PHE HE1  H N N 265 
PHE HE2  H N N 266 
PHE HZ   H N N 267 
PHE HXT  H N N 268 
PRO N    N N N 269 
PRO CA   C N S 270 
PRO C    C N N 271 
PRO O    O N N 272 
PRO CB   C N N 273 
PRO CG   C N N 274 
PRO CD   C N N 275 
PRO OXT  O N N 276 
PRO H    H N N 277 
PRO HA   H N N 278 
PRO HB2  H N N 279 
PRO HB3  H N N 280 
PRO HG2  H N N 281 
PRO HG3  H N N 282 
PRO HD2  H N N 283 
PRO HD3  H N N 284 
PRO HXT  H N N 285 
SER N    N N N 286 
SER CA   C N S 287 
SER C    C N N 288 
SER O    O N N 289 
SER CB   C N N 290 
SER OG   O N N 291 
SER OXT  O N N 292 
SER H    H N N 293 
SER H2   H N N 294 
SER HA   H N N 295 
SER HB2  H N N 296 
SER HB3  H N N 297 
SER HG   H N N 298 
SER HXT  H N N 299 
THR N    N N N 300 
THR CA   C N S 301 
THR C    C N N 302 
THR O    O N N 303 
THR CB   C N R 304 
THR OG1  O N N 305 
THR CG2  C N N 306 
THR OXT  O N N 307 
THR H    H N N 308 
THR H2   H N N 309 
THR HA   H N N 310 
THR HB   H N N 311 
THR HG1  H N N 312 
THR HG21 H N N 313 
THR HG22 H N N 314 
THR HG23 H N N 315 
THR HXT  H N N 316 
TRP N    N N N 317 
TRP CA   C N S 318 
TRP C    C N N 319 
TRP O    O N N 320 
TRP CB   C N N 321 
TRP CG   C Y N 322 
TRP CD1  C Y N 323 
TRP CD2  C Y N 324 
TRP NE1  N Y N 325 
TRP CE2  C Y N 326 
TRP CE3  C Y N 327 
TRP CZ2  C Y N 328 
TRP CZ3  C Y N 329 
TRP CH2  C Y N 330 
TRP OXT  O N N 331 
TRP H    H N N 332 
TRP H2   H N N 333 
TRP HA   H N N 334 
TRP HB2  H N N 335 
TRP HB3  H N N 336 
TRP HD1  H N N 337 
TRP HE1  H N N 338 
TRP HE3  H N N 339 
TRP HZ2  H N N 340 
TRP HZ3  H N N 341 
TRP HH2  H N N 342 
TRP HXT  H N N 343 
TYR N    N N N 344 
TYR CA   C N S 345 
TYR C    C N N 346 
TYR O    O N N 347 
TYR CB   C N N 348 
TYR CG   C Y N 349 
TYR CD1  C Y N 350 
TYR CD2  C Y N 351 
TYR CE1  C Y N 352 
TYR CE2  C Y N 353 
TYR CZ   C Y N 354 
TYR OH   O N N 355 
TYR OXT  O N N 356 
TYR H    H N N 357 
TYR H2   H N N 358 
TYR HA   H N N 359 
TYR HB2  H N N 360 
TYR HB3  H N N 361 
TYR HD1  H N N 362 
TYR HD2  H N N 363 
TYR HE1  H N N 364 
TYR HE2  H N N 365 
TYR HH   H N N 366 
TYR HXT  H N N 367 
VAL N    N N N 368 
VAL CA   C N S 369 
VAL C    C N N 370 
VAL O    O N N 371 
VAL CB   C N N 372 
VAL CG1  C N N 373 
VAL CG2  C N N 374 
VAL OXT  O N N 375 
VAL H    H N N 376 
VAL H2   H N N 377 
VAL HA   H N N 378 
VAL HB   H N N 379 
VAL HG11 H N N 380 
VAL HG12 H N N 381 
VAL HG13 H N N 382 
VAL HG21 H N N 383 
VAL HG22 H N N 384 
VAL HG23 H N N 385 
VAL HXT  H N N 386 
# 
loop_
_chem_comp_bond.comp_id 
_chem_comp_bond.atom_id_1 
_chem_comp_bond.atom_id_2 
_chem_comp_bond.value_order 
_chem_comp_bond.pdbx_aromatic_flag 
_chem_comp_bond.pdbx_stereo_config 
_chem_comp_bond.pdbx_ordinal 
ALA N   CA   sing N N 1   
ALA N   H    sing N N 2   
ALA N   H2   sing N N 3   
ALA CA  C    sing N N 4   
ALA CA  CB   sing N N 5   
ALA CA  HA   sing N N 6   
ALA C   O    doub N N 7   
ALA C   OXT  sing N N 8   
ALA CB  HB1  sing N N 9   
ALA CB  HB2  sing N N 10  
ALA CB  HB3  sing N N 11  
ALA OXT HXT  sing N N 12  
ARG N   CA   sing N N 13  
ARG N   H    sing N N 14  
ARG N   H2   sing N N 15  
ARG CA  C    sing N N 16  
ARG CA  CB   sing N N 17  
ARG CA  HA   sing N N 18  
ARG C   O    doub N N 19  
ARG C   OXT  sing N N 20  
ARG CB  CG   sing N N 21  
ARG CB  HB2  sing N N 22  
ARG CB  HB3  sing N N 23  
ARG CG  CD   sing N N 24  
ARG CG  HG2  sing N N 25  
ARG CG  HG3  sing N N 26  
ARG CD  NE   sing N N 27  
ARG CD  HD2  sing N N 28  
ARG CD  HD3  sing N N 29  
ARG NE  CZ   sing N N 30  
ARG NE  HE   sing N N 31  
ARG CZ  NH1  sing N N 32  
ARG CZ  NH2  doub N N 33  
ARG NH1 HH11 sing N N 34  
ARG NH1 HH12 sing N N 35  
ARG NH2 HH21 sing N N 36  
ARG NH2 HH22 sing N N 37  
ARG OXT HXT  sing N N 38  
ASN N   CA   sing N N 39  
ASN N   H    sing N N 40  
ASN N   H2   sing N N 41  
ASN CA  C    sing N N 42  
ASN CA  CB   sing N N 43  
ASN CA  HA   sing N N 44  
ASN C   O    doub N N 45  
ASN C   OXT  sing N N 46  
ASN CB  CG   sing N N 47  
ASN CB  HB2  sing N N 48  
ASN CB  HB3  sing N N 49  
ASN CG  OD1  doub N N 50  
ASN CG  ND2  sing N N 51  
ASN ND2 HD21 sing N N 52  
ASN ND2 HD22 sing N N 53  
ASN OXT HXT  sing N N 54  
ASP N   CA   sing N N 55  
ASP N   H    sing N N 56  
ASP N   H2   sing N N 57  
ASP CA  C    sing N N 58  
ASP CA  CB   sing N N 59  
ASP CA  HA   sing N N 60  
ASP C   O    doub N N 61  
ASP C   OXT  sing N N 62  
ASP CB  CG   sing N N 63  
ASP CB  HB2  sing N N 64  
ASP CB  HB3  sing N N 65  
ASP CG  OD1  doub N N 66  
ASP CG  OD2  sing N N 67  
ASP OD2 HD2  sing N N 68  
ASP OXT HXT  sing N N 69  
EDO C1  O1   sing N N 70  
EDO C1  C2   sing N N 71  
EDO C1  H11  sing N N 72  
EDO C1  H12  sing N N 73  
EDO O1  HO1  sing N N 74  
EDO C2  O2   sing N N 75  
EDO C2  H21  sing N N 76  
EDO C2  H22  sing N N 77  
EDO O2  HO2  sing N N 78  
GLN N   CA   sing N N 79  
GLN N   H    sing N N 80  
GLN N   H2   sing N N 81  
GLN CA  C    sing N N 82  
GLN CA  CB   sing N N 83  
GLN CA  HA   sing N N 84  
GLN C   O    doub N N 85  
GLN C   OXT  sing N N 86  
GLN CB  CG   sing N N 87  
GLN CB  HB2  sing N N 88  
GLN CB  HB3  sing N N 89  
GLN CG  CD   sing N N 90  
GLN CG  HG2  sing N N 91  
GLN CG  HG3  sing N N 92  
GLN CD  OE1  doub N N 93  
GLN CD  NE2  sing N N 94  
GLN NE2 HE21 sing N N 95  
GLN NE2 HE22 sing N N 96  
GLN OXT HXT  sing N N 97  
GLU N   CA   sing N N 98  
GLU N   H    sing N N 99  
GLU N   H2   sing N N 100 
GLU CA  C    sing N N 101 
GLU CA  CB   sing N N 102 
GLU CA  HA   sing N N 103 
GLU C   O    doub N N 104 
GLU C   OXT  sing N N 105 
GLU CB  CG   sing N N 106 
GLU CB  HB2  sing N N 107 
GLU CB  HB3  sing N N 108 
GLU CG  CD   sing N N 109 
GLU CG  HG2  sing N N 110 
GLU CG  HG3  sing N N 111 
GLU CD  OE1  doub N N 112 
GLU CD  OE2  sing N N 113 
GLU OE2 HE2  sing N N 114 
GLU OXT HXT  sing N N 115 
GLY N   CA   sing N N 116 
GLY N   H    sing N N 117 
GLY N   H2   sing N N 118 
GLY CA  C    sing N N 119 
GLY CA  HA2  sing N N 120 
GLY CA  HA3  sing N N 121 
GLY C   O    doub N N 122 
GLY C   OXT  sing N N 123 
GLY OXT HXT  sing N N 124 
HIS N   CA   sing N N 125 
HIS N   H    sing N N 126 
HIS N   H2   sing N N 127 
HIS CA  C    sing N N 128 
HIS CA  CB   sing N N 129 
HIS CA  HA   sing N N 130 
HIS C   O    doub N N 131 
HIS C   OXT  sing N N 132 
HIS CB  CG   sing N N 133 
HIS CB  HB2  sing N N 134 
HIS CB  HB3  sing N N 135 
HIS CG  ND1  sing Y N 136 
HIS CG  CD2  doub Y N 137 
HIS ND1 CE1  doub Y N 138 
HIS ND1 HD1  sing N N 139 
HIS CD2 NE2  sing Y N 140 
HIS CD2 HD2  sing N N 141 
HIS CE1 NE2  sing Y N 142 
HIS CE1 HE1  sing N N 143 
HIS NE2 HE2  sing N N 144 
HIS OXT HXT  sing N N 145 
HOH O   H1   sing N N 146 
HOH O   H2   sing N N 147 
ILE N   CA   sing N N 148 
ILE N   H    sing N N 149 
ILE N   H2   sing N N 150 
ILE CA  C    sing N N 151 
ILE CA  CB   sing N N 152 
ILE CA  HA   sing N N 153 
ILE C   O    doub N N 154 
ILE C   OXT  sing N N 155 
ILE CB  CG1  sing N N 156 
ILE CB  CG2  sing N N 157 
ILE CB  HB   sing N N 158 
ILE CG1 CD1  sing N N 159 
ILE CG1 HG12 sing N N 160 
ILE CG1 HG13 sing N N 161 
ILE CG2 HG21 sing N N 162 
ILE CG2 HG22 sing N N 163 
ILE CG2 HG23 sing N N 164 
ILE CD1 HD11 sing N N 165 
ILE CD1 HD12 sing N N 166 
ILE CD1 HD13 sing N N 167 
ILE OXT HXT  sing N N 168 
LEU N   CA   sing N N 169 
LEU N   H    sing N N 170 
LEU N   H2   sing N N 171 
LEU CA  C    sing N N 172 
LEU CA  CB   sing N N 173 
LEU CA  HA   sing N N 174 
LEU C   O    doub N N 175 
LEU C   OXT  sing N N 176 
LEU CB  CG   sing N N 177 
LEU CB  HB2  sing N N 178 
LEU CB  HB3  sing N N 179 
LEU CG  CD1  sing N N 180 
LEU CG  CD2  sing N N 181 
LEU CG  HG   sing N N 182 
LEU CD1 HD11 sing N N 183 
LEU CD1 HD12 sing N N 184 
LEU CD1 HD13 sing N N 185 
LEU CD2 HD21 sing N N 186 
LEU CD2 HD22 sing N N 187 
LEU CD2 HD23 sing N N 188 
LEU OXT HXT  sing N N 189 
LYS N   CA   sing N N 190 
LYS N   H    sing N N 191 
LYS N   H2   sing N N 192 
LYS CA  C    sing N N 193 
LYS CA  CB   sing N N 194 
LYS CA  HA   sing N N 195 
LYS C   O    doub N N 196 
LYS C   OXT  sing N N 197 
LYS CB  CG   sing N N 198 
LYS CB  HB2  sing N N 199 
LYS CB  HB3  sing N N 200 
LYS CG  CD   sing N N 201 
LYS CG  HG2  sing N N 202 
LYS CG  HG3  sing N N 203 
LYS CD  CE   sing N N 204 
LYS CD  HD2  sing N N 205 
LYS CD  HD3  sing N N 206 
LYS CE  NZ   sing N N 207 
LYS CE  HE2  sing N N 208 
LYS CE  HE3  sing N N 209 
LYS NZ  HZ1  sing N N 210 
LYS NZ  HZ2  sing N N 211 
LYS NZ  HZ3  sing N N 212 
LYS OXT HXT  sing N N 213 
MET N   CA   sing N N 214 
MET N   H    sing N N 215 
MET N   H2   sing N N 216 
MET CA  C    sing N N 217 
MET CA  CB   sing N N 218 
MET CA  HA   sing N N 219 
MET C   O    doub N N 220 
MET C   OXT  sing N N 221 
MET CB  CG   sing N N 222 
MET CB  HB2  sing N N 223 
MET CB  HB3  sing N N 224 
MET CG  SD   sing N N 225 
MET CG  HG2  sing N N 226 
MET CG  HG3  sing N N 227 
MET SD  CE   sing N N 228 
MET CE  HE1  sing N N 229 
MET CE  HE2  sing N N 230 
MET CE  HE3  sing N N 231 
MET OXT HXT  sing N N 232 
PHE N   CA   sing N N 233 
PHE N   H    sing N N 234 
PHE N   H2   sing N N 235 
PHE CA  C    sing N N 236 
PHE CA  CB   sing N N 237 
PHE CA  HA   sing N N 238 
PHE C   O    doub N N 239 
PHE C   OXT  sing N N 240 
PHE CB  CG   sing N N 241 
PHE CB  HB2  sing N N 242 
PHE CB  HB3  sing N N 243 
PHE CG  CD1  doub Y N 244 
PHE CG  CD2  sing Y N 245 
PHE CD1 CE1  sing Y N 246 
PHE CD1 HD1  sing N N 247 
PHE CD2 CE2  doub Y N 248 
PHE CD2 HD2  sing N N 249 
PHE CE1 CZ   doub Y N 250 
PHE CE1 HE1  sing N N 251 
PHE CE2 CZ   sing Y N 252 
PHE CE2 HE2  sing N N 253 
PHE CZ  HZ   sing N N 254 
PHE OXT HXT  sing N N 255 
PRO N   CA   sing N N 256 
PRO N   CD   sing N N 257 
PRO N   H    sing N N 258 
PRO CA  C    sing N N 259 
PRO CA  CB   sing N N 260 
PRO CA  HA   sing N N 261 
PRO C   O    doub N N 262 
PRO C   OXT  sing N N 263 
PRO CB  CG   sing N N 264 
PRO CB  HB2  sing N N 265 
PRO CB  HB3  sing N N 266 
PRO CG  CD   sing N N 267 
PRO CG  HG2  sing N N 268 
PRO CG  HG3  sing N N 269 
PRO CD  HD2  sing N N 270 
PRO CD  HD3  sing N N 271 
PRO OXT HXT  sing N N 272 
SER N   CA   sing N N 273 
SER N   H    sing N N 274 
SER N   H2   sing N N 275 
SER CA  C    sing N N 276 
SER CA  CB   sing N N 277 
SER CA  HA   sing N N 278 
SER C   O    doub N N 279 
SER C   OXT  sing N N 280 
SER CB  OG   sing N N 281 
SER CB  HB2  sing N N 282 
SER CB  HB3  sing N N 283 
SER OG  HG   sing N N 284 
SER OXT HXT  sing N N 285 
THR N   CA   sing N N 286 
THR N   H    sing N N 287 
THR N   H2   sing N N 288 
THR CA  C    sing N N 289 
THR CA  CB   sing N N 290 
THR CA  HA   sing N N 291 
THR C   O    doub N N 292 
THR C   OXT  sing N N 293 
THR CB  OG1  sing N N 294 
THR CB  CG2  sing N N 295 
THR CB  HB   sing N N 296 
THR OG1 HG1  sing N N 297 
THR CG2 HG21 sing N N 298 
THR CG2 HG22 sing N N 299 
THR CG2 HG23 sing N N 300 
THR OXT HXT  sing N N 301 
TRP N   CA   sing N N 302 
TRP N   H    sing N N 303 
TRP N   H2   sing N N 304 
TRP CA  C    sing N N 305 
TRP CA  CB   sing N N 306 
TRP CA  HA   sing N N 307 
TRP C   O    doub N N 308 
TRP C   OXT  sing N N 309 
TRP CB  CG   sing N N 310 
TRP CB  HB2  sing N N 311 
TRP CB  HB3  sing N N 312 
TRP CG  CD1  doub Y N 313 
TRP CG  CD2  sing Y N 314 
TRP CD1 NE1  sing Y N 315 
TRP CD1 HD1  sing N N 316 
TRP CD2 CE2  doub Y N 317 
TRP CD2 CE3  sing Y N 318 
TRP NE1 CE2  sing Y N 319 
TRP NE1 HE1  sing N N 320 
TRP CE2 CZ2  sing Y N 321 
TRP CE3 CZ3  doub Y N 322 
TRP CE3 HE3  sing N N 323 
TRP CZ2 CH2  doub Y N 324 
TRP CZ2 HZ2  sing N N 325 
TRP CZ3 CH2  sing Y N 326 
TRP CZ3 HZ3  sing N N 327 
TRP CH2 HH2  sing N N 328 
TRP OXT HXT  sing N N 329 
TYR N   CA   sing N N 330 
TYR N   H    sing N N 331 
TYR N   H2   sing N N 332 
TYR CA  C    sing N N 333 
TYR CA  CB   sing N N 334 
TYR CA  HA   sing N N 335 
TYR C   O    doub N N 336 
TYR C   OXT  sing N N 337 
TYR CB  CG   sing N N 338 
TYR CB  HB2  sing N N 339 
TYR CB  HB3  sing N N 340 
TYR CG  CD1  doub Y N 341 
TYR CG  CD2  sing Y N 342 
TYR CD1 CE1  sing Y N 343 
TYR CD1 HD1  sing N N 344 
TYR CD2 CE2  doub Y N 345 
TYR CD2 HD2  sing N N 346 
TYR CE1 CZ   doub Y N 347 
TYR CE1 HE1  sing N N 348 
TYR CE2 CZ   sing Y N 349 
TYR CE2 HE2  sing N N 350 
TYR CZ  OH   sing N N 351 
TYR OH  HH   sing N N 352 
TYR OXT HXT  sing N N 353 
VAL N   CA   sing N N 354 
VAL N   H    sing N N 355 
VAL N   H2   sing N N 356 
VAL CA  C    sing N N 357 
VAL CA  CB   sing N N 358 
VAL CA  HA   sing N N 359 
VAL C   O    doub N N 360 
VAL C   OXT  sing N N 361 
VAL CB  CG1  sing N N 362 
VAL CB  CG2  sing N N 363 
VAL CB  HB   sing N N 364 
VAL CG1 HG11 sing N N 365 
VAL CG1 HG12 sing N N 366 
VAL CG1 HG13 sing N N 367 
VAL CG2 HG21 sing N N 368 
VAL CG2 HG22 sing N N 369 
VAL CG2 HG23 sing N N 370 
VAL OXT HXT  sing N N 371 
# 
_pdbx_audit_support.funding_organization   'German Research Foundation (DFG)' 
_pdbx_audit_support.country                Germany 
_pdbx_audit_support.grant_number           FOR1905 
_pdbx_audit_support.ordinal                1 
# 
_pdbx_initial_refinement_model.id               1 
_pdbx_initial_refinement_model.entity_id_list   ? 
_pdbx_initial_refinement_model.type             'experimental model' 
_pdbx_initial_refinement_model.source_name      PDB 
_pdbx_initial_refinement_model.accession_code   7Z0I 
_pdbx_initial_refinement_model.details          ? 
# 
_atom_sites.entry_id                    7Z0J 
_atom_sites.Cartn_transf_matrix[1][1]   ? 
_atom_sites.Cartn_transf_matrix[1][2]   ? 
_atom_sites.Cartn_transf_matrix[1][3]   ? 
_atom_sites.Cartn_transf_matrix[2][1]   ? 
_atom_sites.Cartn_transf_matrix[2][2]   ? 
_atom_sites.Cartn_transf_matrix[2][3]   ? 
_atom_sites.Cartn_transf_matrix[3][1]   ? 
_atom_sites.Cartn_transf_matrix[3][2]   ? 
_atom_sites.Cartn_transf_matrix[3][3]   ? 
_atom_sites.Cartn_transf_vector[1]      ? 
_atom_sites.Cartn_transf_vector[2]      ? 
_atom_sites.Cartn_transf_vector[3]      ? 
_atom_sites.fract_transf_matrix[1][1]   -0.01195423 
_atom_sites.fract_transf_matrix[1][2]   -0.00073350 
_atom_sites.fract_transf_matrix[1][3]   0.00578832 
_atom_sites.fract_transf_matrix[2][1]   -0.00453926 
_atom_sites.fract_transf_matrix[2][2]   -0.01169317 
_atom_sites.fract_transf_matrix[2][3]   0.00442811 
_atom_sites.fract_transf_matrix[3][1]   0.00642596 
_atom_sites.fract_transf_matrix[3][2]   0.00265870 
_atom_sites.fract_transf_matrix[3][3]   0.01360801 
_atom_sites.fract_transf_vector[1]      -0.254786 
_atom_sites.fract_transf_vector[2]      0.354857 
_atom_sites.fract_transf_vector[3]      -0.329088 
_atom_sites.solution_primary            ? 
_atom_sites.solution_secondary          ? 
_atom_sites.solution_hydrogens          ? 
_atom_sites.special_details             ? 
# 
loop_
_atom_type.symbol 
C 
N 
O 
S 
# 
loop_
_atom_site.group_PDB 
_atom_site.id 
_atom_site.type_symbol 
_atom_site.label_atom_id 
_atom_site.label_alt_id 
_atom_site.label_comp_id 
_atom_site.label_asym_id 
_atom_site.label_entity_id 
_atom_site.label_seq_id 
_atom_site.pdbx_PDB_ins_code 
_atom_site.Cartn_x 
_atom_site.Cartn_y 
_atom_site.Cartn_z 
_atom_site.occupancy 
_atom_site.B_iso_or_equiv 
_atom_site.pdbx_formal_charge 
_atom_site.auth_seq_id 
_atom_site.auth_comp_id 
_atom_site.auth_asym_id 
_atom_site.auth_atom_id 
_atom_site.pdbx_PDB_model_num 
ATOM   1    N N   . ILE A 1 5   ? -6.671  4.299   16.519  1.00 63.89  ? 265 ILE A N   1 
ATOM   2    C CA  . ILE A 1 5   ? -5.885  4.837   15.337  1.00 65.64  ? 265 ILE A CA  1 
ATOM   3    C C   . ILE A 1 5   ? -5.952  6.369   15.352  1.00 65.18  ? 265 ILE A C   1 
ATOM   4    O O   . ILE A 1 5   ? -6.960  6.956   14.849  1.00 60.22  ? 265 ILE A O   1 
ATOM   5    C CB  . ILE A 1 5   ? -6.375  4.272   13.987  1.00 58.66  ? 265 ILE A CB  1 
ATOM   6    C CG1 . ILE A 1 5   ? -6.471  2.738   14.015  1.00 63.09  ? 265 ILE A CG1 1 
ATOM   7    C CG2 . ILE A 1 5   ? -5.481  4.808   12.884  1.00 56.50  ? 265 ILE A CG2 1 
ATOM   8    C CD1 . ILE A 1 5   ? -6.276  2.025   12.687  1.00 63.27  ? 265 ILE A CD1 1 
ATOM   9    N N   . ASN A 1 6   ? -4.914  6.997   15.901  1.00 55.66  ? 266 ASN A N   1 
ATOM   10   C CA  . ASN A 1 6   ? -4.975  8.426   16.285  1.00 53.97  ? 266 ASN A CA  1 
ATOM   11   C C   . ASN A 1 6   ? -4.964  9.335   15.053  1.00 44.16  ? 266 ASN A C   1 
ATOM   12   O O   . ASN A 1 6   ? -5.602  10.416  15.177  1.00 43.92  ? 266 ASN A O   1 
ATOM   13   C CB  . ASN A 1 6   ? -3.899  8.757   17.308  1.00 61.89  ? 266 ASN A CB  1 
ATOM   14   C CG  . ASN A 1 6   ? -4.106  8.033   18.618  1.00 65.78  ? 266 ASN A CG  1 
ATOM   15   O OD1 . ASN A 1 6   ? -5.117  7.365   18.814  1.00 57.29  ? 266 ASN A OD1 1 
ATOM   16   N ND2 . ASN A 1 6   ? -3.140  8.155   19.510  1.00 65.60  ? 266 ASN A ND2 1 
ATOM   17   N N   . TRP A 1 7   ? -4.344  8.964   13.920  1.00 39.21  ? 267 TRP A N   1 
ATOM   18   C CA  . TRP A 1 7   ? -4.425  9.822   12.703  1.00 37.47  ? 267 TRP A CA  1 
ATOM   19   C C   . TRP A 1 7   ? -5.881  9.878   12.220  1.00 35.90  ? 267 TRP A C   1 
ATOM   20   O O   . TRP A 1 7   ? -6.319  10.964  11.738  1.00 34.20  ? 267 TRP A O   1 
ATOM   21   C CB  . TRP A 1 7   ? -3.459  9.379   11.593  1.00 38.99  ? 267 TRP A CB  1 
ATOM   22   C CG  . TRP A 1 7   ? -3.690  8.019   11.019  1.00 34.67  ? 267 TRP A CG  1 
ATOM   23   C CD1 . TRP A 1 7   ? -2.998  6.891   11.336  1.00 37.48  ? 267 TRP A CD1 1 
ATOM   24   C CD2 . TRP A 1 7   ? -4.666  7.629   10.036  1.00 32.80  ? 267 TRP A CD2 1 
ATOM   25   N NE1 . TRP A 1 7   ? -3.470  5.823   10.617  1.00 35.03  ? 267 TRP A NE1 1 
ATOM   26   C CE2 . TRP A 1 7   ? -4.510  6.241   9.825   1.00 35.09  ? 267 TRP A CE2 1 
ATOM   27   C CE3 . TRP A 1 7   ? -5.678  8.292   9.340   1.00 30.96  ? 267 TRP A CE3 1 
ATOM   28   C CZ2 . TRP A 1 7   ? -5.309  5.520   8.936   1.00 32.65  ? 267 TRP A CZ2 1 
ATOM   29   C CZ3 . TRP A 1 7   ? -6.451  7.578   8.451   1.00 33.28  ? 267 TRP A CZ3 1 
ATOM   30   C CH2 . TRP A 1 7   ? -6.249  6.217   8.224   1.00 31.18  ? 267 TRP A CH2 1 
ATOM   31   N N   . ALA A 1 8   ? -6.625  8.770   12.363  1.00 34.22  ? 268 ALA A N   1 
ATOM   32   C CA  . ALA A 1 8   ? -8.004  8.651   11.825  1.00 36.73  ? 268 ALA A CA  1 
ATOM   33   C C   . ALA A 1 8   ? -8.955  9.613   12.560  1.00 42.52  ? 268 ALA A C   1 
ATOM   34   O O   . ALA A 1 8   ? -9.767  10.303  11.893  1.00 43.47  ? 268 ALA A O   1 
ATOM   35   C CB  . ALA A 1 8   ? -8.456  7.224   11.933  1.00 37.26  ? 268 ALA A CB  1 
ATOM   36   N N   . SER A 1 9   ? -8.860  9.648   13.895  1.00 44.31  ? 269 SER A N   1 
ATOM   37   C CA  . SER A 1 9   ? -9.660  10.512  14.798  1.00 45.04  ? 269 SER A CA  1 
ATOM   38   C C   . SER A 1 9   ? -9.160  11.958  14.713  1.00 46.24  ? 269 SER A C   1 
ATOM   39   O O   . SER A 1 9   ? -9.960  12.866  14.888  1.00 50.50  ? 269 SER A O   1 
ATOM   40   C CB  . SER A 1 9   ? -9.595  9.994   16.209  1.00 44.51  ? 269 SER A CB  1 
ATOM   41   O OG  . SER A 1 9   ? -8.270  10.099  16.709  1.00 45.57  ? 269 SER A OG  1 
ATOM   42   N N   . GLY A 1 10  ? -7.897  12.165  14.354  1.00 47.49  ? 270 GLY A N   1 
ATOM   43   C CA  . GLY A 1 10  ? -7.289  13.506  14.371  1.00 48.02  ? 270 GLY A CA  1 
ATOM   44   C C   . GLY A 1 10  ? -6.652  13.817  15.720  1.00 46.75  ? 270 GLY A C   1 
ATOM   45   O O   . GLY A 1 10  ? -6.201  14.954  15.894  1.00 44.81  ? 270 GLY A O   1 
ATOM   46   N N   . GLU A 1 11  ? -6.576  12.839  16.627  1.00 47.32  ? 271 GLU A N   1 
ATOM   47   C CA  . GLU A 1 11  ? -5.779  12.929  17.881  1.00 55.91  ? 271 GLU A CA  1 
ATOM   48   C C   . GLU A 1 11  ? -4.289  13.090  17.538  1.00 55.82  ? 271 GLU A C   1 
ATOM   49   O O   . GLU A 1 11  ? -3.623  13.882  18.212  1.00 55.69  ? 271 GLU A O   1 
ATOM   50   C CB  . GLU A 1 11  ? -6.027  11.712  18.776  1.00 66.76  ? 271 GLU A CB  1 
ATOM   51   C CG  . GLU A 1 11  ? -7.205  11.895  19.732  1.00 81.11  ? 271 GLU A CG  1 
ATOM   52   C CD  . GLU A 1 11  ? -7.051  13.071  20.689  1.00 94.46  ? 271 GLU A CD  1 
ATOM   53   O OE1 . GLU A 1 11  ? -5.956  13.213  21.267  1.00 102.60 ? 271 GLU A OE1 1 
ATOM   54   O OE2 . GLU A 1 11  ? -8.018  13.849  20.856  1.00 105.35 ? 271 GLU A OE2 1 
ATOM   55   N N   . ASP A 1 12  ? -3.784  12.388  16.518  1.00 52.32  ? 272 ASP A N   1 
ATOM   56   C CA  . ASP A 1 12  ? -2.395  12.567  16.032  1.00 49.67  ? 272 ASP A CA  1 
ATOM   57   C C   . ASP A 1 12  ? -2.395  13.418  14.768  1.00 45.09  ? 272 ASP A C   1 
ATOM   58   O O   . ASP A 1 12  ? -3.469  13.638  14.164  1.00 40.47  ? 272 ASP A O   1 
ATOM   59   C CB  . ASP A 1 12  ? -1.715  11.232  15.763  1.00 59.14  ? 272 ASP A CB  1 
ATOM   60   C CG  . ASP A 1 12  ? -1.251  10.538  17.025  1.00 64.29  ? 272 ASP A CG  1 
ATOM   61   O OD1 . ASP A 1 12  ? -1.240  11.200  18.079  1.00 62.58  ? 272 ASP A OD1 1 
ATOM   62   O OD2 . ASP A 1 12  ? -0.927  9.334   16.931  1.00 68.96  ? 272 ASP A OD2 1 
ATOM   63   N N   . ASP A 1 13  ? -1.215  13.890  14.394  1.00 39.42  ? 273 ASP A N   1 
ATOM   64   C CA  . ASP A 1 13  ? -0.996  14.539  13.079  1.00 39.84  ? 273 ASP A CA  1 
ATOM   65   C C   . ASP A 1 13  ? -1.518  13.603  11.983  1.00 41.90  ? 273 ASP A C   1 
ATOM   66   O O   . ASP A 1 13  ? -1.457  12.337  12.123  1.00 36.38  ? 273 ASP A O   1 
ATOM   67   C CB  . ASP A 1 13  ? 0.478   14.847  12.840  1.00 41.30  ? 273 ASP A CB  1 
ATOM   68   C CG  . ASP A 1 13  ? 1.095   15.804  13.845  1.00 43.78  ? 273 ASP A CG  1 
ATOM   69   O OD1 . ASP A 1 13  ? 0.343   16.372  14.705  1.00 45.39  ? 273 ASP A OD1 1 
ATOM   70   O OD2 . ASP A 1 13  ? 2.324   15.959  13.761  1.00 44.14  ? 273 ASP A OD2 1 
ATOM   71   N N   . HIS A 1 14  ? -2.028  14.198  10.913  1.00 40.35  ? 274 HIS A N   1 
ATOM   72   C CA  . HIS A 1 14  ? -2.743  13.456  9.855   1.00 36.99  ? 274 HIS A CA  1 
ATOM   73   C C   . HIS A 1 14  ? -2.796  14.347  8.627   1.00 38.48  ? 274 HIS A C   1 
ATOM   74   O O   . HIS A 1 14  ? -2.453  15.536  8.747   1.00 35.34  ? 274 HIS A O   1 
ATOM   75   C CB  . HIS A 1 14  ? -4.117  13.038  10.374  1.00 37.46  ? 274 HIS A CB  1 
ATOM   76   C CG  . HIS A 1 14  ? -4.977  14.190  10.756  1.00 36.65  ? 274 HIS A CG  1 
ATOM   77   N ND1 . HIS A 1 14  ? -4.977  14.707  12.042  1.00 37.86  ? 274 HIS A ND1 1 
ATOM   78   C CD2 . HIS A 1 14  ? -5.886  14.897  10.048  1.00 32.64  ? 274 HIS A CD2 1 
ATOM   79   C CE1 . HIS A 1 14  ? -5.862  15.686  12.101  1.00 40.46  ? 274 HIS A CE1 1 
ATOM   80   N NE2 . HIS A 1 14  ? -6.445  15.798  10.902  1.00 35.55  ? 274 HIS A NE2 1 
ATOM   81   N N   . VAL A 1 15  ? -3.163  13.780  7.485   1.00 35.44  ? 275 VAL A N   1 
ATOM   82   C CA  . VAL A 1 15  ? -3.370  14.571  6.243   1.00 35.45  ? 275 VAL A CA  1 
ATOM   83   C C   . VAL A 1 15  ? -4.874  14.722  6.057   1.00 34.43  ? 275 VAL A C   1 
ATOM   84   O O   . VAL A 1 15  ? -5.629  13.831  6.488   1.00 35.60  ? 275 VAL A O   1 
ATOM   85   C CB  . VAL A 1 15  ? -2.653  13.906  5.060   1.00 38.73  ? 275 VAL A CB  1 
ATOM   86   C CG1 . VAL A 1 15  ? -3.115  14.443  3.719   1.00 38.99  ? 275 VAL A CG1 1 
ATOM   87   C CG2 . VAL A 1 15  ? -1.144  14.066  5.201   1.00 40.13  ? 275 VAL A CG2 1 
ATOM   88   N N   . VAL A 1 16  ? -5.308  15.829  5.484   1.00 34.87  ? 276 VAL A N   1 
ATOM   89   C CA  . VAL A 1 16  ? -6.754  15.977  5.194   1.00 36.75  ? 276 VAL A CA  1 
ATOM   90   C C   . VAL A 1 16  ? -6.900  16.099  3.682   1.00 34.04  ? 276 VAL A C   1 
ATOM   91   O O   . VAL A 1 16  ? -5.986  16.641  3.001   1.00 35.17  ? 276 VAL A O   1 
ATOM   92   C CB  . VAL A 1 16  ? -7.434  17.083  6.030   1.00 43.93  ? 276 VAL A CB  1 
ATOM   93   C CG1 . VAL A 1 16  ? -6.456  17.793  6.962   1.00 46.79  ? 276 VAL A CG1 1 
ATOM   94   C CG2 . VAL A 1 16  ? -8.220  18.084  5.204   1.00 43.68  ? 276 VAL A CG2 1 
ATOM   95   N N   . ALA A 1 17  ? -7.954  15.471  3.190   1.00 30.31  ? 277 ALA A N   1 
ATOM   96   C CA  . ALA A 1 17  ? -8.294  15.442  1.764   1.00 33.89  ? 277 ALA A CA  1 
ATOM   97   C C   . ALA A 1 17  ? -9.791  15.696  1.601   1.00 35.64  ? 277 ALA A C   1 
ATOM   98   O O   . ALA A 1 17  ? -10.558 15.450  2.563   1.00 36.00  ? 277 ALA A O   1 
ATOM   99   C CB  . ALA A 1 17  ? -7.885  14.118  1.181   1.00 33.65  ? 277 ALA A CB  1 
ATOM   100  N N   . ARG A 1 18  ? -10.160 16.215  0.433   1.00 36.87  ? 278 ARG A N   1 
ATOM   101  C CA  . ARG A 1 18  ? -11.565 16.374  0.005   1.00 38.09  ? 278 ARG A CA  1 
ATOM   102  C C   . ARG A 1 18  ? -11.785 15.488  -1.227  1.00 36.39  ? 278 ARG A C   1 
ATOM   103  O O   . ARG A 1 18  ? -11.044 15.628  -2.228  1.00 34.59  ? 278 ARG A O   1 
ATOM   104  C CB  . ARG A 1 18  ? -11.902 17.848  -0.252  1.00 38.98  ? 278 ARG A CB  1 
ATOM   105  C CG  . ARG A 1 18  ? -13.311 18.067  -0.814  1.00 45.00  ? 278 ARG A CG  1 
ATOM   106  C CD  . ARG A 1 18  ? -13.952 19.418  -0.555  1.00 45.40  ? 278 ARG A CD  1 
ATOM   107  N NE  . ARG A 1 18  ? -13.004 20.507  -0.740  1.00 57.55  ? 278 ARG A NE  1 
ATOM   108  C CZ  . ARG A 1 18  ? -12.571 21.347  0.211   1.00 59.10  ? 278 ARG A CZ  1 
ATOM   109  N NH1 . ARG A 1 18  ? -13.032 21.272  1.451   1.00 61.14  ? 278 ARG A NH1 1 
ATOM   110  N NH2 . ARG A 1 18  ? -11.669 22.266  -0.094  1.00 54.81  ? 278 ARG A NH2 1 
ATOM   111  N N   . ALA A 1 19  ? -12.763 14.597  -1.146  1.00 36.16  ? 279 ALA A N   1 
ATOM   112  C CA  . ALA A 1 19  ? -13.236 13.763  -2.268  1.00 39.47  ? 279 ALA A CA  1 
ATOM   113  C C   . ALA A 1 19  ? -13.672 14.667  -3.431  1.00 40.91  ? 279 ALA A C   1 
ATOM   114  O O   . ALA A 1 19  ? -14.414 15.621  -3.173  1.00 42.28  ? 279 ALA A O   1 
ATOM   115  C CB  . ALA A 1 19  ? -14.362 12.896  -1.770  1.00 40.55  ? 279 ALA A CB  1 
ATOM   116  N N   . GLU A 1 20  ? -13.191 14.387  -4.642  1.00 42.68  ? 280 GLU A N   1 
ATOM   117  C CA  . GLU A 1 20  ? -13.623 15.040  -5.905  1.00 45.91  ? 280 GLU A CA  1 
ATOM   118  C C   . GLU A 1 20  ? -14.785 14.251  -6.507  1.00 40.15  ? 280 GLU A C   1 
ATOM   119  O O   . GLU A 1 20  ? -15.560 14.847  -7.244  1.00 41.45  ? 280 GLU A O   1 
ATOM   120  C CB  . GLU A 1 20  ? -12.542 15.054  -6.993  1.00 55.60  ? 280 GLU A CB  1 
ATOM   121  C CG  . GLU A 1 20  ? -11.246 15.745  -6.609  1.00 65.39  ? 280 GLU A CG  1 
ATOM   122  C CD  . GLU A 1 20  ? -11.261 17.263  -6.632  1.00 73.57  ? 280 GLU A CD  1 
ATOM   123  O OE1 . GLU A 1 20  ? -12.327 17.833  -6.932  1.00 78.90  ? 280 GLU A OE1 1 
ATOM   124  O OE2 . GLU A 1 20  ? -10.203 17.864  -6.336  1.00 79.97  ? 280 GLU A OE2 1 
ATOM   125  N N   . TYR A 1 21  ? -14.843 12.943  -6.273  1.00 36.10  ? 281 TYR A N   1 
ATOM   126  C CA  . TYR A 1 21  ? -15.845 12.038  -6.883  1.00 38.44  ? 281 TYR A CA  1 
ATOM   127  C C   . TYR A 1 21  ? -16.436 11.126  -5.824  1.00 35.41  ? 281 TYR A C   1 
ATOM   128  O O   . TYR A 1 21  ? -15.789 10.909  -4.791  1.00 37.48  ? 281 TYR A O   1 
ATOM   129  C CB  . TYR A 1 21  ? -15.224 11.165  -7.973  1.00 40.15  ? 281 TYR A CB  1 
ATOM   130  C CG  . TYR A 1 21  ? -14.408 11.937  -8.968  1.00 41.74  ? 281 TYR A CG  1 
ATOM   131  C CD1 . TYR A 1 21  ? -15.011 12.706  -9.947  1.00 47.70  ? 281 TYR A CD1 1 
ATOM   132  C CD2 . TYR A 1 21  ? -13.026 11.907  -8.920  1.00 44.83  ? 281 TYR A CD2 1 
ATOM   133  C CE1 . TYR A 1 21  ? -14.255 13.428  -10.861 1.00 52.80  ? 281 TYR A CE1 1 
ATOM   134  C CE2 . TYR A 1 21  ? -12.255 12.621  -9.821  1.00 49.69  ? 281 TYR A CE2 1 
ATOM   135  C CZ  . TYR A 1 21  ? -12.871 13.388  -10.791 1.00 53.35  ? 281 TYR A CZ  1 
ATOM   136  O OH  . TYR A 1 21  ? -12.091 14.080  -11.669 1.00 59.04  ? 281 TYR A OH  1 
ATOM   137  N N   . ASP A 1 22  ? -17.624 10.614  -6.113  1.00 33.67  ? 282 ASP A N   1 
ATOM   138  C CA  . ASP A 1 22  ? -18.268 9.546   -5.324  1.00 35.13  ? 282 ASP A CA  1 
ATOM   139  C C   . ASP A 1 22  ? -17.477 8.271   -5.564  1.00 35.33  ? 282 ASP A C   1 
ATOM   140  O O   . ASP A 1 22  ? -16.971 8.094   -6.681  1.00 35.22  ? 282 ASP A O   1 
ATOM   141  C CB  . ASP A 1 22  ? -19.715 9.288   -5.741  1.00 39.93  ? 282 ASP A CB  1 
ATOM   142  C CG  . ASP A 1 22  ? -20.684 10.435  -5.554  1.00 40.62  ? 282 ASP A CG  1 
ATOM   143  O OD1 . ASP A 1 22  ? -20.396 11.329  -4.751  1.00 40.41  ? 282 ASP A OD1 1 
ATOM   144  O OD2 . ASP A 1 22  ? -21.724 10.399  -6.204  1.00 48.98  ? 282 ASP A OD2 1 
ATOM   145  N N   . PHE A 1 23  ? -17.422 7.411   -4.552  1.00 35.28  ? 283 PHE A N   1 
ATOM   146  C CA  . PHE A 1 23  ? -16.674 6.143   -4.588  1.00 34.48  ? 283 PHE A CA  1 
ATOM   147  C C   . PHE A 1 23  ? -17.341 5.128   -3.668  1.00 34.72  ? 283 PHE A C   1 
ATOM   148  O O   . PHE A 1 23  ? -17.428 5.384   -2.436  1.00 37.03  ? 283 PHE A O   1 
ATOM   149  C CB  . PHE A 1 23  ? -15.237 6.362   -4.121  1.00 33.11  ? 283 PHE A CB  1 
ATOM   150  C CG  . PHE A 1 23  ? -14.490 5.066   -4.011  1.00 33.06  ? 283 PHE A CG  1 
ATOM   151  C CD1 . PHE A 1 23  ? -14.094 4.388   -5.162  1.00 32.92  ? 283 PHE A CD1 1 
ATOM   152  C CD2 . PHE A 1 23  ? -14.291 4.468   -2.779  1.00 32.09  ? 283 PHE A CD2 1 
ATOM   153  C CE1 . PHE A 1 23  ? -13.416 3.186   -5.076  1.00 34.07  ? 283 PHE A CE1 1 
ATOM   154  C CE2 . PHE A 1 23  ? -13.617 3.258   -2.699  1.00 34.82  ? 283 PHE A CE2 1 
ATOM   155  C CZ  . PHE A 1 23  ? -13.170 2.624   -3.843  1.00 33.62  ? 283 PHE A CZ  1 
ATOM   156  N N   . ALA A 1 24  ? -17.772 4.003   -4.241  1.00 34.29  ? 284 ALA A N   1 
ATOM   157  C CA  . ALA A 1 24  ? -18.330 2.847   -3.496  1.00 35.42  ? 284 ALA A CA  1 
ATOM   158  C C   . ALA A 1 24  ? -17.243 1.785   -3.370  1.00 33.59  ? 284 ALA A C   1 
ATOM   159  O O   . ALA A 1 24  ? -16.672 1.399   -4.414  1.00 33.00  ? 284 ALA A O   1 
ATOM   160  C CB  . ALA A 1 24  ? -19.562 2.308   -4.184  1.00 36.01  ? 284 ALA A CB  1 
ATOM   161  N N   . ALA A 1 25  ? -16.932 1.387   -2.142  1.00 30.58  ? 285 ALA A N   1 
ATOM   162  C CA  . ALA A 1 25  ? -15.949 0.319   -1.866  1.00 36.66  ? 285 ALA A CA  1 
ATOM   163  C C   . ALA A 1 25  ? -16.430 -0.955  -2.555  1.00 37.20  ? 285 ALA A C   1 
ATOM   164  O O   . ALA A 1 25  ? -17.644 -1.194  -2.461  1.00 35.38  ? 285 ALA A O   1 
ATOM   165  C CB  . ALA A 1 25  ? -15.819 0.123   -0.366  1.00 39.62  ? 285 ALA A CB  1 
ATOM   166  N N   . VAL A 1 26  ? -15.564 -1.730  -3.216  1.00 37.54  ? 286 VAL A N   1 
ATOM   167  C CA  . VAL A 1 26  ? -16.005 -3.060  -3.746  1.00 41.18  ? 286 VAL A CA  1 
ATOM   168  C C   . VAL A 1 26  ? -15.501 -4.189  -2.840  1.00 42.14  ? 286 VAL A C   1 
ATOM   169  O O   . VAL A 1 26  ? -16.189 -5.210  -2.792  1.00 49.35  ? 286 VAL A O   1 
ATOM   170  C CB  . VAL A 1 26  ? -15.749 -3.321  -5.249  1.00 39.21  ? 286 VAL A CB  1 
ATOM   171  C CG1 . VAL A 1 26  ? -15.843 -2.045  -6.070  1.00 39.11  ? 286 VAL A CG1 1 
ATOM   172  C CG2 . VAL A 1 26  ? -14.491 -4.103  -5.551  1.00 40.92  ? 286 VAL A CG2 1 
ATOM   173  N N   . SER A 1 27  ? -14.422 -3.982  -2.093  1.00 43.87  ? 287 SER A N   1 
ATOM   174  C CA  . SER A 1 27  ? -13.933 -4.940  -1.072  1.00 47.59  ? 287 SER A CA  1 
ATOM   175  C C   . SER A 1 27  ? -13.999 -4.303  0.314   1.00 48.51  ? 287 SER A C   1 
ATOM   176  O O   . SER A 1 27  ? -14.145 -3.065  0.419   1.00 44.10  ? 287 SER A O   1 
ATOM   177  C CB  . SER A 1 27  ? -12.548 -5.420  -1.393  1.00 48.34  ? 287 SER A CB  1 
ATOM   178  O OG  . SER A 1 27  ? -11.595 -4.382  -1.210  1.00 55.43  ? 287 SER A OG  1 
ATOM   179  N N   . GLU A 1 28  ? -13.853 -5.150  1.329   1.00 59.38  ? 288 GLU A N   1 
ATOM   180  C CA  . GLU A 1 28  ? -13.854 -4.767  2.765   1.00 62.12  ? 288 GLU A CA  1 
ATOM   181  C C   . GLU A 1 28  ? -12.598 -3.945  3.076   1.00 51.96  ? 288 GLU A C   1 
ATOM   182  O O   . GLU A 1 28  ? -12.587 -3.297  4.111   1.00 48.71  ? 288 GLU A O   1 
ATOM   183  C CB  . GLU A 1 28  ? -13.898 -6.019  3.650   1.00 74.20  ? 288 GLU A CB  1 
ATOM   184  C CG  . GLU A 1 28  ? -15.020 -6.987  3.309   1.00 85.37  ? 288 GLU A CG  1 
ATOM   185  C CD  . GLU A 1 28  ? -15.703 -7.620  4.513   1.00 96.99  ? 288 GLU A CD  1 
ATOM   186  O OE1 . GLU A 1 28  ? -15.548 -8.842  4.710   1.00 98.83  ? 288 GLU A OE1 1 
ATOM   187  O OE2 . GLU A 1 28  ? -16.391 -6.882  5.252   1.00 102.15 ? 288 GLU A OE2 1 
ATOM   188  N N   . GLU A 1 29  ? -11.571 -4.013  2.222   1.00 44.93  ? 289 GLU A N   1 
ATOM   189  C CA  . GLU A 1 29  ? -10.283 -3.298  2.399   1.00 39.22  ? 289 GLU A CA  1 
ATOM   190  C C   . GLU A 1 29  ? -10.473 -1.806  2.123   1.00 37.45  ? 289 GLU A C   1 
ATOM   191  O O   . GLU A 1 29  ? -9.588  -1.027  2.469   1.00 36.23  ? 289 GLU A O   1 
ATOM   192  C CB  . GLU A 1 29  ? -9.227  -3.880  1.464   1.00 45.59  ? 289 GLU A CB  1 
ATOM   193  C CG  . GLU A 1 29  ? -8.816  -5.303  1.798   1.00 52.18  ? 289 GLU A CG  1 
ATOM   194  C CD  . GLU A 1 29  ? -7.960  -5.372  3.050   1.00 62.39  ? 289 GLU A CD  1 
ATOM   195  O OE1 . GLU A 1 29  ? -6.786  -4.867  3.010   1.00 73.84  ? 289 GLU A OE1 1 
ATOM   196  O OE2 . GLU A 1 29  ? -8.487  -5.848  4.083   1.00 64.26  ? 289 GLU A OE2 1 
ATOM   197  N N   . GLU A 1 30  ? -11.579 -1.427  1.483   1.00 33.73  ? 290 GLU A N   1 
ATOM   198  C CA  . GLU A 1 30  ? -11.793 -0.067  0.932   1.00 31.53  ? 290 GLU A CA  1 
ATOM   199  C C   . GLU A 1 30  ? -12.871 0.635   1.770   1.00 30.61  ? 290 GLU A C   1 
ATOM   200  O O   . GLU A 1 30  ? -13.650 -0.052  2.429   1.00 33.29  ? 290 GLU A O   1 
ATOM   201  C CB  . GLU A 1 30  ? -12.214 -0.184  -0.538  1.00 29.21  ? 290 GLU A CB  1 
ATOM   202  C CG  . GLU A 1 30  ? -11.261 -0.998  -1.370  1.00 29.52  ? 290 GLU A CG  1 
ATOM   203  C CD  . GLU A 1 30  ? -11.813 -1.516  -2.688  1.00 30.52  ? 290 GLU A CD  1 
ATOM   204  O OE1 . GLU A 1 30  ? -12.856 -1.022  -3.149  1.00 30.82  ? 290 GLU A OE1 1 
ATOM   205  O OE2 . GLU A 1 30  ? -11.210 -2.428  -3.237  1.00 30.20  ? 290 GLU A OE2 1 
ATOM   206  N N   . ILE A 1 31  ? -12.939 1.957   1.723   1.00 29.77  ? 291 ILE A N   1 
ATOM   207  C CA  . ILE A 1 31  ? -14.037 2.711   2.377   1.00 34.07  ? 291 ILE A CA  1 
ATOM   208  C C   . ILE A 1 31  ? -14.735 3.584   1.325   1.00 35.24  ? 291 ILE A C   1 
ATOM   209  O O   . ILE A 1 31  ? -14.060 4.153   0.429   1.00 32.64  ? 291 ILE A O   1 
ATOM   210  C CB  . ILE A 1 31  ? -13.523 3.530   3.591   1.00 39.31  ? 291 ILE A CB  1 
ATOM   211  C CG1 . ILE A 1 31  ? -12.467 4.550   3.201   1.00 39.50  ? 291 ILE A CG1 1 
ATOM   212  C CG2 . ILE A 1 31  ? -13.010 2.638   4.731   1.00 35.53  ? 291 ILE A CG2 1 
ATOM   213  C CD1 . ILE A 1 31  ? -12.420 5.663   4.174   1.00 44.50  ? 291 ILE A CD1 1 
ATOM   214  N N   . SER A 1 32  ? -16.059 3.665   1.434   1.00 31.66  ? 292 SER A N   1 
ATOM   215  C CA  . SER A 1 32  ? -16.915 4.482   0.549   1.00 31.26  ? 292 SER A CA  1 
ATOM   216  C C   . SER A 1 32  ? -16.858 5.945   0.987   1.00 31.03  ? 292 SER A C   1 
ATOM   217  O O   . SER A 1 32  ? -16.624 6.225   2.181   1.00 33.64  ? 292 SER A O   1 
ATOM   218  C CB  . SER A 1 32  ? -18.309 3.943   0.541   1.00 29.04  ? 292 SER A CB  1 
ATOM   219  O OG  . SER A 1 32  ? -18.280 2.565   0.197   1.00 30.74  ? 292 SER A OG  1 
ATOM   220  N N   . PHE A 1 33  ? -17.120 6.851   0.054   1.00 34.01  ? 293 PHE A N   1 
ATOM   221  C CA  . PHE A 1 33  ? -17.315 8.290   0.341   1.00 33.23  ? 293 PHE A CA  1 
ATOM   222  C C   . PHE A 1 33  ? -18.067 8.946   -0.817  1.00 35.68  ? 293 PHE A C   1 
ATOM   223  O O   . PHE A 1 33  ? -18.264 8.324   -1.885  1.00 33.72  ? 293 PHE A O   1 
ATOM   224  C CB  . PHE A 1 33  ? -15.962 8.950   0.602   1.00 35.09  ? 293 PHE A CB  1 
ATOM   225  C CG  . PHE A 1 33  ? -14.927 8.725   -0.468  1.00 32.13  ? 293 PHE A CG  1 
ATOM   226  C CD1 . PHE A 1 33  ? -14.853 9.579   -1.555  1.00 33.73  ? 293 PHE A CD1 1 
ATOM   227  C CD2 . PHE A 1 33  ? -14.029 7.677   -0.381  1.00 32.19  ? 293 PHE A CD2 1 
ATOM   228  C CE1 . PHE A 1 33  ? -13.898 9.373   -2.540  1.00 35.93  ? 293 PHE A CE1 1 
ATOM   229  C CE2 . PHE A 1 33  ? -13.074 7.475   -1.369  1.00 32.34  ? 293 PHE A CE2 1 
ATOM   230  C CZ  . PHE A 1 33  ? -13.000 8.332   -2.433  1.00 33.63  ? 293 PHE A CZ  1 
ATOM   231  N N   . ARG A 1 34  ? -18.487 10.187  -0.582  1.00 39.01  ? 294 ARG A N   1 
ATOM   232  C CA  . ARG A 1 34  ? -19.201 11.036  -1.559  1.00 36.06  ? 294 ARG A CA  1 
ATOM   233  C C   . ARG A 1 34  ? -18.302 12.217  -1.920  1.00 35.80  ? 294 ARG A C   1 
ATOM   234  O O   . ARG A 1 34  ? -17.505 12.675  -1.060  1.00 31.78  ? 294 ARG A O   1 
ATOM   235  C CB  . ARG A 1 34  ? -20.508 11.540  -0.951  1.00 40.50  ? 294 ARG A CB  1 
ATOM   236  C CG  . ARG A 1 34  ? -21.636 10.519  -0.890  1.00 41.71  ? 294 ARG A CG  1 
ATOM   237  C CD  . ARG A 1 34  ? -22.881 11.187  -0.320  1.00 44.21  ? 294 ARG A CD  1 
ATOM   238  N NE  . ARG A 1 34  ? -24.055 10.313  -0.226  1.00 51.22  ? 294 ARG A NE  1 
ATOM   239  C CZ  . ARG A 1 34  ? -24.392 9.552   0.828   1.00 54.42  ? 294 ARG A CZ  1 
ATOM   240  N NH1 . ARG A 1 34  ? -25.501 8.828   0.763   1.00 53.78  ? 294 ARG A NH1 1 
ATOM   241  N NH2 . ARG A 1 34  ? -23.632 9.490   1.922   1.00 53.11  ? 294 ARG A NH2 1 
ATOM   242  N N   . ALA A 1 35  ? -18.418 12.698  -3.151  1.00 33.68  ? 295 ALA A N   1 
ATOM   243  C CA  . ALA A 1 35  ? -17.812 13.959  -3.615  1.00 35.38  ? 295 ALA A CA  1 
ATOM   244  C C   . ALA A 1 35  ? -18.086 15.031  -2.557  1.00 35.79  ? 295 ALA A C   1 
ATOM   245  O O   . ALA A 1 35  ? -19.232 15.105  -2.065  1.00 36.26  ? 295 ALA A O   1 
ATOM   246  C CB  . ALA A 1 35  ? -18.410 14.335  -4.959  1.00 36.95  ? 295 ALA A CB  1 
ATOM   247  N N   . GLY A 1 36  ? -17.063 15.793  -2.181  1.00 37.94  ? 296 GLY A N   1 
ATOM   248  C CA  . GLY A 1 36  ? -17.155 16.867  -1.169  1.00 36.96  ? 296 GLY A CA  1 
ATOM   249  C C   . GLY A 1 36  ? -16.820 16.395  0.237   1.00 35.20  ? 296 GLY A C   1 
ATOM   250  O O   . GLY A 1 36  ? -16.545 17.240  1.073   1.00 42.05  ? 296 GLY A O   1 
ATOM   251  N N   . ASP A 1 37  ? -16.867 15.097  0.516   1.00 34.53  ? 297 ASP A N   1 
ATOM   252  C CA  . ASP A 1 37  ? -16.581 14.590  1.877   1.00 34.88  ? 297 ASP A CA  1 
ATOM   253  C C   . ASP A 1 37  ? -15.137 14.936  2.241   1.00 38.96  ? 297 ASP A C   1 
ATOM   254  O O   . ASP A 1 37  ? -14.259 14.937  1.352   1.00 35.16  ? 297 ASP A O   1 
ATOM   255  C CB  . ASP A 1 37  ? -16.784 13.082  2.003   1.00 34.86  ? 297 ASP A CB  1 
ATOM   256  C CG  . ASP A 1 37  ? -18.224 12.613  2.086   1.00 33.53  ? 297 ASP A CG  1 
ATOM   257  O OD1 . ASP A 1 37  ? -19.105 13.463  2.243   1.00 36.99  ? 297 ASP A OD1 1 
ATOM   258  O OD2 . ASP A 1 37  ? -18.447 11.384  2.027   1.00 34.19  ? 297 ASP A OD2 1 
ATOM   259  N N   . MET A 1 38  ? -14.908 15.192  3.531   1.00 40.05  ? 298 MET A N   1 
ATOM   260  C CA  . MET A 1 38  ? -13.559 15.367  4.114   1.00 39.28  ? 298 MET A CA  1 
ATOM   261  C C   . MET A 1 38  ? -13.118 14.026  4.702   1.00 37.42  ? 298 MET A C   1 
ATOM   262  O O   . MET A 1 38  ? -13.942 13.344  5.377   1.00 38.14  ? 298 MET A O   1 
ATOM   263  C CB  . MET A 1 38  ? -13.573 16.439  5.206   1.00 41.17  ? 298 MET A CB  1 
ATOM   264  C CG  . MET A 1 38  ? -14.134 17.775  4.736   1.00 41.23  ? 298 MET A CG  1 
ATOM   265  S SD  . MET A 1 38  ? -13.270 18.430  3.296   1.00 44.95  ? 298 MET A SD  1 
ATOM   266  C CE  . MET A 1 38  ? -11.576 18.537  3.855   1.00 45.80  ? 298 MET A CE  1 
ATOM   267  N N   . LEU A 1 39  ? -11.866 13.649  4.450   1.00 34.28  ? 299 LEU A N   1 
ATOM   268  C CA  . LEU A 1 39  ? -11.287 12.422  5.043   1.00 32.27  ? 299 LEU A CA  1 
ATOM   269  C C   . LEU A 1 39  ? -9.971  12.787  5.698   1.00 32.21  ? 299 LEU A C   1 
ATOM   270  O O   . LEU A 1 39  ? -9.335  13.770  5.260   1.00 33.47  ? 299 LEU A O   1 
ATOM   271  C CB  . LEU A 1 39  ? -11.085 11.346  3.975   1.00 31.68  ? 299 LEU A CB  1 
ATOM   272  C CG  . LEU A 1 39  ? -12.359 10.847  3.289   1.00 31.61  ? 299 LEU A CG  1 
ATOM   273  C CD1 . LEU A 1 39  ? -12.535 11.525  1.936   1.00 31.82  ? 299 LEU A CD1 1 
ATOM   274  C CD2 . LEU A 1 39  ? -12.322 9.342   3.119   1.00 32.83  ? 299 LEU A CD2 1 
ATOM   275  N N   . ASN A 1 40  ? -9.605  11.978  6.687   1.00 31.41  ? 300 ASN A N   1 
ATOM   276  C CA  . ASN A 1 40  ? -8.264  11.982  7.308   1.00 32.63  ? 300 ASN A CA  1 
ATOM   277  C C   . ASN A 1 40  ? -7.460  10.860  6.668   1.00 31.36  ? 300 ASN A C   1 
ATOM   278  O O   . ASN A 1 40  ? -8.015  9.787   6.439   1.00 28.97  ? 300 ASN A O   1 
ATOM   279  C CB  . ASN A 1 40  ? -8.362  11.834  8.820   1.00 35.32  ? 300 ASN A CB  1 
ATOM   280  C CG  . ASN A 1 40  ? -8.840  13.108  9.489   1.00 37.53  ? 300 ASN A CG  1 
ATOM   281  O OD1 . ASN A 1 40  ? -8.929  14.163  8.858   1.00 37.80  ? 300 ASN A OD1 1 
ATOM   282  N ND2 . ASN A 1 40  ? -9.096  13.024  10.782  1.00 40.52  ? 300 ASN A ND2 1 
ATOM   283  N N   . LEU A 1 41  ? -6.207  11.155  6.349   1.00 34.62  ? 301 LEU A N   1 
ATOM   284  C CA  . LEU A 1 41  ? -5.241  10.211  5.739   1.00 33.06  ? 301 LEU A CA  1 
ATOM   285  C C   . LEU A 1 41  ? -4.089  10.010  6.718   1.00 33.62  ? 301 LEU A C   1 
ATOM   286  O O   . LEU A 1 41  ? -3.708  10.984  7.381   1.00 37.69  ? 301 LEU A O   1 
ATOM   287  C CB  . LEU A 1 41  ? -4.750  10.786  4.415   1.00 31.10  ? 301 LEU A CB  1 
ATOM   288  C CG  . LEU A 1 41  ? -5.642  10.462  3.214   1.00 34.97  ? 301 LEU A CG  1 
ATOM   289  C CD1 . LEU A 1 41  ? -7.049  11.051  3.403   1.00 33.80  ? 301 LEU A CD1 1 
ATOM   290  C CD2 . LEU A 1 41  ? -5.008  10.956  1.916   1.00 35.50  ? 301 LEU A CD2 1 
ATOM   291  N N   . ALA A 1 42  ? -3.572  8.789   6.796   1.00 29.77  ? 302 ALA A N   1 
ATOM   292  C CA  . ALA A 1 42  ? -2.285  8.494   7.434   1.00 31.64  ? 302 ALA A CA  1 
ATOM   293  C C   . ALA A 1 42  ? -1.203  9.400   6.829   1.00 33.98  ? 302 ALA A C   1 
ATOM   294  O O   . ALA A 1 42  ? -1.285  9.711   5.631   1.00 40.50  ? 302 ALA A O   1 
ATOM   295  C CB  . ALA A 1 42  ? -1.991  7.044   7.240   1.00 32.40  ? 302 ALA A CB  1 
ATOM   296  N N   . LEU A 1 43  ? -0.237  9.848   7.633   1.00 35.28  ? 303 LEU A N   1 
ATOM   297  C CA  . LEU A 1 43  ? 0.972   10.571  7.152   1.00 33.11  ? 303 LEU A CA  1 
ATOM   298  C C   . LEU A 1 43  ? 1.719   9.651   6.187   1.00 33.51  ? 303 LEU A C   1 
ATOM   299  O O   . LEU A 1 43  ? 1.545   8.401   6.303   1.00 35.43  ? 303 LEU A O   1 
ATOM   300  C CB  . LEU A 1 43  ? 1.858   10.913  8.358   1.00 34.42  ? 303 LEU A CB  1 
ATOM   301  C CG  . LEU A 1 43  ? 1.225   11.793  9.432   1.00 35.06  ? 303 LEU A CG  1 
ATOM   302  C CD1 . LEU A 1 43  ? 2.177   12.017  10.608  1.00 36.56  ? 303 LEU A CD1 1 
ATOM   303  C CD2 . LEU A 1 43  ? 0.810   13.124  8.843   1.00 37.48  ? 303 LEU A CD2 1 
ATOM   304  N N   . LYS A 1 44  ? 2.569   10.204  5.323   1.00 38.23  ? 304 LYS A N   1 
ATOM   305  C CA  . LYS A 1 44  ? 3.309   9.390   4.316   1.00 39.31  ? 304 LYS A CA  1 
ATOM   306  C C   . LYS A 1 44  ? 4.081   8.288   5.041   1.00 35.48  ? 304 LYS A C   1 
ATOM   307  O O   . LYS A 1 44  ? 4.100   7.158   4.529   1.00 40.93  ? 304 LYS A O   1 
ATOM   308  C CB  . LYS A 1 44  ? 4.177   10.245  3.392   1.00 47.46  ? 304 LYS A CB  1 
ATOM   309  C CG  . LYS A 1 44  ? 5.079   11.268  4.052   1.00 51.95  ? 304 LYS A CG  1 
ATOM   310  C CD  . LYS A 1 44  ? 6.192   11.729  3.122   1.00 54.15  ? 304 LYS A CD  1 
ATOM   311  C CE  . LYS A 1 44  ? 5.726   12.575  1.964   1.00 57.16  ? 304 LYS A CE  1 
ATOM   312  N NZ  . LYS A 1 44  ? 6.853   12.892  1.056   1.00 64.27  ? 304 LYS A NZ  1 
ATOM   313  N N   . GLU A 1 45  ? 4.584   8.574   6.235   1.00 35.32  ? 305 GLU A N   1 
ATOM   314  C CA  . GLU A 1 45  ? 5.331   7.616   7.094   1.00 39.08  ? 305 GLU A CA  1 
ATOM   315  C C   . GLU A 1 45  ? 4.476   6.409   7.459   1.00 34.85  ? 305 GLU A C   1 
ATOM   316  O O   . GLU A 1 45  ? 5.061   5.470   7.991   1.00 32.91  ? 305 GLU A O   1 
ATOM   317  C CB  . GLU A 1 45  ? 5.664   8.160   8.492   1.00 42.46  ? 305 GLU A CB  1 
ATOM   318  C CG  . GLU A 1 45  ? 6.440   9.438   8.494   1.00 46.50  ? 305 GLU A CG  1 
ATOM   319  C CD  . GLU A 1 45  ? 5.624   10.686  8.732   1.00 42.14  ? 305 GLU A CD  1 
ATOM   320  O OE1 . GLU A 1 45  ? 5.470   11.097  9.904   1.00 46.01  ? 305 GLU A OE1 1 
ATOM   321  O OE2 . GLU A 1 45  ? 5.218   11.274  7.743   1.00 39.08  ? 305 GLU A OE2 1 
ATOM   322  N N   . GLN A 1 46  ? 3.150   6.513   7.422   1.00 35.43  ? 306 GLN A N   1 
ATOM   323  C CA  . GLN A 1 46  ? 2.249   5.416   7.845   1.00 36.75  ? 306 GLN A CA  1 
ATOM   324  C C   . GLN A 1 46  ? 1.485   4.883   6.628   1.00 35.31  ? 306 GLN A C   1 
ATOM   325  O O   . GLN A 1 46  ? 0.637   4.012   6.815   1.00 33.01  ? 306 GLN A O   1 
ATOM   326  C CB  . GLN A 1 46  ? 1.301   5.924   8.931   1.00 39.52  ? 306 GLN A CB  1 
ATOM   327  C CG  . GLN A 1 46  ? 1.982   6.732   10.035  1.00 43.87  ? 306 GLN A CG  1 
ATOM   328  C CD  . GLN A 1 46  ? 0.968   7.514   10.849  1.00 50.24  ? 306 GLN A CD  1 
ATOM   329  O OE1 . GLN A 1 46  ? 0.409   8.542   10.405  1.00 43.32  ? 306 GLN A OE1 1 
ATOM   330  N NE2 . GLN A 1 46  ? 0.693   7.008   12.046  1.00 49.35  ? 306 GLN A NE2 1 
ATOM   331  N N   . GLN A 1 47  ? 1.687   5.450   5.441   1.00 32.72  ? 307 GLN A N   1 
ATOM   332  C CA  . GLN A 1 47  ? 0.948   5.023   4.223   1.00 32.49  ? 307 GLN A CA  1 
ATOM   333  C C   . GLN A 1 47  ? 1.484   3.676   3.731   1.00 30.17  ? 307 GLN A C   1 
ATOM   334  O O   . GLN A 1 47  ? 2.686   3.506   3.554   1.00 31.02  ? 307 GLN A O   1 
ATOM   335  C CB  . GLN A 1 47  ? 1.083   6.086   3.136   1.00 32.59  ? 307 GLN A CB  1 
ATOM   336  C CG  . GLN A 1 47  ? 0.133   7.260   3.295   1.00 32.19  ? 307 GLN A CG  1 
ATOM   337  C CD  . GLN A 1 47  ? -1.320  6.902   3.141   1.00 30.85  ? 307 GLN A CD  1 
ATOM   338  O OE1 . GLN A 1 47  ? -1.686  5.894   2.550   1.00 30.20  ? 307 GLN A OE1 1 
ATOM   339  N NE2 . GLN A 1 47  ? -2.171  7.759   3.673   1.00 32.53  ? 307 GLN A NE2 1 
ATOM   340  N N   . PRO A 1 48  ? 0.617   2.688   3.429   1.00 30.39  ? 308 PRO A N   1 
ATOM   341  C CA  . PRO A 1 48  ? 1.054   1.477   2.743   1.00 31.05  ? 308 PRO A CA  1 
ATOM   342  C C   . PRO A 1 48  ? 1.277   1.741   1.247   1.00 30.00  ? 308 PRO A C   1 
ATOM   343  O O   . PRO A 1 48  ? 0.679   2.636   0.692   1.00 32.15  ? 308 PRO A O   1 
ATOM   344  C CB  . PRO A 1 48  ? -0.116  0.517   2.997   1.00 33.18  ? 308 PRO A CB  1 
ATOM   345  C CG  . PRO A 1 48  ? -1.320  1.430   3.004   1.00 31.88  ? 308 PRO A CG  1 
ATOM   346  C CD  . PRO A 1 48  ? -0.832  2.706   3.658   1.00 31.56  ? 308 PRO A CD  1 
ATOM   347  N N   . LYS A 1 49  ? 2.147   0.953   0.627   1.00 31.82  ? 309 LYS A N   1 
ATOM   348  C CA  . LYS A 1 49  ? 2.380   0.953   -0.847  1.00 33.57  ? 309 LYS A CA  1 
ATOM   349  C C   . LYS A 1 49  ? 1.389   0.004   -1.516  1.00 31.89  ? 309 LYS A C   1 
ATOM   350  O O   . LYS A 1 49  ? 1.601   -1.241  -1.509  1.00 29.77  ? 309 LYS A O   1 
ATOM   351  C CB  . LYS A 1 49  ? 3.827   0.601   -1.190  1.00 36.36  ? 309 LYS A CB  1 
ATOM   352  C CG  . LYS A 1 49  ? 4.793   1.703   -0.791  1.00 40.05  ? 309 LYS A CG  1 
ATOM   353  C CD  . LYS A 1 49  ? 6.256   1.343   -0.923  1.00 46.72  ? 309 LYS A CD  1 
ATOM   354  C CE  . LYS A 1 49  ? 6.687   0.992   -2.334  1.00 46.58  ? 309 LYS A CE  1 
ATOM   355  N NZ  . LYS A 1 49  ? 6.633   2.170   -3.228  1.00 47.19  ? 309 LYS A NZ  1 
ATOM   356  N N   . VAL A 1 50  ? 0.329   0.577   -2.072  1.00 28.02  ? 310 VAL A N   1 
ATOM   357  C CA  . VAL A 1 50  ? -0.674  -0.161  -2.893  1.00 28.97  ? 310 VAL A CA  1 
ATOM   358  C C   . VAL A 1 50  ? -0.978  0.743   -4.084  1.00 29.17  ? 310 VAL A C   1 
ATOM   359  O O   . VAL A 1 50  ? -1.641  1.755   -3.844  1.00 26.40  ? 310 VAL A O   1 
ATOM   360  C CB  . VAL A 1 50  ? -1.948  -0.469  -2.084  1.00 29.37  ? 310 VAL A CB  1 
ATOM   361  C CG1 . VAL A 1 50  ? -2.881  -1.415  -2.831  1.00 29.73  ? 310 VAL A CG1 1 
ATOM   362  C CG2 . VAL A 1 50  ? -1.641  -0.987  -0.676  1.00 28.52  ? 310 VAL A CG2 1 
ATOM   363  N N   . ARG A 1 51  ? -0.450  0.443   -5.276  1.00 30.64  ? 311 ARG A N   1 
ATOM   364  C CA  . ARG A 1 51  ? -0.454  1.403   -6.417  1.00 32.93  ? 311 ARG A CA  1 
ATOM   365  C C   . ARG A 1 51  ? -1.875  1.934   -6.647  1.00 29.12  ? 311 ARG A C   1 
ATOM   366  O O   . ARG A 1 51  ? -2.791  1.140   -6.866  1.00 30.61  ? 311 ARG A O   1 
ATOM   367  C CB  . ARG A 1 51  ? 0.080   0.768   -7.700  1.00 39.40  ? 311 ARG A CB  1 
ATOM   368  C CG  . ARG A 1 51  ? 1.580   0.520   -7.721  1.00 50.10  ? 311 ARG A CG  1 
ATOM   369  C CD  . ARG A 1 51  ? 1.983   -0.341  -8.918  1.00 59.41  ? 311 ARG A CD  1 
ATOM   370  N NE  . ARG A 1 51  ? 2.994   -1.338  -8.578  1.00 64.37  ? 311 ARG A NE  1 
ATOM   371  C CZ  . ARG A 1 51  ? 4.310   -1.119  -8.571  1.00 67.68  ? 311 ARG A CZ  1 
ATOM   372  N NH1 . ARG A 1 51  ? 5.142   -2.094  -8.232  1.00 69.93  ? 311 ARG A NH1 1 
ATOM   373  N NH2 . ARG A 1 51  ? 4.785   0.076   -8.890  1.00 62.91  ? 311 ARG A NH2 1 
ATOM   374  N N   . GLY A 1 52  ? -2.036  3.244   -6.607  1.00 28.45  ? 312 GLY A N   1 
ATOM   375  C CA  . GLY A 1 52  ? -3.288  3.949   -6.924  1.00 29.80  ? 312 GLY A CA  1 
ATOM   376  C C   . GLY A 1 52  ? -4.166  4.177   -5.703  1.00 28.70  ? 312 GLY A C   1 
ATOM   377  O O   . GLY A 1 52  ? -5.215  4.786   -5.888  1.00 29.92  ? 312 GLY A O   1 
ATOM   378  N N   . TRP A 1 53  ? -3.746  3.721   -4.518  1.00 26.36  ? 313 TRP A N   1 
ATOM   379  C CA  . TRP A 1 53  ? -4.540  3.805   -3.270  1.00 28.72  ? 313 TRP A CA  1 
ATOM   380  C C   . TRP A 1 53  ? -3.804  4.604   -2.191  1.00 29.53  ? 313 TRP A C   1 
ATOM   381  O O   . TRP A 1 53  ? -2.569  4.599   -2.169  1.00 28.25  ? 313 TRP A O   1 
ATOM   382  C CB  . TRP A 1 53  ? -4.848  2.407   -2.729  1.00 29.96  ? 313 TRP A CB  1 
ATOM   383  C CG  . TRP A 1 53  ? -5.640  1.533   -3.640  1.00 31.01  ? 313 TRP A CG  1 
ATOM   384  C CD1 . TRP A 1 53  ? -5.155  0.641   -4.550  1.00 32.43  ? 313 TRP A CD1 1 
ATOM   385  C CD2 . TRP A 1 53  ? -7.070  1.412   -3.687  1.00 31.03  ? 313 TRP A CD2 1 
ATOM   386  N NE1 . TRP A 1 53  ? -6.183  -0.018  -5.174  1.00 31.29  ? 313 TRP A NE1 1 
ATOM   387  C CE2 . TRP A 1 53  ? -7.370  0.457   -4.688  1.00 31.54  ? 313 TRP A CE2 1 
ATOM   388  C CE3 . TRP A 1 53  ? -8.120  2.055   -3.025  1.00 29.84  ? 313 TRP A CE3 1 
ATOM   389  C CZ2 . TRP A 1 53  ? -8.674  0.081   -4.990  1.00 29.45  ? 313 TRP A CZ2 1 
ATOM   390  C CZ3 . TRP A 1 53  ? -9.408  1.711   -3.347  1.00 30.75  ? 313 TRP A CZ3 1 
ATOM   391  C CH2 . TRP A 1 53  ? -9.677  0.736   -4.317  1.00 31.66  ? 313 TRP A CH2 1 
ATOM   392  N N   . LEU A 1 54  ? -4.580  5.190   -1.282  1.00 29.67  ? 314 LEU A N   1 
ATOM   393  C CA  . LEU A 1 54  ? -4.103  5.739   0.010   1.00 30.81  ? 314 LEU A CA  1 
ATOM   394  C C   . LEU A 1 54  ? -4.956  5.180   1.160   1.00 30.67  ? 314 LEU A C   1 
ATOM   395  O O   . LEU A 1 54  ? -6.130  4.847   0.931   1.00 27.81  ? 314 LEU A O   1 
ATOM   396  C CB  . LEU A 1 54  ? -4.213  7.264   -0.076  1.00 31.31  ? 314 LEU A CB  1 
ATOM   397  C CG  . LEU A 1 54  ? -3.283  7.921   -1.087  1.00 31.05  ? 314 LEU A CG  1 
ATOM   398  C CD1 . LEU A 1 54  ? -3.608  9.399   -1.239  1.00 29.96  ? 314 LEU A CD1 1 
ATOM   399  C CD2 . LEU A 1 54  ? -1.825  7.700   -0.706  1.00 31.01  ? 314 LEU A CD2 1 
ATOM   400  N N   . LEU A 1 55  ? -4.377  5.098   2.351   1.00 31.05  ? 315 LEU A N   1 
ATOM   401  C CA  . LEU A 1 55  ? -5.085  4.720   3.597   1.00 29.94  ? 315 LEU A CA  1 
ATOM   402  C C   . LEU A 1 55  ? -5.776  5.957   4.181   1.00 30.70  ? 315 LEU A C   1 
ATOM   403  O O   . LEU A 1 55  ? -5.093  6.978   4.376   1.00 30.18  ? 315 LEU A O   1 
ATOM   404  C CB  . LEU A 1 55  ? -4.057  4.195   4.594   1.00 30.14  ? 315 LEU A CB  1 
ATOM   405  C CG  . LEU A 1 55  ? -4.647  3.641   5.889   1.00 30.68  ? 315 LEU A CG  1 
ATOM   406  C CD1 . LEU A 1 55  ? -5.625  2.506   5.596   1.00 28.54  ? 315 LEU A CD1 1 
ATOM   407  C CD2 . LEU A 1 55  ? -3.529  3.184   6.808   1.00 28.57  ? 315 LEU A CD2 1 
ATOM   408  N N   . ALA A 1 56  ? -7.071  5.863   4.466   1.00 31.24  ? 316 ALA A N   1 
ATOM   409  C CA  . ALA A 1 56  ? -7.895  7.008   4.911   1.00 30.24  ? 316 ALA A CA  1 
ATOM   410  C C   . ALA A 1 56  ? -8.972  6.553   5.908   1.00 28.83  ? 316 ALA A C   1 
ATOM   411  O O   . ALA A 1 56  ? -9.166  5.333   6.090   1.00 26.63  ? 316 ALA A O   1 
ATOM   412  C CB  . ALA A 1 56  ? -8.493  7.658   3.688   1.00 28.76  ? 316 ALA A CB  1 
ATOM   413  N N   . SER A 1 57  ? -9.656  7.526   6.508   1.00 29.48  ? 317 SER A N   1 
ATOM   414  C CA  . SER A 1 57  ? -10.837 7.336   7.388   1.00 31.48  ? 317 SER A CA  1 
ATOM   415  C C   . SER A 1 57  ? -11.862 8.409   7.062   1.00 30.57  ? 317 SER A C   1 
ATOM   416  O O   . SER A 1 57  ? -11.480 9.604   6.927   1.00 30.01  ? 317 SER A O   1 
ATOM   417  C CB  . SER A 1 57  ? -10.464 7.397   8.865   1.00 33.13  ? 317 SER A CB  1 
ATOM   418  O OG  . SER A 1 57  ? -11.566 7.047   9.689   1.00 29.97  ? 317 SER A OG  1 
ATOM   419  N N   . LEU A 1 58  ? -13.117 7.998   6.918   1.00 32.65  ? 318 LEU A N   1 
ATOM   420  C CA  . LEU A 1 58  ? -14.244 8.945   6.755   1.00 34.13  ? 318 LEU A CA  1 
ATOM   421  C C   . LEU A 1 58  ? -14.829 9.261   8.139   1.00 31.43  ? 318 LEU A C   1 
ATOM   422  O O   . LEU A 1 58  ? -15.174 10.409  8.360   1.00 32.97  ? 318 LEU A O   1 
ATOM   423  C CB  . LEU A 1 58  ? -15.297 8.306   5.845   1.00 34.55  ? 318 LEU A CB  1 
ATOM   424  C CG  . LEU A 1 58  ? -16.533 9.173   5.596   1.00 34.56  ? 318 LEU A CG  1 
ATOM   425  C CD1 . LEU A 1 58  ? -16.178 10.403  4.761   1.00 34.27  ? 318 LEU A CD1 1 
ATOM   426  C CD2 . LEU A 1 58  ? -17.630 8.352   4.923   1.00 35.11  ? 318 LEU A CD2 1 
ATOM   427  N N   . ASP A 1 59  ? -14.934 8.259   9.008   1.00 30.86  ? 319 ASP A N   1 
ATOM   428  C CA  . ASP A 1 59  ? -15.763 8.306   10.242  1.00 33.82  ? 319 ASP A CA  1 
ATOM   429  C C   . ASP A 1 59  ? -14.885 8.497   11.488  1.00 35.37  ? 319 ASP A C   1 
ATOM   430  O O   . ASP A 1 59  ? -15.462 8.590   12.572  1.00 38.85  ? 319 ASP A O   1 
ATOM   431  C CB  . ASP A 1 59  ? -16.635 7.048   10.373  1.00 34.18  ? 319 ASP A CB  1 
ATOM   432  C CG  . ASP A 1 59  ? -15.854 5.772   10.629  1.00 33.98  ? 319 ASP A CG  1 
ATOM   433  O OD1 . ASP A 1 59  ? -14.621 5.886   10.807  1.00 37.01  ? 319 ASP A OD1 1 
ATOM   434  O OD2 . ASP A 1 59  ? -16.471 4.678   10.642  1.00 32.67  ? 319 ASP A OD2 1 
ATOM   435  N N   . GLY A 1 60  ? -13.555 8.518   11.356  1.00 37.74  ? 320 GLY A N   1 
ATOM   436  C CA  . GLY A 1 60  ? -12.629 8.762   12.477  1.00 35.31  ? 320 GLY A CA  1 
ATOM   437  C C   . GLY A 1 60  ? -12.292 7.505   13.270  1.00 37.67  ? 320 GLY A C   1 
ATOM   438  O O   . GLY A 1 60  ? -11.480 7.634   14.217  1.00 39.94  ? 320 GLY A O   1 
ATOM   439  N N   . GLN A 1 61  ? -12.863 6.342   12.927  1.00 36.04  ? 321 GLN A N   1 
ATOM   440  C CA  . GLN A 1 61  ? -12.632 5.042   13.619  1.00 41.58  ? 321 GLN A CA  1 
ATOM   441  C C   . GLN A 1 61  ? -12.214 3.970   12.595  1.00 43.37  ? 321 GLN A C   1 
ATOM   442  O O   . GLN A 1 61  ? -11.267 3.221   12.853  1.00 43.10  ? 321 GLN A O   1 
ATOM   443  C CB  . GLN A 1 61  ? -13.910 4.554   14.303  1.00 49.02  ? 321 GLN A CB  1 
ATOM   444  C CG  . GLN A 1 61  ? -13.862 4.481   15.823  1.00 66.45  ? 321 GLN A CG  1 
ATOM   445  C CD  . GLN A 1 61  ? -13.923 5.859   16.435  1.00 75.86  ? 321 GLN A CD  1 
ATOM   446  O OE1 . GLN A 1 61  ? -13.045 6.250   17.202  1.00 65.97  ? 321 GLN A OE1 1 
ATOM   447  N NE2 . GLN A 1 61  ? -14.941 6.626   16.059  1.00 84.92  ? 321 GLN A NE2 1 
ATOM   448  N N   . THR A 1 62  ? -12.967 3.840   11.510  1.00 36.66  ? 322 THR A N   1 
ATOM   449  C CA  . THR A 1 62  ? -12.787 2.805   10.465  1.00 41.31  ? 322 THR A CA  1 
ATOM   450  C C   . THR A 1 62  ? -11.785 3.342   9.445   1.00 36.76  ? 322 THR A C   1 
ATOM   451  O O   . THR A 1 62  ? -11.931 4.513   9.048   1.00 35.31  ? 322 THR A O   1 
ATOM   452  C CB  . THR A 1 62  ? -14.155 2.447   9.872   1.00 38.81  ? 322 THR A CB  1 
ATOM   453  O OG1 . THR A 1 62  ? -14.758 1.730   10.946  1.00 48.24  ? 322 THR A OG1 1 
ATOM   454  C CG2 . THR A 1 62  ? -14.119 1.578   8.638   1.00 44.14  ? 322 THR A CG2 1 
ATOM   455  N N   . THR A 1 63  ? -10.811 2.517   9.067   1.00 33.19  ? 323 THR A N   1 
ATOM   456  C CA  . THR A 1 63  ? -9.777  2.879   8.083   1.00 33.10  ? 323 THR A CA  1 
ATOM   457  C C   . THR A 1 63  ? -9.829  1.914   6.897   1.00 33.13  ? 323 THR A C   1 
ATOM   458  O O   . THR A 1 63  ? -10.202 0.741   7.083   1.00 33.90  ? 323 THR A O   1 
ATOM   459  C CB  . THR A 1 63  ? -8.409  2.898   8.761   1.00 31.67  ? 323 THR A CB  1 
ATOM   460  O OG1 . THR A 1 63  ? -8.129  1.544   9.106   1.00 29.76  ? 323 THR A OG1 1 
ATOM   461  C CG2 . THR A 1 63  ? -8.387  3.817   9.960   1.00 31.53  ? 323 THR A CG2 1 
ATOM   462  N N   . GLY A 1 64  ? -9.413  2.387   5.734   1.00 30.58  ? 324 GLY A N   1 
ATOM   463  C CA  . GLY A 1 64  ? -9.303  1.553   4.532   1.00 29.55  ? 324 GLY A CA  1 
ATOM   464  C C   . GLY A 1 64  ? -8.721  2.334   3.381   1.00 27.63  ? 324 GLY A C   1 
ATOM   465  O O   . GLY A 1 64  ? -8.424  3.524   3.548   1.00 29.06  ? 324 GLY A O   1 
ATOM   466  N N   . LEU A 1 65  ? -8.609  1.672   2.241   1.00 28.77  ? 325 LEU A N   1 
ATOM   467  C CA  . LEU A 1 65  ? -8.030  2.236   1.005   1.00 27.54  ? 325 LEU A CA  1 
ATOM   468  C C   . LEU A 1 65  ? -9.089  3.034   0.245   1.00 26.40  ? 325 LEU A C   1 
ATOM   469  O O   . LEU A 1 65  ? -10.267 2.652   0.192   1.00 27.67  ? 325 LEU A O   1 
ATOM   470  C CB  . LEU A 1 65  ? -7.429  1.102   0.175   1.00 27.50  ? 325 LEU A CB  1 
ATOM   471  C CG  . LEU A 1 65  ? -6.372  0.270   0.893   1.00 28.03  ? 325 LEU A CG  1 
ATOM   472  C CD1 . LEU A 1 65  ? -5.836  -0.839  -0.004  1.00 29.41  ? 325 LEU A CD1 1 
ATOM   473  C CD2 . LEU A 1 65  ? -5.227  1.144   1.352   1.00 29.55  ? 325 LEU A CD2 1 
ATOM   474  N N   . ILE A 1 66  ? -8.648  4.170   -0.262  1.00 28.16  ? 326 ILE A N   1 
ATOM   475  C CA  . ILE A 1 66  ? -9.377  5.032   -1.220  1.00 31.49  ? 326 ILE A CA  1 
ATOM   476  C C   . ILE A 1 66  ? -8.457  5.237   -2.415  1.00 31.14  ? 326 ILE A C   1 
ATOM   477  O O   . ILE A 1 66  ? -7.226  5.156   -2.290  1.00 30.37  ? 326 ILE A O   1 
ATOM   478  C CB  . ILE A 1 66  ? -9.770  6.360   -0.549  1.00 31.76  ? 326 ILE A CB  1 
ATOM   479  C CG1 . ILE A 1 66  ? -8.552  7.227   -0.239  1.00 33.85  ? 326 ILE A CG1 1 
ATOM   480  C CG2 . ILE A 1 66  ? -10.614 6.091   0.688   1.00 30.32  ? 326 ILE A CG2 1 
ATOM   481  C CD1 . ILE A 1 66  ? -8.903  8.632   0.189   1.00 34.19  ? 326 ILE A CD1 1 
ATOM   482  N N   . PRO A 1 67  ? -9.019  5.467   -3.616  1.00 31.25  ? 327 PRO A N   1 
ATOM   483  C CA  . PRO A 1 67  ? -8.193  5.766   -4.782  1.00 32.28  ? 327 PRO A CA  1 
ATOM   484  C C   . PRO A 1 67  ? -7.528  7.139   -4.598  1.00 33.41  ? 327 PRO A C   1 
ATOM   485  O O   . PRO A 1 67  ? -8.226  8.141   -4.396  1.00 31.78  ? 327 PRO A O   1 
ATOM   486  C CB  . PRO A 1 67  ? -9.210  5.769   -5.940  1.00 33.53  ? 327 PRO A CB  1 
ATOM   487  C CG  . PRO A 1 67  ? -10.419 5.058   -5.401  1.00 30.86  ? 327 PRO A CG  1 
ATOM   488  C CD  . PRO A 1 67  ? -10.452 5.415   -3.934  1.00 30.56  ? 327 PRO A CD  1 
ATOM   489  N N   . ALA A 1 68  ? -6.203  7.175   -4.653  1.00 32.85  ? 328 ALA A N   1 
ATOM   490  C CA  . ALA A 1 68  ? -5.415  8.420   -4.487  1.00 34.07  ? 328 ALA A CA  1 
ATOM   491  C C   . ALA A 1 68  ? -6.005  9.525   -5.368  1.00 34.40  ? 328 ALA A C   1 
ATOM   492  O O   . ALA A 1 68  ? -6.120  10.662  -4.893  1.00 39.69  ? 328 ALA A O   1 
ATOM   493  C CB  . ALA A 1 68  ? -3.969  8.162   -4.829  1.00 34.37  ? 328 ALA A CB  1 
ATOM   494  N N   . ASN A 1 69  ? -6.387  9.211   -6.598  1.00 34.53  ? 329 ASN A N   1 
ATOM   495  C CA  . ASN A 1 69  ? -6.778  10.260  -7.574  1.00 38.24  ? 329 ASN A CA  1 
ATOM   496  C C   . ASN A 1 69  ? -8.276  10.550  -7.480  1.00 35.89  ? 329 ASN A C   1 
ATOM   497  O O   . ASN A 1 69  ? -8.760  11.295  -8.340  1.00 37.15  ? 329 ASN A O   1 
ATOM   498  C CB  . ASN A 1 69  ? -6.283  9.917   -8.981  1.00 43.77  ? 329 ASN A CB  1 
ATOM   499  C CG  . ASN A 1 69  ? -4.775  9.814   -9.013  1.00 49.59  ? 329 ASN A CG  1 
ATOM   500  O OD1 . ASN A 1 69  ? -4.226  8.874   -9.569  1.00 55.68  ? 329 ASN A OD1 1 
ATOM   501  N ND2 . ASN A 1 69  ? -4.094  10.755  -8.378  1.00 54.99  ? 329 ASN A ND2 1 
ATOM   502  N N   . TYR A 1 70  ? -8.972  10.089  -6.435  1.00 34.04  ? 330 TYR A N   1 
ATOM   503  C CA  . TYR A 1 70  ? -10.395 10.464  -6.212  1.00 32.02  ? 330 TYR A CA  1 
ATOM   504  C C   . TYR A 1 70  ? -10.492 11.595  -5.190  1.00 34.93  ? 330 TYR A C   1 
ATOM   505  O O   . TYR A 1 70  ? -11.614 12.081  -4.964  1.00 35.16  ? 330 TYR A O   1 
ATOM   506  C CB  . TYR A 1 70  ? -11.233 9.256   -5.796  1.00 32.72  ? 330 TYR A CB  1 
ATOM   507  C CG  . TYR A 1 70  ? -11.770 8.474   -6.959  1.00 31.15  ? 330 TYR A CG  1 
ATOM   508  C CD1 . TYR A 1 70  ? -10.978 8.188   -8.056  1.00 31.61  ? 330 TYR A CD1 1 
ATOM   509  C CD2 . TYR A 1 70  ? -13.053 7.976   -6.942  1.00 32.42  ? 330 TYR A CD2 1 
ATOM   510  C CE1 . TYR A 1 70  ? -11.453 7.445   -9.118  1.00 33.39  ? 330 TYR A CE1 1 
ATOM   511  C CE2 . TYR A 1 70  ? -13.547 7.224   -7.991  1.00 36.98  ? 330 TYR A CE2 1 
ATOM   512  C CZ  . TYR A 1 70  ? -12.748 6.966   -9.093  1.00 36.37  ? 330 TYR A CZ  1 
ATOM   513  O OH  . TYR A 1 70  ? -13.250 6.259   -10.148 1.00 35.90  ? 330 TYR A OH  1 
ATOM   514  N N   . VAL A 1 71  ? -9.364  12.027  -4.623  1.00 34.84  ? 331 VAL A N   1 
ATOM   515  C CA  . VAL A 1 71  ? -9.331  13.084  -3.575  1.00 38.18  ? 331 VAL A CA  1 
ATOM   516  C C   . VAL A 1 71  ? -8.285  14.146  -3.920  1.00 38.05  ? 331 VAL A C   1 
ATOM   517  O O   . VAL A 1 71  ? -7.353  13.856  -4.623  1.00 36.92  ? 331 VAL A O   1 
ATOM   518  C CB  . VAL A 1 71  ? -9.034  12.496  -2.189  1.00 38.98  ? 331 VAL A CB  1 
ATOM   519  C CG1 . VAL A 1 71  ? -10.070 11.477  -1.786  1.00 38.94  ? 331 VAL A CG1 1 
ATOM   520  C CG2 . VAL A 1 71  ? -7.632  11.902  -2.115  1.00 39.25  ? 331 VAL A CG2 1 
ATOM   521  N N   . LYS A 1 72  ? -8.484  15.344  -3.390  1.00 44.38  ? 332 LYS A N   1 
ATOM   522  C CA  . LYS A 1 72  ? -7.521  16.469  -3.393  1.00 47.20  ? 332 LYS A CA  1 
ATOM   523  C C   . LYS A 1 72  ? -6.886  16.487  -2.002  1.00 40.12  ? 332 LYS A C   1 
ATOM   524  O O   . LYS A 1 72  ? -7.614  16.592  -1.009  1.00 36.14  ? 332 LYS A O   1 
ATOM   525  C CB  . LYS A 1 72  ? -8.262  17.747  -3.800  1.00 56.81  ? 332 LYS A CB  1 
ATOM   526  C CG  . LYS A 1 72  ? -7.574  19.069  -3.481  1.00 73.50  ? 332 LYS A CG  1 
ATOM   527  C CD  . LYS A 1 72  ? -6.363  19.400  -4.341  1.00 82.00  ? 332 LYS A CD  1 
ATOM   528  C CE  . LYS A 1 72  ? -5.991  20.869  -4.251  1.00 86.05  ? 332 LYS A CE  1 
ATOM   529  N NZ  . LYS A 1 72  ? -5.150  21.308  -5.390  1.00 90.84  ? 332 LYS A NZ  1 
ATOM   530  N N   . ILE A 1 73  ? -5.578  16.305  -1.933  1.00 39.60  ? 333 ILE A N   1 
ATOM   531  C CA  . ILE A 1 73  ? -4.820  16.403  -0.657  1.00 40.73  ? 333 ILE A CA  1 
ATOM   532  C C   . ILE A 1 73  ? -4.739  17.885  -0.307  1.00 40.67  ? 333 ILE A C   1 
ATOM   533  O O   . ILE A 1 73  ? -4.327  18.639  -1.184  1.00 44.60  ? 333 ILE A O   1 
ATOM   534  C CB  . ILE A 1 73  ? -3.421  15.775  -0.789  1.00 41.67  ? 333 ILE A CB  1 
ATOM   535  C CG1 . ILE A 1 73  ? -3.482  14.359  -1.364  1.00 41.30  ? 333 ILE A CG1 1 
ATOM   536  C CG2 . ILE A 1 73  ? -2.705  15.822  0.557   1.00 39.82  ? 333 ILE A CG2 1 
ATOM   537  C CD1 . ILE A 1 73  ? -4.370  13.422  -0.571  1.00 41.63  ? 333 ILE A CD1 1 
ATOM   538  N N   . LEU A 1 74  ? -5.183  18.272  0.893   1.00 42.31  ? 334 LEU A N   1 
ATOM   539  C CA  . LEU A 1 74  ? -5.250  19.686  1.349   1.00 44.70  ? 334 LEU A CA  1 
ATOM   540  C C   . LEU A 1 74  ? -4.072  20.010  2.271   1.00 45.58  ? 334 LEU A C   1 
ATOM   541  O O   . LEU A 1 74  ? -3.721  21.183  2.355   1.00 51.16  ? 334 LEU A O   1 
ATOM   542  C CB  . LEU A 1 74  ? -6.592  19.939  2.043   1.00 44.12  ? 334 LEU A CB  1 
ATOM   543  C CG  . LEU A 1 74  ? -7.821  19.725  1.157   1.00 48.98  ? 334 LEU A CG  1 
ATOM   544  C CD1 . LEU A 1 74  ? -9.107  20.010  1.913   1.00 51.04  ? 334 LEU A CD1 1 
ATOM   545  C CD2 . LEU A 1 74  ? -7.768  20.585  -0.103  1.00 49.38  ? 334 LEU A CD2 1 
ATOM   546  N N   . GLY A 1 75  ? -3.481  19.029  2.952   1.00 46.74  ? 335 GLY A N   1 
ATOM   547  C CA  . GLY A 1 75  ? -2.258  19.272  3.737   1.00 44.72  ? 335 GLY A CA  1 
ATOM   548  C C   . GLY A 1 75  ? -2.226  18.508  5.047   1.00 47.28  ? 335 GLY A C   1 
ATOM   549  O O   . GLY A 1 75  ? -3.233  17.846  5.387   1.00 43.92  ? 335 GLY A O   1 
ATOM   550  N N   . LYS A 1 76  ? -1.086  18.620  5.736   1.00 45.16  ? 336 LYS A N   1 
ATOM   551  C CA  . LYS A 1 76  ? -0.811  18.014  7.059   1.00 45.71  ? 336 LYS A CA  1 
ATOM   552  C C   . LYS A 1 76  ? -1.449  18.911  8.121   1.00 46.23  ? 336 LYS A C   1 
ATOM   553  O O   . LYS A 1 76  ? -1.274  20.142  8.040   1.00 44.81  ? 336 LYS A O   1 
ATOM   554  C CB  . LYS A 1 76  ? 0.704   17.860  7.218   1.00 49.50  ? 336 LYS A CB  1 
ATOM   555  C CG  . LYS A 1 76  ? 1.167   16.991  8.376   1.00 51.30  ? 336 LYS A CG  1 
ATOM   556  C CD  . LYS A 1 76  ? 2.654   16.643  8.337   1.00 52.58  ? 336 LYS A CD  1 
ATOM   557  C CE  . LYS A 1 76  ? 3.133   16.115  9.679   1.00 58.96  ? 336 LYS A CE  1 
ATOM   558  N NZ  . LYS A 1 76  ? 4.343   15.264  9.564   1.00 59.60  ? 336 LYS A NZ  1 
ATOM   559  N N   . ARG A 1 77  ? -2.227  18.330  9.031   1.00 48.38  ? 337 ARG A N   1 
ATOM   560  C CA  . ARG A 1 77  ? -2.908  19.068  10.119  1.00 48.57  ? 337 ARG A CA  1 
ATOM   561  C C   . ARG A 1 77  ? -2.474  18.453  11.448  1.00 46.79  ? 337 ARG A C   1 
ATOM   562  O O   . ARG A 1 77  ? -2.312  17.213  11.519  1.00 44.10  ? 337 ARG A O   1 
ATOM   563  C CB  . ARG A 1 77  ? -4.432  19.017  9.980   1.00 56.83  ? 337 ARG A CB  1 
ATOM   564  C CG  . ARG A 1 77  ? -5.162  19.694  11.135  1.00 59.13  ? 337 ARG A CG  1 
ATOM   565  C CD  . ARG A 1 77  ? -6.657  19.831  10.951  1.00 59.25  ? 337 ARG A CD  1 
ATOM   566  N NE  . ARG A 1 77  ? -7.333  18.536  10.999  1.00 59.47  ? 337 ARG A NE  1 
ATOM   567  C CZ  . ARG A 1 77  ? -8.493  18.256  10.403  1.00 59.94  ? 337 ARG A CZ  1 
ATOM   568  N NH1 . ARG A 1 77  ? -9.119  19.186  9.700   1.00 64.81  ? 337 ARG A NH1 1 
ATOM   569  N NH2 . ARG A 1 77  ? -9.022  17.046  10.494  1.00 61.18  ? 337 ARG A NH2 1 
ATOM   570  N N   . LYS A 1 78  ? -2.286  19.297  12.458  1.00 45.77  ? 338 LYS A N   1 
ATOM   571  C CA  . LYS A 1 78  ? -1.709  18.886  13.755  1.00 48.59  ? 338 LYS A CA  1 
ATOM   572  C C   . LYS A 1 78  ? -2.807  18.156  14.514  1.00 43.87  ? 338 LYS A C   1 
ATOM   573  O O   . LYS A 1 78  ? -3.973  18.546  14.359  1.00 47.15  ? 338 LYS A O   1 
ATOM   574  C CB  . LYS A 1 78  ? -1.176  20.117  14.494  1.00 59.31  ? 338 LYS A CB  1 
ATOM   575  C CG  . LYS A 1 78  ? -0.122  19.830  15.555  1.00 74.04  ? 338 LYS A CG  1 
ATOM   576  C CD  . LYS A 1 78  ? 1.255   19.495  15.007  1.00 84.62  ? 338 LYS A CD  1 
ATOM   577  C CE  . LYS A 1 78  ? 2.090   18.711  16.005  1.00 93.84  ? 338 LYS A CE  1 
ATOM   578  N NZ  . LYS A 1 78  ? 3.433   18.368  15.479  1.00 94.82  ? 338 LYS A NZ  1 
ATOM   579  N N   . GLY A 1 79  ? -2.440  17.127  15.267  1.00 41.65  ? 339 GLY A N   1 
ATOM   580  C CA  . GLY A 1 79  ? -3.366  16.345  16.104  1.00 51.59  ? 339 GLY A CA  1 
ATOM   581  C C   . GLY A 1 79  ? -3.823  17.137  17.321  1.00 60.93  ? 339 GLY A C   1 
ATOM   582  O O   . GLY A 1 79  ? -3.028  17.958  17.826  1.00 67.92  ? 339 GLY A O   1 
ATOM   583  N N   . ARG A 1 80  ? -5.034  16.878  17.815  1.00 68.02  ? 340 ARG A N   1 
ATOM   584  C CA  . ARG A 1 80  ? -5.489  17.453  19.114  1.00 75.58  ? 340 ARG A CA  1 
ATOM   585  C C   . ARG A 1 80  ? -4.782  16.694  20.239  1.00 68.21  ? 340 ARG A C   1 
ATOM   586  O O   . ARG A 1 80  ? -4.132  17.340  21.054  1.00 75.99  ? 340 ARG A O   1 
ATOM   587  C CB  . ARG A 1 80  ? -7.005  17.359  19.301  1.00 78.74  ? 340 ARG A CB  1 
ATOM   588  C CG  . ARG A 1 80  ? -7.833  18.033  18.209  1.00 85.19  ? 340 ARG A CG  1 
ATOM   589  C CD  . ARG A 1 80  ? -9.283  17.548  18.131  1.00 89.26  ? 340 ARG A CD  1 
ATOM   590  N NE  . ARG A 1 80  ? -9.472  16.180  18.631  1.00 96.38  ? 340 ARG A NE  1 
ATOM   591  C CZ  . ARG A 1 80  ? -9.544  15.060  17.895  1.00 94.58  ? 340 ARG A CZ  1 
ATOM   592  N NH1 . ARG A 1 80  ? -9.473  15.097  16.572  1.00 92.95  ? 340 ARG A NH1 1 
ATOM   593  N NH2 . ARG A 1 80  ? -9.689  13.889  18.499  1.00 91.77  ? 340 ARG A NH2 1 
ATOM   594  N N   . ASP A 1 97  ? 6.462   16.727  -7.038  1.00 94.25  ? 371 ASP A N   1 
ATOM   595  C CA  . ASP A 1 97  ? 5.150   16.052  -7.228  1.00 97.64  ? 371 ASP A CA  1 
ATOM   596  C C   . ASP A 1 97  ? 4.069   16.852  -6.495  1.00 99.79  ? 371 ASP A C   1 
ATOM   597  O O   . ASP A 1 97  ? 4.216   17.070  -5.278  1.00 104.27 ? 371 ASP A O   1 
ATOM   598  C CB  . ASP A 1 97  ? 5.190   14.616  -6.699  1.00 97.59  ? 371 ASP A CB  1 
ATOM   599  C CG  . ASP A 1 97  ? 3.976   13.767  -7.041  1.00 92.63  ? 371 ASP A CG  1 
ATOM   600  O OD1 . ASP A 1 97  ? 2.884   14.325  -7.298  1.00 101.35 ? 371 ASP A OD1 1 
ATOM   601  O OD2 . ASP A 1 97  ? 4.144   12.548  -7.072  1.00 76.11  ? 371 ASP A OD2 1 
ATOM   602  N N   . GLU A 1 98  ? 2.998   17.221  -7.197  1.00 98.06  ? 372 GLU A N   1 
ATOM   603  C CA  . GLU A 1 98  ? 1.882   18.005  -6.611  1.00 94.88  ? 372 GLU A CA  1 
ATOM   604  C C   . GLU A 1 98  ? 1.304   17.281  -5.387  1.00 91.24  ? 372 GLU A C   1 
ATOM   605  O O   . GLU A 1 98  ? 0.899   17.972  -4.428  1.00 82.70  ? 372 GLU A O   1 
ATOM   606  C CB  . GLU A 1 98  ? 0.799   18.246  -7.654  1.00 93.51  ? 372 GLU A CB  1 
ATOM   607  C CG  . GLU A 1 98  ? -0.068  19.424  -7.285  1.00 97.85  ? 372 GLU A CG  1 
ATOM   608  C CD  . GLU A 1 98  ? -0.987  19.851  -8.406  1.00 104.27 ? 372 GLU A CD  1 
ATOM   609  O OE1 . GLU A 1 98  ? -1.281  19.003  -9.275  1.00 101.32 ? 372 GLU A OE1 1 
ATOM   610  O OE2 . GLU A 1 98  ? -1.394  21.028  -8.408  1.00 101.34 ? 372 GLU A OE2 1 
ATOM   611  N N   . GLN A 1 99  ? 1.259   15.945  -5.422  1.00 88.00  ? 373 GLN A N   1 
ATOM   612  C CA  . GLN A 1 99  ? 0.683   15.113  -4.337  1.00 78.60  ? 373 GLN A CA  1 
ATOM   613  C C   . GLN A 1 99  ? 1.707   14.900  -3.214  1.00 71.14  ? 373 GLN A C   1 
ATOM   614  O O   . GLN A 1 99  ? 1.279   15.037  -2.054  1.00 70.40  ? 373 GLN A O   1 
ATOM   615  C CB  . GLN A 1 99  ? 0.189   13.774  -4.883  1.00 78.68  ? 373 GLN A CB  1 
ATOM   616  C CG  . GLN A 1 99  ? -0.732  13.044  -3.910  1.00 72.80  ? 373 GLN A CG  1 
ATOM   617  C CD  . GLN A 1 99  ? -1.408  11.829  -4.497  1.00 70.45  ? 373 GLN A CD  1 
ATOM   618  O OE1 . GLN A 1 99  ? -0.784  10.794  -4.707  1.00 61.15  ? 373 GLN A OE1 1 
ATOM   619  N NE2 . GLN A 1 99  ? -2.705  11.938  -4.743  1.00 74.52  ? 373 GLN A NE2 1 
ATOM   620  N N   . GLU A 1 100 ? 2.979   14.597  -3.527  1.00 67.59  ? 374 GLU A N   1 
ATOM   621  C CA  . GLU A 1 100 ? 4.046   14.414  -2.494  1.00 69.65  ? 374 GLU A CA  1 
ATOM   622  C C   . GLU A 1 100 ? 4.192   15.733  -1.719  1.00 69.61  ? 374 GLU A C   1 
ATOM   623  O O   . GLU A 1 100 ? 4.373   15.678  -0.480  1.00 71.47  ? 374 GLU A O   1 
ATOM   624  C CB  . GLU A 1 100 ? 5.411   13.974  -3.059  1.00 78.43  ? 374 GLU A CB  1 
ATOM   625  C CG  . GLU A 1 100 ? 5.606   12.465  -3.225  1.00 83.49  ? 374 GLU A CG  1 
ATOM   626  C CD  . GLU A 1 100 ? 7.017   11.924  -3.000  1.00 84.80  ? 374 GLU A CD  1 
ATOM   627  O OE1 . GLU A 1 100 ? 7.894   12.241  -3.832  1.00 77.97  ? 374 GLU A OE1 1 
ATOM   628  O OE2 . GLU A 1 100 ? 7.237   11.178  -1.988  1.00 69.94  ? 374 GLU A OE2 1 
ATOM   629  N N   . ALA A 1 101 ? 4.067   16.870  -2.420  1.00 64.09  ? 375 ALA A N   1 
ATOM   630  C CA  . ALA A 1 101 ? 4.166   18.241  -1.862  1.00 64.68  ? 375 ALA A CA  1 
ATOM   631  C C   . ALA A 1 101 ? 3.065   18.442  -0.820  1.00 61.01  ? 375 ALA A C   1 
ATOM   632  O O   . ALA A 1 101 ? 3.408   18.790  0.338   1.00 57.21  ? 375 ALA A O   1 
ATOM   633  C CB  . ALA A 1 101 ? 4.065   19.284  -2.956  1.00 66.91  ? 375 ALA A CB  1 
ATOM   634  N N   . ALA A 1 102 ? 1.812   18.211  -1.241  1.00 58.48  ? 376 ALA A N   1 
ATOM   635  C CA  . ALA A 1 102 ? 0.547   18.443  -0.499  1.00 52.18  ? 376 ALA A CA  1 
ATOM   636  C C   . ALA A 1 102 ? 0.540   17.648  0.813   1.00 51.33  ? 376 ALA A C   1 
ATOM   637  O O   . ALA A 1 102 ? 0.003   18.148  1.819   1.00 53.27  ? 376 ALA A O   1 
ATOM   638  C CB  . ALA A 1 102 ? -0.613  18.067  -1.389  1.00 54.00  ? 376 ALA A CB  1 
ATOM   639  N N   . PHE A 1 103 ? 1.165   16.473  0.811   1.00 50.18  ? 377 PHE A N   1 
ATOM   640  C CA  . PHE A 1 103 ? 1.343   15.601  2.003   1.00 51.59  ? 377 PHE A CA  1 
ATOM   641  C C   . PHE A 1 103 ? 2.256   16.236  3.071   1.00 54.51  ? 377 PHE A C   1 
ATOM   642  O O   . PHE A 1 103 ? 2.098   15.859  4.252   1.00 55.74  ? 377 PHE A O   1 
ATOM   643  C CB  . PHE A 1 103 ? 1.882   14.231  1.584   1.00 48.63  ? 377 PHE A CB  1 
ATOM   644  C CG  . PHE A 1 103 ? 0.831   13.154  1.568   1.00 47.01  ? 377 PHE A CG  1 
ATOM   645  C CD1 . PHE A 1 103 ? 0.013   12.970  0.463   1.00 46.56  ? 377 PHE A CD1 1 
ATOM   646  C CD2 . PHE A 1 103 ? 0.657   12.328  2.672   1.00 44.19  ? 377 PHE A CD2 1 
ATOM   647  C CE1 . PHE A 1 103 ? -0.957  11.979  0.467   1.00 49.32  ? 377 PHE A CE1 1 
ATOM   648  C CE2 . PHE A 1 103 ? -0.321  11.345  2.677   1.00 42.71  ? 377 PHE A CE2 1 
ATOM   649  C CZ  . PHE A 1 103 ? -1.115  11.159  1.568   1.00 44.90  ? 377 PHE A CZ  1 
ATOM   650  N N   . GLU A 1 104 ? 3.203   17.109  2.698   1.00 62.60  ? 378 GLU A N   1 
ATOM   651  C CA  . GLU A 1 104 ? 4.186   17.736  3.638   1.00 65.36  ? 378 GLU A CA  1 
ATOM   652  C C   . GLU A 1 104 ? 3.763   19.180  3.957   1.00 62.29  ? 378 GLU A C   1 
ATOM   653  O O   . GLU A 1 104 ? 4.098   19.666  5.055   1.00 63.98  ? 378 GLU A O   1 
ATOM   654  C CB  . GLU A 1 104 ? 5.612   17.655  3.080   1.00 69.84  ? 378 GLU A CB  1 
ATOM   655  C CG  . GLU A 1 104 ? 6.303   16.315  3.326   1.00 78.31  ? 378 GLU A CG  1 
ATOM   656  C CD  . GLU A 1 104 ? 6.406   15.829  4.776   1.00 90.47  ? 378 GLU A CD  1 
ATOM   657  O OE1 . GLU A 1 104 ? 6.270   16.654  5.714   1.00 92.36  ? 378 GLU A OE1 1 
ATOM   658  O OE2 . GLU A 1 104 ? 6.626   14.614  4.975   1.00 86.40  ? 378 GLU A OE2 1 
ATOM   659  N N   . SER A 1 105 ? 2.984   19.805  3.071   1.00 60.87  ? 379 SER A N   1 
ATOM   660  C CA  . SER A 1 105 ? 2.447   21.178  3.230   1.00 61.38  ? 379 SER A CA  1 
ATOM   661  C C   . SER A 1 105 ? 1.449   21.232  4.393   1.00 61.26  ? 379 SER A C   1 
ATOM   662  O O   . SER A 1 105 ? 0.843   20.194  4.722   1.00 64.12  ? 379 SER A O   1 
ATOM   663  C CB  . SER A 1 105 ? 1.830   21.672  1.944   1.00 64.94  ? 379 SER A CB  1 
ATOM   664  O OG  . SER A 1 105 ? 0.448   21.348  1.889   1.00 74.91  ? 379 SER A OG  1 
ATOM   665  N N   . VAL A 1 106 ? 1.283   22.420  4.976   1.00 64.85  ? 380 VAL A N   1 
ATOM   666  C CA  . VAL A 1 106 ? 0.377   22.691  6.130   1.00 63.20  ? 380 VAL A CA  1 
ATOM   667  C C   . VAL A 1 106 ? -1.040  22.963  5.607   1.00 66.39  ? 380 VAL A C   1 
ATOM   668  O O   . VAL A 1 106 ? -1.191  23.659  4.581   1.00 61.21  ? 380 VAL A O   1 
ATOM   669  C CB  . VAL A 1 106 ? 0.911   23.856  6.983   1.00 66.79  ? 380 VAL A CB  1 
ATOM   670  C CG1 . VAL A 1 106 ? -0.054  24.251  8.092   1.00 61.42  ? 380 VAL A CG1 1 
ATOM   671  C CG2 . VAL A 1 106 ? 2.280   23.514  7.558   1.00 72.55  ? 380 VAL A CG2 1 
ATOM   672  N N   . PHE A 1 107 ? -2.037  22.404  6.292   1.00 67.43  ? 381 PHE A N   1 
ATOM   673  C CA  . PHE A 1 107 ? -3.483  22.563  6.001   1.00 68.47  ? 381 PHE A CA  1 
ATOM   674  C C   . PHE A 1 107 ? -3.943  23.888  6.620   1.00 75.39  ? 381 PHE A C   1 
ATOM   675  O O   . PHE A 1 107 ? -3.675  24.106  7.823   1.00 76.29  ? 381 PHE A O   1 
ATOM   676  C CB  . PHE A 1 107 ? -4.251  21.350  6.542   1.00 65.06  ? 381 PHE A CB  1 
ATOM   677  C CG  . PHE A 1 107 ? -5.745  21.532  6.627   1.00 63.70  ? 381 PHE A CG  1 
ATOM   678  C CD1 . PHE A 1 107 ? -6.534  21.475  5.486   1.00 61.69  ? 381 PHE A CD1 1 
ATOM   679  C CD2 . PHE A 1 107 ? -6.362  21.770  7.847   1.00 63.16  ? 381 PHE A CD2 1 
ATOM   680  C CE1 . PHE A 1 107 ? -7.911  21.644  5.566   1.00 59.93  ? 381 PHE A CE1 1 
ATOM   681  C CE2 . PHE A 1 107 ? -7.739  21.951  7.920   1.00 64.34  ? 381 PHE A CE2 1 
ATOM   682  C CZ  . PHE A 1 107 ? -8.513  21.889  6.779   1.00 57.58  ? 381 PHE A CZ  1 
ATOM   683  N N   . VAL A 1 108 ? -4.635  24.724  5.837   1.00 79.51  ? 382 VAL A N   1 
ATOM   684  C CA  . VAL A 1 108 ? -5.018  26.119  6.213   1.00 83.34  ? 382 VAL A CA  1 
ATOM   685  C C   . VAL A 1 108 ? -6.018  26.086  7.380   1.00 82.98  ? 382 VAL A C   1 
ATOM   686  O O   . VAL A 1 108 ? -7.236  25.971  7.218   1.00 87.47  ? 382 VAL A O   1 
ATOM   687  C CB  . VAL A 1 108 ? -5.566  26.879  4.989   1.00 89.01  ? 382 VAL A CB  1 
ATOM   688  C CG1 . VAL A 1 108 ? -6.029  28.283  5.357   1.00 92.22  ? 382 VAL A CG1 1 
ATOM   689  C CG2 . VAL A 1 108 ? -4.543  26.930  3.858   1.00 85.31  ? 382 VAL A CG2 1 
ATOM   690  N N   . SER B 1 4   ? 14.689  -15.723 -14.288 1.00 60.94  ? 264 SER B N   1 
ATOM   691  C CA  . SER B 1 4   ? 13.707  -14.647 -14.643 1.00 62.98  ? 264 SER B CA  1 
ATOM   692  C C   . SER B 1 4   ? 13.108  -14.060 -13.361 1.00 64.52  ? 264 SER B C   1 
ATOM   693  O O   . SER B 1 4   ? 12.596  -14.834 -12.504 1.00 58.04  ? 264 SER B O   1 
ATOM   694  C CB  . SER B 1 4   ? 12.617  -15.154 -15.554 1.00 61.85  ? 264 SER B CB  1 
ATOM   695  O OG  . SER B 1 4   ? 11.431  -14.398 -15.393 1.00 61.88  ? 264 SER B OG  1 
ATOM   696  N N   . ILE B 1 5   ? 13.124  -12.734 -13.242 1.00 62.06  ? 265 ILE B N   1 
ATOM   697  C CA  . ILE B 1 5   ? 12.418  -12.031 -12.128 1.00 56.54  ? 265 ILE B CA  1 
ATOM   698  C C   . ILE B 1 5   ? 11.189  -11.292 -12.683 1.00 48.86  ? 265 ILE B C   1 
ATOM   699  O O   . ILE B 1 5   ? 10.776  -10.289 -12.064 1.00 44.21  ? 265 ILE B O   1 
ATOM   700  C CB  . ILE B 1 5   ? 13.382  -11.129 -11.324 1.00 52.94  ? 265 ILE B CB  1 
ATOM   701  C CG1 . ILE B 1 5   ? 14.078  -10.080 -12.190 1.00 52.47  ? 265 ILE B CG1 1 
ATOM   702  C CG2 . ILE B 1 5   ? 14.399  -11.965 -10.552 1.00 52.92  ? 265 ILE B CG2 1 
ATOM   703  C CD1 . ILE B 1 5   ? 14.915  -9.117  -11.385 1.00 52.97  ? 265 ILE B CD1 1 
ATOM   704  N N   . ASN B 1 6   ? 10.552  -11.827 -13.733 1.00 41.47  ? 266 ASN B N   1 
ATOM   705  C CA  . ASN B 1 6   ? 9.406   -11.150 -14.392 1.00 43.54  ? 266 ASN B CA  1 
ATOM   706  C C   . ASN B 1 6   ? 8.169   -11.258 -13.497 1.00 39.21  ? 266 ASN B C   1 
ATOM   707  O O   . ASN B 1 6   ? 7.208   -10.483 -13.669 1.00 38.12  ? 266 ASN B O   1 
ATOM   708  C CB  . ASN B 1 6   ? 9.229   -11.673 -15.816 1.00 50.55  ? 266 ASN B CB  1 
ATOM   709  C CG  . ASN B 1 6   ? 10.341  -11.142 -16.697 1.00 54.80  ? 266 ASN B CG  1 
ATOM   710  O OD1 . ASN B 1 6   ? 10.892  -10.073 -16.413 1.00 54.08  ? 266 ASN B OD1 1 
ATOM   711  N ND2 . ASN B 1 6   ? 10.717  -11.892 -17.723 1.00 61.45  ? 266 ASN B ND2 1 
ATOM   712  N N   . TRP B 1 7   ? 8.223   -12.159 -12.521 1.00 36.53  ? 267 TRP B N   1 
ATOM   713  C CA  . TRP B 1 7   ? 7.190   -12.256 -11.464 1.00 37.30  ? 267 TRP B CA  1 
ATOM   714  C C   . TRP B 1 7   ? 7.135   -10.944 -10.664 1.00 33.97  ? 267 TRP B C   1 
ATOM   715  O O   . TRP B 1 7   ? 6.026   -10.549 -10.254 1.00 32.92  ? 267 TRP B O   1 
ATOM   716  C CB  . TRP B 1 7   ? 7.429   -13.493 -10.591 1.00 39.89  ? 267 TRP B CB  1 
ATOM   717  C CG  . TRP B 1 7   ? 8.766   -13.525 -9.933  1.00 37.85  ? 267 TRP B CG  1 
ATOM   718  C CD1 . TRP B 1 7   ? 9.878   -14.201 -10.342 1.00 38.51  ? 267 TRP B CD1 1 
ATOM   719  C CD2 . TRP B 1 7   ? 9.130   -12.832 -8.728  1.00 36.31  ? 267 TRP B CD2 1 
ATOM   720  N NE1 . TRP B 1 7   ? 10.919  -13.945 -9.487  1.00 38.10  ? 267 TRP B NE1 1 
ATOM   721  C CE2 . TRP B 1 7   ? 10.485  -13.128 -8.478  1.00 36.04  ? 267 TRP B CE2 1 
ATOM   722  C CE3 . TRP B 1 7   ? 8.443   -11.993 -7.848  1.00 36.37  ? 267 TRP B CE3 1 
ATOM   723  C CZ2 . TRP B 1 7   ? 11.167  -12.620 -7.371  1.00 35.05  ? 267 TRP B CZ2 1 
ATOM   724  C CZ3 . TRP B 1 7   ? 9.111   -11.506 -6.745  1.00 36.27  ? 267 TRP B CZ3 1 
ATOM   725  C CH2 . TRP B 1 7   ? 10.455  -11.799 -6.527  1.00 34.17  ? 267 TRP B CH2 1 
ATOM   726  N N   . ALA B 1 8   ? 8.264   -10.265 -10.490 1.00 30.99  ? 268 ALA B N   1 
ATOM   727  C CA  . ALA B 1 8   ? 8.386   -9.064  -9.632  1.00 34.26  ? 268 ALA B CA  1 
ATOM   728  C C   . ALA B 1 8   ? 7.548   -7.901  -10.173 1.00 34.49  ? 268 ALA B C   1 
ATOM   729  O O   . ALA B 1 8   ? 6.874   -7.240  -9.362  1.00 33.03  ? 268 ALA B O   1 
ATOM   730  C CB  . ALA B 1 8   ? 9.829   -8.675  -9.508  1.00 35.62  ? 268 ALA B CB  1 
ATOM   731  N N   . SER B 1 9   ? 7.592   -7.655  -11.485 1.00 34.97  ? 269 SER B N   1 
ATOM   732  C CA  . SER B 1 9   ? 6.843   -6.580  -12.193 1.00 34.66  ? 269 SER B CA  1 
ATOM   733  C C   . SER B 1 9   ? 5.408   -7.004  -12.471 1.00 34.00  ? 269 SER B C   1 
ATOM   734  O O   . SER B 1 9   ? 4.653   -6.189  -12.987 1.00 37.85  ? 269 SER B O   1 
ATOM   735  C CB  . SER B 1 9   ? 7.500   -6.256  -13.492 1.00 35.45  ? 269 SER B CB  1 
ATOM   736  O OG  . SER B 1 9   ? 7.609   -7.452  -14.266 1.00 40.84  ? 269 SER B OG  1 
ATOM   737  N N   . GLY B 1 10  ? 5.087   -8.281  -12.327 1.00 34.44  ? 270 GLY B N   1 
ATOM   738  C CA  . GLY B 1 10  ? 3.788   -8.829  -12.768 1.00 33.75  ? 270 GLY B CA  1 
ATOM   739  C C   . GLY B 1 10  ? 3.772   -9.120  -14.268 1.00 32.06  ? 270 GLY B C   1 
ATOM   740  O O   . GLY B 1 10  ? 2.703   -9.405  -14.774 1.00 28.92  ? 270 GLY B O   1 
ATOM   741  N N   . GLU B 1 11  ? 4.912   -9.092  -14.960 1.00 32.66  ? 271 GLU B N   1 
ATOM   742  C CA  . GLU B 1 11  ? 4.980   -9.464  -16.399 1.00 33.21  ? 271 GLU B CA  1 
ATOM   743  C C   . GLU B 1 11  ? 4.772   -10.967 -16.556 1.00 34.95  ? 271 GLU B C   1 
ATOM   744  O O   . GLU B 1 11  ? 4.085   -11.364 -17.503 1.00 33.91  ? 271 GLU B O   1 
ATOM   745  C CB  . GLU B 1 11  ? 6.272   -8.953  -17.012 1.00 33.57  ? 271 GLU B CB  1 
ATOM   746  C CG  . GLU B 1 11  ? 6.225   -7.440  -17.194 1.00 33.92  ? 271 GLU B CG  1 
ATOM   747  C CD  . GLU B 1 11  ? 5.058   -6.971  -18.051 1.00 34.49  ? 271 GLU B CD  1 
ATOM   748  O OE1 . GLU B 1 11  ? 4.688   -7.708  -19.007 1.00 36.44  ? 271 GLU B OE1 1 
ATOM   749  O OE2 . GLU B 1 11  ? 4.476   -5.924  -17.718 1.00 31.70  ? 271 GLU B OE2 1 
ATOM   750  N N   . ASP B 1 12  ? 5.289   -11.774 -15.626 1.00 38.36  ? 272 ASP B N   1 
ATOM   751  C CA  . ASP B 1 12  ? 5.012   -13.236 -15.577 1.00 38.04  ? 272 ASP B CA  1 
ATOM   752  C C   . ASP B 1 12  ? 3.991   -13.515 -14.479 1.00 37.21  ? 272 ASP B C   1 
ATOM   753  O O   . ASP B 1 12  ? 3.697   -12.613 -13.668 1.00 41.12  ? 272 ASP B O   1 
ATOM   754  C CB  . ASP B 1 12  ? 6.286   -14.039 -15.338 1.00 45.22  ? 272 ASP B CB  1 
ATOM   755  C CG  . ASP B 1 12  ? 7.203   -14.121 -16.546 1.00 48.27  ? 272 ASP B CG  1 
ATOM   756  O OD1 . ASP B 1 12  ? 6.754   -13.758 -17.664 1.00 50.55  ? 272 ASP B OD1 1 
ATOM   757  O OD2 . ASP B 1 12  ? 8.351   -14.562 -16.365 1.00 54.34  ? 272 ASP B OD2 1 
ATOM   758  N N   . ASP B 1 13  ? 3.455   -14.725 -14.464 1.00 38.07  ? 273 ASP B N   1 
ATOM   759  C CA  . ASP B 1 13  ? 2.593   -15.227 -13.368 1.00 39.70  ? 273 ASP B CA  1 
ATOM   760  C C   . ASP B 1 13  ? 3.338   -15.028 -12.048 1.00 39.89  ? 273 ASP B C   1 
ATOM   761  O O   . ASP B 1 13  ? 4.592   -15.148 -12.018 1.00 36.65  ? 273 ASP B O   1 
ATOM   762  C CB  . ASP B 1 13  ? 2.253   -16.706 -13.566 1.00 46.76  ? 273 ASP B CB  1 
ATOM   763  C CG  . ASP B 1 13  ? 1.340   -16.996 -14.747 1.00 49.21  ? 273 ASP B CG  1 
ATOM   764  O OD1 . ASP B 1 13  ? 0.990   -16.035 -15.483 1.00 45.17  ? 273 ASP B OD1 1 
ATOM   765  O OD2 . ASP B 1 13  ? 0.954   -18.177 -14.897 1.00 52.94  ? 273 ASP B OD2 1 
ATOM   766  N N   . HIS B 1 14  ? 2.597   -14.728 -10.991 1.00 36.95  ? 274 HIS B N   1 
ATOM   767  C CA  . HIS B 1 14  ? 3.199   -14.271 -9.727  1.00 37.15  ? 274 HIS B CA  1 
ATOM   768  C C   . HIS B 1 14  ? 2.170   -14.436 -8.628  1.00 35.90  ? 274 HIS B C   1 
ATOM   769  O O   . HIS B 1 14  ? 1.002   -14.609 -8.959  1.00 35.59  ? 274 HIS B O   1 
ATOM   770  C CB  . HIS B 1 14  ? 3.696   -12.823 -9.894  1.00 36.56  ? 274 HIS B CB  1 
ATOM   771  C CG  . HIS B 1 14  ? 2.612   -11.847 -10.195 1.00 34.44  ? 274 HIS B CG  1 
ATOM   772  N ND1 . HIS B 1 14  ? 2.160   -11.619 -11.477 1.00 35.07  ? 274 HIS B ND1 1 
ATOM   773  C CD2 . HIS B 1 14  ? 1.890   -11.045 -9.383  1.00 33.33  ? 274 HIS B CD2 1 
ATOM   774  C CE1 . HIS B 1 14  ? 1.185   -10.738 -11.447 1.00 35.03  ? 274 HIS B CE1 1 
ATOM   775  N NE2 . HIS B 1 14  ? 0.998   -10.354 -10.167 1.00 32.91  ? 274 HIS B NE2 1 
ATOM   776  N N   . VAL B 1 15  ? 2.613   -14.377 -7.377  1.00 33.94  ? 275 VAL B N   1 
ATOM   777  C CA  . VAL B 1 15  ? 1.689   -14.443 -6.217  1.00 34.83  ? 275 VAL B CA  1 
ATOM   778  C C   . VAL B 1 15  ? 1.639   -13.034 -5.649  1.00 33.95  ? 275 VAL B C   1 
ATOM   779  O O   . VAL B 1 15  ? 2.650   -12.336 -5.740  1.00 33.19  ? 275 VAL B O   1 
ATOM   780  C CB  . VAL B 1 15  ? 2.159   -15.481 -5.185  1.00 37.85  ? 275 VAL B CB  1 
ATOM   781  C CG1 . VAL B 1 15  ? 1.328   -15.382 -3.915  1.00 40.47  ? 275 VAL B CG1 1 
ATOM   782  C CG2 . VAL B 1 15  ? 2.120   -16.904 -5.751  1.00 37.87  ? 275 VAL B CG2 1 
ATOM   783  N N   . VAL B 1 16  ? 0.497   -12.587 -5.147  1.00 31.72  ? 276 VAL B N   1 
ATOM   784  C CA  . VAL B 1 16  ? 0.482   -11.257 -4.494  1.00 35.99  ? 276 VAL B CA  1 
ATOM   785  C C   . VAL B 1 16  ? 0.132   -11.453 -3.016  1.00 36.57  ? 276 VAL B C   1 
ATOM   786  O O   . VAL B 1 16  ? -0.573  -12.427 -2.666  1.00 33.11  ? 276 VAL B O   1 
ATOM   787  C CB  . VAL B 1 16  ? -0.331  -10.179 -5.251  1.00 39.71  ? 276 VAL B CB  1 
ATOM   788  C CG1 . VAL B 1 16  ? -0.694  -10.585 -6.673  1.00 41.08  ? 276 VAL B CG1 1 
ATOM   789  C CG2 . VAL B 1 16  ? -1.529  -9.667  -4.498  1.00 36.41  ? 276 VAL B CG2 1 
ATOM   790  N N   . ALA B 1 17  ? 0.752   -10.631 -2.176  1.00 32.63  ? 277 ALA B N   1 
ATOM   791  C CA  . ALA B 1 17  ? 0.645   -10.699 -0.705  1.00 36.49  ? 277 ALA B CA  1 
ATOM   792  C C   . ALA B 1 17  ? 0.480   -9.291  -0.140  1.00 32.94  ? 277 ALA B C   1 
ATOM   793  O O   . ALA B 1 17  ? 0.867   -8.311  -0.825  1.00 31.19  ? 277 ALA B O   1 
ATOM   794  C CB  . ALA B 1 17  ? 1.864   -11.391 -0.149  1.00 37.93  ? 277 ALA B CB  1 
ATOM   795  N N   . ARG B 1 18  ? -0.102  -9.215  1.048   1.00 32.56  ? 278 ARG B N   1 
ATOM   796  C CA  . ARG B 1 18  ? -0.176  -7.991  1.879   1.00 36.46  ? 278 ARG B CA  1 
ATOM   797  C C   . ARG B 1 18  ? 0.645   -8.237  3.158   1.00 33.46  ? 278 ARG B C   1 
ATOM   798  O O   . ARG B 1 18  ? 0.401   -9.235  3.856   1.00 32.70  ? 278 ARG B O   1 
ATOM   799  C CB  . ARG B 1 18  ? -1.636  -7.639  2.194   1.00 44.59  ? 278 ARG B CB  1 
ATOM   800  C CG  . ARG B 1 18  ? -1.789  -6.410  3.086   1.00 55.27  ? 278 ARG B CG  1 
ATOM   801  C CD  . ARG B 1 18  ? -3.102  -6.167  3.831   1.00 60.56  ? 278 ARG B CD  1 
ATOM   802  N NE  . ARG B 1 18  ? -3.366  -7.261  4.746   1.00 80.10  ? 278 ARG B NE  1 
ATOM   803  C CZ  . ARG B 1 18  ? -4.391  -8.114  4.666   1.00 89.48  ? 278 ARG B CZ  1 
ATOM   804  N NH1 . ARG B 1 18  ? -5.319  -7.992  3.726   1.00 85.21  ? 278 ARG B NH1 1 
ATOM   805  N NH2 . ARG B 1 18  ? -4.479  -9.095  5.552   1.00 99.30  ? 278 ARG B NH2 1 
ATOM   806  N N   . ALA B 1 19  ? 1.585   -7.348  3.450   1.00 32.20  ? 279 ALA B N   1 
ATOM   807  C CA  . ALA B 1 19  ? 2.351   -7.290  4.712   1.00 32.42  ? 279 ALA B CA  1 
ATOM   808  C C   . ALA B 1 19  ? 1.368   -7.141  5.873   1.00 31.40  ? 279 ALA B C   1 
ATOM   809  O O   . ALA B 1 19  ? 0.520   -6.248  5.788   1.00 29.56  ? 279 ALA B O   1 
ATOM   810  C CB  . ALA B 1 19  ? 3.324   -6.135  4.674   1.00 31.93  ? 279 ALA B CB  1 
ATOM   811  N N   . GLU B 1 20  ? 1.481   -7.993  6.895   1.00 33.40  ? 280 GLU B N   1 
ATOM   812  C CA  . GLU B 1 20  ? 0.707   -7.883  8.156   1.00 40.71  ? 280 GLU B CA  1 
ATOM   813  C C   . GLU B 1 20  ? 1.457   -7.010  9.160   1.00 35.66  ? 280 GLU B C   1 
ATOM   814  O O   . GLU B 1 20  ? 0.801   -6.490  10.032  1.00 31.58  ? 280 GLU B O   1 
ATOM   815  C CB  . GLU B 1 20  ? 0.471   -9.232  8.831   1.00 47.75  ? 280 GLU B CB  1 
ATOM   816  C CG  . GLU B 1 20  ? -0.369  -10.186 8.009   1.00 60.07  ? 280 GLU B CG  1 
ATOM   817  C CD  . GLU B 1 20  ? -1.871  -9.980  8.061   1.00 66.94  ? 280 GLU B CD  1 
ATOM   818  O OE1 . GLU B 1 20  ? -2.605  -11.004 7.958   1.00 73.34  ? 280 GLU B OE1 1 
ATOM   819  O OE2 . GLU B 1 20  ? -2.304  -8.817  8.166   1.00 72.06  ? 280 GLU B OE2 1 
ATOM   820  N N   . TYR B 1 21  ? 2.787   -6.973  9.089   1.00 35.81  ? 281 TYR B N   1 
ATOM   821  C CA  . TYR B 1 21  ? 3.655   -6.284  10.073  1.00 33.04  ? 281 TYR B CA  1 
ATOM   822  C C   . TYR B 1 21  ? 4.719   -5.490  9.335   1.00 33.07  ? 281 TYR B C   1 
ATOM   823  O O   . TYR B 1 21  ? 5.012   -5.798  8.176   1.00 36.56  ? 281 TYR B O   1 
ATOM   824  C CB  . TYR B 1 21  ? 4.357   -7.281  10.997  1.00 37.12  ? 281 TYR B CB  1 
ATOM   825  C CG  . TYR B 1 21  ? 3.446   -8.324  11.589  1.00 38.68  ? 281 TYR B CG  1 
ATOM   826  C CD1 . TYR B 1 21  ? 2.566   -8.017  12.614  1.00 40.47  ? 281 TYR B CD1 1 
ATOM   827  C CD2 . TYR B 1 21  ? 3.438   -9.612  11.090  1.00 40.52  ? 281 TYR B CD2 1 
ATOM   828  C CE1 . TYR B 1 21  ? 1.704   -8.976  13.131  1.00 43.82  ? 281 TYR B CE1 1 
ATOM   829  C CE2 . TYR B 1 21  ? 2.597   -10.581 11.603  1.00 44.64  ? 281 TYR B CE2 1 
ATOM   830  C CZ  . TYR B 1 21  ? 1.729   -10.264 12.626  1.00 45.33  ? 281 TYR B CZ  1 
ATOM   831  O OH  . TYR B 1 21  ? 0.923   -11.247 13.109  1.00 52.40  ? 281 TYR B OH  1 
ATOM   832  N N   . ASP B 1 22  ? 5.267   -4.494  10.024  1.00 31.46  ? 282 ASP B N   1 
ATOM   833  C CA  . ASP B 1 22  ? 6.482   -3.762  9.638   1.00 31.32  ? 282 ASP B CA  1 
ATOM   834  C C   . ASP B 1 22  ? 7.651   -4.734  9.733   1.00 31.44  ? 282 ASP B C   1 
ATOM   835  O O   . ASP B 1 22  ? 7.633   -5.607  10.622  1.00 32.22  ? 282 ASP B O   1 
ATOM   836  C CB  . ASP B 1 22  ? 6.747   -2.587  10.574  1.00 32.44  ? 282 ASP B CB  1 
ATOM   837  C CG  . ASP B 1 22  ? 5.741   -1.455  10.470  1.00 34.15  ? 282 ASP B CG  1 
ATOM   838  O OD1 . ASP B 1 22  ? 4.913   -1.404  9.508   1.00 33.59  ? 282 ASP B OD1 1 
ATOM   839  O OD2 . ASP B 1 22  ? 5.822   -0.596  11.342  1.00 37.54  ? 282 ASP B OD2 1 
ATOM   840  N N   . PHE B 1 23  ? 8.635   -4.557  8.859   1.00 29.98  ? 283 PHE B N   1 
ATOM   841  C CA  . PHE B 1 23  ? 9.853   -5.398  8.798   1.00 31.26  ? 283 PHE B CA  1 
ATOM   842  C C   . PHE B 1 23  ? 11.024  -4.595  8.234   1.00 31.83  ? 283 PHE B C   1 
ATOM   843  O O   . PHE B 1 23  ? 10.890  -4.076  7.101   1.00 33.88  ? 283 PHE B O   1 
ATOM   844  C CB  . PHE B 1 23  ? 9.613   -6.623  7.918   1.00 29.98  ? 283 PHE B CB  1 
ATOM   845  C CG  . PHE B 1 23  ? 10.867  -7.419  7.706   1.00 30.14  ? 283 PHE B CG  1 
ATOM   846  C CD1 . PHE B 1 23  ? 11.371  -8.208  8.731   1.00 29.58  ? 283 PHE B CD1 1 
ATOM   847  C CD2 . PHE B 1 23  ? 11.585  -7.306  6.526   1.00 30.75  ? 283 PHE B CD2 1 
ATOM   848  C CE1 . PHE B 1 23  ? 12.538  -8.933  8.551   1.00 28.39  ? 283 PHE B CE1 1 
ATOM   849  C CE2 . PHE B 1 23  ? 12.747  -8.042  6.344   1.00 32.98  ? 283 PHE B CE2 1 
ATOM   850  C CZ  . PHE B 1 23  ? 13.229  -8.843  7.362   1.00 30.96  ? 283 PHE B CZ  1 
ATOM   851  N N   . ALA B 1 24  ? 12.117  -4.499  8.999   1.00 31.02  ? 284 ALA B N   1 
ATOM   852  C CA  . ALA B 1 24  ? 13.392  -3.874  8.564   1.00 31.12  ? 284 ALA B CA  1 
ATOM   853  C C   . ALA B 1 24  ? 14.368  -4.970  8.151   1.00 31.87  ? 284 ALA B C   1 
ATOM   854  O O   . ALA B 1 24  ? 14.626  -5.890  8.938   1.00 34.78  ? 284 ALA B O   1 
ATOM   855  C CB  . ALA B 1 24  ? 13.982  -2.999  9.634   1.00 28.56  ? 284 ALA B CB  1 
ATOM   856  N N   . ALA B 1 25  ? 14.832  -4.915  6.913   1.00 32.59  ? 285 ALA B N   1 
ATOM   857  C CA  . ALA B 1 25  ? 15.897  -5.799  6.408   1.00 33.85  ? 285 ALA B CA  1 
ATOM   858  C C   . ALA B 1 25  ? 17.134  -5.607  7.284   1.00 34.73  ? 285 ALA B C   1 
ATOM   859  O O   . ALA B 1 25  ? 17.436  -4.444  7.606   1.00 32.48  ? 285 ALA B O   1 
ATOM   860  C CB  . ALA B 1 25  ? 16.204  -5.448  4.988   1.00 30.14  ? 285 ALA B CB  1 
ATOM   861  N N   . VAL B 1 26  ? 17.821  -6.686  7.666   1.00 39.30  ? 286 VAL B N   1 
ATOM   862  C CA  . VAL B 1 26  ? 19.115  -6.563  8.399   1.00 43.72  ? 286 VAL B CA  1 
ATOM   863  C C   . VAL B 1 26  ? 20.280  -6.908  7.469   1.00 41.74  ? 286 VAL B C   1 
ATOM   864  O O   . VAL B 1 26  ? 21.405  -6.685  7.908   1.00 48.42  ? 286 VAL B O   1 
ATOM   865  C CB  . VAL B 1 26  ? 19.139  -7.402  9.689   1.00 41.17  ? 286 VAL B CB  1 
ATOM   866  C CG1 . VAL B 1 26  ? 17.945  -7.106  10.565  1.00 44.22  ? 286 VAL B CG1 1 
ATOM   867  C CG2 . VAL B 1 26  ? 19.209  -8.872  9.394   1.00 46.49  ? 286 VAL B CG2 1 
ATOM   868  N N   . SER B 1 27  ? 20.051  -7.481  6.283   1.00 43.42  ? 287 SER B N   1 
ATOM   869  C CA  . SER B 1 27  ? 21.082  -7.602  5.210   1.00 47.53  ? 287 SER B CA  1 
ATOM   870  C C   . SER B 1 27  ? 20.501  -7.190  3.859   1.00 48.59  ? 287 SER B C   1 
ATOM   871  O O   . SER B 1 27  ? 19.257  -7.091  3.717   1.00 43.96  ? 287 SER B O   1 
ATOM   872  C CB  . SER B 1 27  ? 21.704  -8.989  5.116   1.00 50.80  ? 287 SER B CB  1 
ATOM   873  O OG  . SER B 1 27  ? 20.847  -9.917  4.469   1.00 59.43  ? 287 SER B OG  1 
ATOM   874  N N   . GLU B 1 28  ? 21.391  -6.993  2.895   1.00 50.62  ? 288 GLU B N   1 
ATOM   875  C CA  . GLU B 1 28  ? 21.060  -6.555  1.520   1.00 56.00  ? 288 GLU B CA  1 
ATOM   876  C C   . GLU B 1 28  ? 20.333  -7.682  0.779   1.00 49.51  ? 288 GLU B C   1 
ATOM   877  O O   . GLU B 1 28  ? 19.762  -7.388  -0.280  1.00 50.83  ? 288 GLU B O   1 
ATOM   878  C CB  . GLU B 1 28  ? 22.315  -6.093  0.777   1.00 65.91  ? 288 GLU B CB  1 
ATOM   879  C CG  . GLU B 1 28  ? 23.541  -6.970  0.975   1.00 72.74  ? 288 GLU B CG  1 
ATOM   880  C CD  . GLU B 1 28  ? 24.750  -6.442  0.218   1.00 88.03  ? 288 GLU B CD  1 
ATOM   881  O OE1 . GLU B 1 28  ? 24.721  -5.246  -0.193  1.00 92.39  ? 288 GLU B OE1 1 
ATOM   882  O OE2 . GLU B 1 28  ? 25.724  -7.215  0.038   1.00 82.31  ? 288 GLU B OE2 1 
ATOM   883  N N   . GLU B 1 29  ? 20.336  -8.909  1.308   1.00 43.21  ? 289 GLU B N   1 
ATOM   884  C CA  . GLU B 1 29  ? 19.568  -10.043 0.736   1.00 39.71  ? 289 GLU B CA  1 
ATOM   885  C C   . GLU B 1 29  ? 18.090  -9.920  1.110   1.00 37.17  ? 289 GLU B C   1 
ATOM   886  O O   . GLU B 1 29  ? 17.263  -10.604 0.476   1.00 40.37  ? 289 GLU B O   1 
ATOM   887  C CB  . GLU B 1 29  ? 20.161  -11.375 1.183   1.00 43.68  ? 289 GLU B CB  1 
ATOM   888  C CG  . GLU B 1 29  ? 21.065  -11.971 0.122   1.00 49.76  ? 289 GLU B CG  1 
ATOM   889  C CD  . GLU B 1 29  ? 21.680  -13.295 0.519   1.00 58.48  ? 289 GLU B CD  1 
ATOM   890  O OE1 . GLU B 1 29  ? 21.409  -14.312 -0.165  1.00 66.57  ? 289 GLU B OE1 1 
ATOM   891  O OE2 . GLU B 1 29  ? 22.417  -13.310 1.520   1.00 62.57  ? 289 GLU B OE2 1 
ATOM   892  N N   . GLU B 1 30  ? 17.759  -9.089  2.095   1.00 35.41  ? 290 GLU B N   1 
ATOM   893  C CA  . GLU B 1 30  ? 16.366  -8.950  2.593   1.00 34.02  ? 290 GLU B CA  1 
ATOM   894  C C   . GLU B 1 30  ? 15.810  -7.611  2.097   1.00 30.59  ? 290 GLU B C   1 
ATOM   895  O O   . GLU B 1 30  ? 16.622  -6.718  1.779   1.00 29.93  ? 290 GLU B O   1 
ATOM   896  C CB  . GLU B 1 30  ? 16.353  -9.019  4.119   1.00 36.50  ? 290 GLU B CB  1 
ATOM   897  C CG  . GLU B 1 30  ? 17.066  -10.235 4.678   1.00 37.82  ? 290 GLU B CG  1 
ATOM   898  C CD  . GLU B 1 30  ? 17.388  -10.147 6.164   1.00 36.95  ? 290 GLU B CD  1 
ATOM   899  O OE1 . GLU B 1 30  ? 16.916  -9.222  6.833   1.00 33.83  ? 290 GLU B OE1 1 
ATOM   900  O OE2 . GLU B 1 30  ? 18.094  -11.012 6.640   1.00 36.55  ? 290 GLU B OE2 1 
ATOM   901  N N   . ILE B 1 31  ? 14.487  -7.475  2.028   1.00 30.86  ? 291 ILE B N   1 
ATOM   902  C CA  . ILE B 1 31  ? 13.837  -6.172  1.711   1.00 31.02  ? 291 ILE B CA  1 
ATOM   903  C C   . ILE B 1 31  ? 12.924  -5.774  2.870   1.00 28.43  ? 291 ILE B C   1 
ATOM   904  O O   . ILE B 1 31  ? 12.231  -6.627  3.429   1.00 29.03  ? 291 ILE B O   1 
ATOM   905  C CB  . ILE B 1 31  ? 13.121  -6.185  0.353   1.00 34.17  ? 291 ILE B CB  1 
ATOM   906  C CG1 . ILE B 1 31  ? 12.014  -7.236  0.301   1.00 36.66  ? 291 ILE B CG1 1 
ATOM   907  C CG2 . ILE B 1 31  ? 14.133  -6.359  -0.784  1.00 35.19  ? 291 ILE B CG2 1 
ATOM   908  C CD1 . ILE B 1 31  ? 11.064  -7.056  -0.878  1.00 40.79  ? 291 ILE B CD1 1 
ATOM   909  N N   . SER B 1 32  ? 12.978  -4.502  3.221   1.00 29.49  ? 292 SER B N   1 
ATOM   910  C CA  . SER B 1 32  ? 12.078  -3.841  4.201   1.00 30.91  ? 292 SER B CA  1 
ATOM   911  C C   . SER B 1 32  ? 10.690  -3.647  3.587   1.00 28.79  ? 292 SER B C   1 
ATOM   912  O O   . SER B 1 32  ? 10.567  -3.535  2.343   1.00 27.72  ? 292 SER B O   1 
ATOM   913  C CB  . SER B 1 32  ? 12.665  -2.535  4.638   1.00 28.46  ? 292 SER B CB  1 
ATOM   914  O OG  . SER B 1 32  ? 13.936  -2.767  5.213   1.00 27.40  ? 292 SER B OG  1 
ATOM   915  N N   . PHE B 1 33  ? 9.697   -3.591  4.451   1.00 28.38  ? 293 PHE B N   1 
ATOM   916  C CA  . PHE B 1 33  ? 8.315   -3.198  4.096   1.00 29.24  ? 293 PHE B CA  1 
ATOM   917  C C   . PHE B 1 33  ? 7.579   -2.745  5.365   1.00 26.71  ? 293 PHE B C   1 
ATOM   918  O O   . PHE B 1 33  ? 8.090   -2.866  6.484   1.00 28.22  ? 293 PHE B O   1 
ATOM   919  C CB  . PHE B 1 33  ? 7.617   -4.347  3.363   1.00 28.19  ? 293 PHE B CB  1 
ATOM   920  C CG  . PHE B 1 33  ? 7.642   -5.654  4.108   1.00 28.82  ? 293 PHE B CG  1 
ATOM   921  C CD1 . PHE B 1 33  ? 6.669   -5.952  5.046   1.00 28.80  ? 293 PHE B CD1 1 
ATOM   922  C CD2 . PHE B 1 33  ? 8.652   -6.576  3.895   1.00 28.80  ? 293 PHE B CD2 1 
ATOM   923  C CE1 . PHE B 1 33  ? 6.704   -7.147  5.745   1.00 28.28  ? 293 PHE B CE1 1 
ATOM   924  C CE2 . PHE B 1 33  ? 8.682   -7.777  4.591   1.00 27.79  ? 293 PHE B CE2 1 
ATOM   925  C CZ  . PHE B 1 33  ? 7.704   -8.061  5.510   1.00 27.80  ? 293 PHE B CZ  1 
ATOM   926  N N   . ARG B 1 34  ? 6.414   -2.175  5.127   1.00 27.43  ? 294 ARG B N   1 
ATOM   927  C CA  . ARG B 1 34  ? 5.482   -1.606  6.112   1.00 30.00  ? 294 ARG B CA  1 
ATOM   928  C C   . ARG B 1 34  ? 4.203   -2.452  6.098   1.00 30.74  ? 294 ARG B C   1 
ATOM   929  O O   . ARG B 1 34  ? 3.814   -2.964  5.023   1.00 30.95  ? 294 ARG B O   1 
ATOM   930  C CB  . ARG B 1 34  ? 5.248   -0.153  5.714   1.00 29.95  ? 294 ARG B CB  1 
ATOM   931  C CG  . ARG B 1 34  ? 4.644   0.694   6.819   1.00 36.15  ? 294 ARG B CG  1 
ATOM   932  C CD  . ARG B 1 34  ? 4.475   2.134   6.371   1.00 36.60  ? 294 ARG B CD  1 
ATOM   933  N NE  . ARG B 1 34  ? 5.741   2.853   6.329   1.00 33.08  ? 294 ARG B NE  1 
ATOM   934  C CZ  . ARG B 1 34  ? 5.974   3.933   5.592   1.00 36.93  ? 294 ARG B CZ  1 
ATOM   935  N NH1 . ARG B 1 34  ? 5.029   4.450   4.814   1.00 35.71  ? 294 ARG B NH1 1 
ATOM   936  N NH2 . ARG B 1 34  ? 7.165   4.507   5.648   1.00 39.45  ? 294 ARG B NH2 1 
ATOM   937  N N   . ALA B 1 35  ? 3.591   -2.635  7.258   1.00 30.81  ? 295 ALA B N   1 
ATOM   938  C CA  . ALA B 1 35  ? 2.263   -3.269  7.399   1.00 32.93  ? 295 ALA B CA  1 
ATOM   939  C C   . ALA B 1 35  ? 1.315   -2.627  6.382   1.00 30.74  ? 295 ALA B C   1 
ATOM   940  O O   . ALA B 1 35  ? 1.329   -1.396  6.289   1.00 32.64  ? 295 ALA B O   1 
ATOM   941  C CB  . ALA B 1 35  ? 1.759   -3.090  8.816   1.00 33.72  ? 295 ALA B CB  1 
ATOM   942  N N   . GLY B 1 36  ? 0.563   -3.438  5.643   1.00 29.72  ? 296 GLY B N   1 
ATOM   943  C CA  . GLY B 1 36  ? -0.371  -2.974  4.596   1.00 31.93  ? 296 GLY B CA  1 
ATOM   944  C C   . GLY B 1 36  ? 0.250   -2.961  3.203   1.00 32.46  ? 296 GLY B C   1 
ATOM   945  O O   . GLY B 1 36  ? -0.507  -2.908  2.246   1.00 34.52  ? 296 GLY B O   1 
ATOM   946  N N   . ASP B 1 37  ? 1.574   -2.980  3.068   1.00 31.61  ? 297 ASP B N   1 
ATOM   947  C CA  . ASP B 1 37  ? 2.219   -2.942  1.733   1.00 30.84  ? 297 ASP B CA  1 
ATOM   948  C C   . ASP B 1 37  ? 1.759   -4.146  0.900   1.00 32.36  ? 297 ASP B C   1 
ATOM   949  O O   . ASP B 1 37  ? 1.571   -5.222  1.469   1.00 32.59  ? 297 ASP B O   1 
ATOM   950  C CB  . ASP B 1 37  ? 3.747   -2.974  1.812   1.00 31.69  ? 297 ASP B CB  1 
ATOM   951  C CG  . ASP B 1 37  ? 4.419   -1.674  2.194   1.00 31.35  ? 297 ASP B CG  1 
ATOM   952  O OD1 . ASP B 1 37  ? 3.729   -0.629  2.294   1.00 30.84  ? 297 ASP B OD1 1 
ATOM   953  O OD2 . ASP B 1 37  ? 5.654   -1.719  2.377   1.00 32.48  ? 297 ASP B OD2 1 
ATOM   954  N N   . MET B 1 38  ? 1.639   -3.962  -0.411  1.00 29.54  ? 298 MET B N   1 
ATOM   955  C CA  . MET B 1 38  ? 1.428   -5.040  -1.400  1.00 33.87  ? 298 MET B CA  1 
ATOM   956  C C   . MET B 1 38  ? 2.788   -5.444  -1.967  1.00 32.10  ? 298 MET B C   1 
ATOM   957  O O   . MET B 1 38  ? 3.596   -4.543  -2.296  1.00 29.80  ? 298 MET B O   1 
ATOM   958  C CB  . MET B 1 38  ? 0.506   -4.584  -2.538  1.00 36.11  ? 298 MET B CB  1 
ATOM   959  C CG  . MET B 1 38  ? 0.293   -5.633  -3.598  1.00 39.67  ? 298 MET B CG  1 
ATOM   960  S SD  . MET B 1 38  ? -1.086  -5.195  -4.737  1.00 47.90  ? 298 MET B SD  1 
ATOM   961  C CE  . MET B 1 38  ? -2.461  -5.397  -3.600  1.00 44.35  ? 298 MET B CE  1 
ATOM   962  N N   . LEU B 1 39  ? 3.035   -6.752  -2.042  1.00 29.72  ? 299 LEU B N   1 
ATOM   963  C CA  . LEU B 1 39  ? 4.267   -7.292  -2.641  1.00 30.95  ? 299 LEU B CA  1 
ATOM   964  C C   . LEU B 1 39  ? 3.880   -8.352  -3.668  1.00 30.49  ? 299 LEU B C   1 
ATOM   965  O O   . LEU B 1 39  ? 2.809   -8.926  -3.529  1.00 28.72  ? 299 LEU B O   1 
ATOM   966  C CB  . LEU B 1 39  ? 5.178   -7.882  -1.560  1.00 31.75  ? 299 LEU B CB  1 
ATOM   967  C CG  . LEU B 1 39  ? 5.719   -6.883  -0.526  1.00 32.39  ? 299 LEU B CG  1 
ATOM   968  C CD1 . LEU B 1 39  ? 4.915   -6.907  0.763   1.00 32.33  ? 299 LEU B CD1 1 
ATOM   969  C CD2 . LEU B 1 39  ? 7.177   -7.165  -0.201  1.00 30.82  ? 299 LEU B CD2 1 
ATOM   970  N N   . ASN B 1 40  ? 4.764   -8.588  -4.640  1.00 28.59  ? 300 ASN B N   1 
ATOM   971  C CA  . ASN B 1 40  ? 4.702   -9.728  -5.565  1.00 29.34  ? 300 ASN B CA  1 
ATOM   972  C C   . ASN B 1 40  ? 5.704   -10.776 -5.098  1.00 31.60  ? 300 ASN B C   1 
ATOM   973  O O   . ASN B 1 40  ? 6.810   -10.396 -4.659  1.00 29.30  ? 300 ASN B O   1 
ATOM   974  C CB  . ASN B 1 40  ? 4.964   -9.303  -7.001  1.00 31.11  ? 300 ASN B CB  1 
ATOM   975  C CG  . ASN B 1 40  ? 3.809   -8.529  -7.598  1.00 27.37  ? 300 ASN B CG  1 
ATOM   976  O OD1 . ASN B 1 40  ? 2.701   -8.524  -7.087  1.00 28.40  ? 300 ASN B OD1 1 
ATOM   977  N ND2 . ASN B 1 40  ? 4.092   -7.823  -8.664  1.00 29.96  ? 300 ASN B ND2 1 
ATOM   978  N N   . LEU B 1 41  ? 5.296   -12.043 -5.155  1.00 33.25  ? 301 LEU B N   1 
ATOM   979  C CA  . LEU B 1 41  ? 6.117   -13.207 -4.753  1.00 36.48  ? 301 LEU B CA  1 
ATOM   980  C C   . LEU B 1 41  ? 6.347   -14.098 -5.972  1.00 35.65  ? 301 LEU B C   1 
ATOM   981  O O   . LEU B 1 41  ? 5.414   -14.239 -6.793  1.00 32.94  ? 301 LEU B O   1 
ATOM   982  C CB  . LEU B 1 41  ? 5.358   -13.964 -3.668  1.00 36.98  ? 301 LEU B CB  1 
ATOM   983  C CG  . LEU B 1 41  ? 5.520   -13.465 -2.232  1.00 39.59  ? 301 LEU B CG  1 
ATOM   984  C CD1 . LEU B 1 41  ? 5.311   -11.975 -2.076  1.00 40.00  ? 301 LEU B CD1 1 
ATOM   985  C CD2 . LEU B 1 41  ? 4.531   -14.179 -1.348  1.00 42.42  ? 301 LEU B CD2 1 
ATOM   986  N N   . ALA B 1 42  ? 7.551   -14.653 -6.095  1.00 34.70  ? 302 ALA B N   1 
ATOM   987  C CA  . ALA B 1 42  ? 7.842   -15.753 -7.041  1.00 35.02  ? 302 ALA B CA  1 
ATOM   988  C C   . ALA B 1 42  ? 6.850   -16.896 -6.796  1.00 36.86  ? 302 ALA B C   1 
ATOM   989  O O   . ALA B 1 42  ? 6.452   -17.080 -5.643  1.00 39.19  ? 302 ALA B O   1 
ATOM   990  C CB  . ALA B 1 42  ? 9.268   -16.213 -6.889  1.00 37.89  ? 302 ALA B CB  1 
ATOM   991  N N   . LEU B 1 43  ? 6.464   -17.628 -7.845  1.00 36.33  ? 303 LEU B N   1 
ATOM   992  C CA  . LEU B 1 43  ? 5.659   -18.875 -7.728  1.00 40.67  ? 303 LEU B CA  1 
ATOM   993  C C   . LEU B 1 43  ? 6.469   -19.901 -6.923  1.00 43.62  ? 303 LEU B C   1 
ATOM   994  O O   . LEU B 1 43  ? 7.722   -19.805 -6.926  1.00 41.00  ? 303 LEU B O   1 
ATOM   995  C CB  . LEU B 1 43  ? 5.341   -19.413 -9.127  1.00 42.60  ? 303 LEU B CB  1 
ATOM   996  C CG  . LEU B 1 43  ? 4.650   -18.426 -10.066 1.00 43.78  ? 303 LEU B CG  1 
ATOM   997  C CD1 . LEU B 1 43  ? 4.629   -18.957 -11.497 1.00 44.22  ? 303 LEU B CD1 1 
ATOM   998  C CD2 . LEU B 1 43  ? 3.251   -18.088 -9.547  1.00 41.12  ? 303 LEU B CD2 1 
ATOM   999  N N   . LYS B 1 44  ? 5.791   -20.860 -6.284  1.00 47.46  ? 304 LYS B N   1 
ATOM   1000 C CA  . LYS B 1 44  ? 6.434   -21.897 -5.433  1.00 55.26  ? 304 LYS B CA  1 
ATOM   1001 C C   . LYS B 1 44  ? 7.582   -22.543 -6.219  1.00 53.26  ? 304 LYS B C   1 
ATOM   1002 O O   . LYS B 1 44  ? 8.629   -22.768 -5.634  1.00 54.74  ? 304 LYS B O   1 
ATOM   1003 C CB  . LYS B 1 44  ? 5.393   -22.912 -4.938  1.00 65.59  ? 304 LYS B CB  1 
ATOM   1004 C CG  . LYS B 1 44  ? 4.518   -23.553 -6.015  1.00 80.28  ? 304 LYS B CG  1 
ATOM   1005 C CD  . LYS B 1 44  ? 3.015   -23.464 -5.747  1.00 91.58  ? 304 LYS B CD  1 
ATOM   1006 C CE  . LYS B 1 44  ? 2.178   -23.490 -7.015  1.00 97.42  ? 304 LYS B CE  1 
ATOM   1007 N NZ  . LYS B 1 44  ? 1.697   -24.854 -7.333  1.00 93.64  ? 304 LYS B NZ  1 
ATOM   1008 N N   . GLU B 1 45  ? 7.410   -22.746 -7.520  1.00 50.04  ? 305 GLU B N   1 
ATOM   1009 C CA  . GLU B 1 45  ? 8.401   -23.393 -8.417  1.00 52.37  ? 305 GLU B CA  1 
ATOM   1010 C C   . GLU B 1 45  ? 9.688   -22.560 -8.458  1.00 49.34  ? 305 GLU B C   1 
ATOM   1011 O O   . GLU B 1 45  ? 10.731  -23.156 -8.735  1.00 53.22  ? 305 GLU B O   1 
ATOM   1012 C CB  . GLU B 1 45  ? 7.830   -23.675 -9.829  1.00 53.52  ? 305 GLU B CB  1 
ATOM   1013 C CG  . GLU B 1 45  ? 6.568   -22.901 -10.248 1.00 60.49  ? 305 GLU B CG  1 
ATOM   1014 C CD  . GLU B 1 45  ? 5.231   -23.431 -9.734  1.00 68.20  ? 305 GLU B CD  1 
ATOM   1015 O OE1 . GLU B 1 45  ? 5.162   -24.645 -9.455  1.00 81.29  ? 305 GLU B OE1 1 
ATOM   1016 O OE2 . GLU B 1 45  ? 4.262   -22.635 -9.589  1.00 70.36  ? 305 GLU B OE2 1 
ATOM   1017 N N   . GLN B 1 46  ? 9.641   -21.239 -8.249  1.00 51.17  ? 306 GLN B N   1 
ATOM   1018 C CA  . GLN B 1 46  ? 10.882  -20.404 -8.318  1.00 52.28  ? 306 GLN B CA  1 
ATOM   1019 C C   . GLN B 1 46  ? 11.235  -19.890 -6.918  1.00 46.24  ? 306 GLN B C   1 
ATOM   1020 O O   . GLN B 1 46  ? 12.192  -19.126 -6.798  1.00 43.68  ? 306 GLN B O   1 
ATOM   1021 C CB  . GLN B 1 46  ? 10.793  -19.180 -9.234  1.00 60.37  ? 306 GLN B CB  1 
ATOM   1022 C CG  . GLN B 1 46  ? 10.565  -19.461 -10.715 1.00 71.77  ? 306 GLN B CG  1 
ATOM   1023 C CD  . GLN B 1 46  ? 9.096   -19.324 -11.045 1.00 86.16  ? 306 GLN B CD  1 
ATOM   1024 O OE1 . GLN B 1 46  ? 8.497   -18.232 -11.000 1.00 89.93  ? 306 GLN B OE1 1 
ATOM   1025 N NE2 . GLN B 1 46  ? 8.490   -20.465 -11.339 1.00 95.18  ? 306 GLN B NE2 1 
ATOM   1026 N N   . GLN B 1 47  ? 10.511  -20.302 -5.887  1.00 43.33  ? 307 GLN B N   1 
ATOM   1027 C CA  . GLN B 1 47  ? 10.884  -19.949 -4.489  1.00 46.22  ? 307 GLN B CA  1 
ATOM   1028 C C   . GLN B 1 47  ? 12.170  -20.686 -4.123  1.00 48.94  ? 307 GLN B C   1 
ATOM   1029 O O   . GLN B 1 47  ? 12.258  -21.902 -4.247  1.00 52.71  ? 307 GLN B O   1 
ATOM   1030 C CB  . GLN B 1 47  ? 9.744   -20.256 -3.530  1.00 40.36  ? 307 GLN B CB  1 
ATOM   1031 C CG  . GLN B 1 47  ? 8.634   -19.204 -3.548  1.00 44.45  ? 307 GLN B CG  1 
ATOM   1032 C CD  . GLN B 1 47  ? 9.071   -17.833 -3.075  1.00 40.81  ? 307 GLN B CD  1 
ATOM   1033 O OE1 . GLN B 1 47  ? 10.087  -17.670 -2.404  1.00 43.66  ? 307 GLN B OE1 1 
ATOM   1034 N NE2 . GLN B 1 47  ? 8.306   -16.821 -3.433  1.00 38.96  ? 307 GLN B NE2 1 
ATOM   1035 N N   . PRO B 1 48  ? 13.233  -19.981 -3.688  1.00 50.46  ? 308 PRO B N   1 
ATOM   1036 C CA  . PRO B 1 48  ? 14.430  -20.661 -3.197  1.00 49.51  ? 308 PRO B CA  1 
ATOM   1037 C C   . PRO B 1 48  ? 14.097  -21.375 -1.878  1.00 49.86  ? 308 PRO B C   1 
ATOM   1038 O O   . PRO B 1 48  ? 13.098  -21.031 -1.262  1.00 47.47  ? 308 PRO B O   1 
ATOM   1039 C CB  . PRO B 1 48  ? 15.437  -19.521 -3.011  1.00 48.38  ? 308 PRO B CB  1 
ATOM   1040 C CG  . PRO B 1 48  ? 14.555  -18.344 -2.670  1.00 54.10  ? 308 PRO B CG  1 
ATOM   1041 C CD  . PRO B 1 48  ? 13.309  -18.522 -3.524  1.00 52.16  ? 308 PRO B CD  1 
ATOM   1042 N N   . LYS B 1 49  ? 14.903  -22.385 -1.537  1.00 61.67  ? 309 LYS B N   1 
ATOM   1043 C CA  . LYS B 1 49  ? 14.803  -23.229 -0.316  1.00 66.58  ? 309 LYS B CA  1 
ATOM   1044 C C   . LYS B 1 49  ? 15.414  -22.454 0.859   1.00 57.77  ? 309 LYS B C   1 
ATOM   1045 O O   . LYS B 1 49  ? 16.623  -22.589 1.086   1.00 54.47  ? 309 LYS B O   1 
ATOM   1046 C CB  . LYS B 1 49  ? 15.558  -24.552 -0.529  1.00 77.26  ? 309 LYS B CB  1 
ATOM   1047 C CG  . LYS B 1 49  ? 16.848  -24.431 -1.343  1.00 94.45  ? 309 LYS B CG  1 
ATOM   1048 C CD  . LYS B 1 49  ? 17.992  -25.345 -0.947  1.00 106.08 ? 309 LYS B CD  1 
ATOM   1049 C CE  . LYS B 1 49  ? 18.595  -25.000 0.397   1.00 110.62 ? 309 LYS B CE  1 
ATOM   1050 N NZ  . LYS B 1 49  ? 18.209  -26.002 1.416   1.00 115.21 ? 309 LYS B NZ  1 
ATOM   1051 N N   . VAL B 1 50  ? 14.629  -21.591 1.503   1.00 51.46  ? 310 VAL B N   1 
ATOM   1052 C CA  . VAL B 1 50  ? 15.093  -20.800 2.679   1.00 46.17  ? 310 VAL B CA  1 
ATOM   1053 C C   . VAL B 1 50  ? 13.967  -20.846 3.695   1.00 40.74  ? 310 VAL B C   1 
ATOM   1054 O O   . VAL B 1 50  ? 13.008  -20.068 3.575   1.00 49.49  ? 310 VAL B O   1 
ATOM   1055 C CB  . VAL B 1 50  ? 15.510  -19.356 2.340   1.00 48.50  ? 310 VAL B CB  1 
ATOM   1056 C CG1 . VAL B 1 50  ? 16.341  -18.761 3.466   1.00 46.49  ? 310 VAL B CG1 1 
ATOM   1057 C CG2 . VAL B 1 50  ? 16.288  -19.249 1.039   1.00 46.37  ? 310 VAL B CG2 1 
ATOM   1058 N N   . ARG B 1 51  ? 14.064  -21.794 4.616   1.00 39.81  ? 311 ARG B N   1 
ATOM   1059 C CA  . ARG B 1 51  ? 13.069  -22.023 5.691   1.00 43.39  ? 311 ARG B CA  1 
ATOM   1060 C C   . ARG B 1 51  ? 12.695  -20.690 6.348   1.00 36.38  ? 311 ARG B C   1 
ATOM   1061 O O   . ARG B 1 51  ? 13.609  -20.007 6.865   1.00 30.23  ? 311 ARG B O   1 
ATOM   1062 C CB  . ARG B 1 51  ? 13.622  -23.013 6.718   1.00 46.80  ? 311 ARG B CB  1 
ATOM   1063 C CG  . ARG B 1 51  ? 12.935  -24.365 6.664   1.00 55.01  ? 311 ARG B CG  1 
ATOM   1064 C CD  . ARG B 1 51  ? 11.597  -24.313 7.378   1.00 63.07  ? 311 ARG B CD  1 
ATOM   1065 N NE  . ARG B 1 51  ? 10.489  -24.892 6.629   1.00 69.80  ? 311 ARG B NE  1 
ATOM   1066 C CZ  . ARG B 1 51  ? 9.228   -24.958 7.052   1.00 80.39  ? 311 ARG B CZ  1 
ATOM   1067 N NH1 . ARG B 1 51  ? 8.880   -24.482 8.237   1.00 85.21  ? 311 ARG B NH1 1 
ATOM   1068 N NH2 . ARG B 1 51  ? 8.309   -25.504 6.275   1.00 85.42  ? 311 ARG B NH2 1 
ATOM   1069 N N   . GLY B 1 52  ? 11.403  -20.366 6.311   1.00 34.72  ? 312 GLY B N   1 
ATOM   1070 C CA  . GLY B 1 52  ? 10.775  -19.234 7.018   1.00 36.29  ? 312 GLY B CA  1 
ATOM   1071 C C   . GLY B 1 52  ? 10.800  -17.943 6.211   1.00 34.48  ? 312 GLY B C   1 
ATOM   1072 O O   . GLY B 1 52  ? 10.352  -16.900 6.753   1.00 33.13  ? 312 GLY B O   1 
ATOM   1073 N N   . TRP B 1 53  ? 11.317  -17.995 4.977   1.00 31.84  ? 313 TRP B N   1 
ATOM   1074 C CA  . TRP B 1 53  ? 11.463  -16.829 4.066   1.00 33.75  ? 313 TRP B CA  1 
ATOM   1075 C C   . TRP B 1 53  ? 10.738  -17.097 2.734   1.00 33.20  ? 313 TRP B C   1 
ATOM   1076 O O   . TRP B 1 53  ? 10.535  -18.277 2.361   1.00 33.51  ? 313 TRP B O   1 
ATOM   1077 C CB  . TRP B 1 53  ? 12.941  -16.497 3.830   1.00 31.62  ? 313 TRP B CB  1 
ATOM   1078 C CG  . TRP B 1 53  ? 13.687  -16.054 5.052   1.00 34.38  ? 313 TRP B CG  1 
ATOM   1079 C CD1 . TRP B 1 53  ? 14.307  -16.862 5.967   1.00 34.23  ? 313 TRP B CD1 1 
ATOM   1080 C CD2 . TRP B 1 53  ? 13.941  -14.706 5.482   1.00 31.54  ? 313 TRP B CD2 1 
ATOM   1081 N NE1 . TRP B 1 53  ? 14.924  -16.115 6.927   1.00 32.34  ? 313 TRP B NE1 1 
ATOM   1082 C CE2 . TRP B 1 53  ? 14.713  -14.787 6.664   1.00 33.03  ? 313 TRP B CE2 1 
ATOM   1083 C CE3 . TRP B 1 53  ? 13.583  -13.444 5.008   1.00 33.24  ? 313 TRP B CE3 1 
ATOM   1084 C CZ2 . TRP B 1 53  ? 15.142  -13.654 7.365   1.00 31.83  ? 313 TRP B CZ2 1 
ATOM   1085 C CZ3 . TRP B 1 53  ? 13.984  -12.323 5.709   1.00 31.39  ? 313 TRP B CZ3 1 
ATOM   1086 C CH2 . TRP B 1 53  ? 14.769  -12.427 6.862   1.00 32.92  ? 313 TRP B CH2 1 
ATOM   1087 N N   . LEU B 1 54  ? 10.397  -16.021 2.033   1.00 34.43  ? 314 LEU B N   1 
ATOM   1088 C CA  . LEU B 1 54  ? 9.904   -16.014 0.632   1.00 33.74  ? 314 LEU B CA  1 
ATOM   1089 C C   . LEU B 1 54  ? 10.679  -14.952 -0.150  1.00 32.56  ? 314 LEU B C   1 
ATOM   1090 O O   . LEU B 1 54  ? 11.078  -13.932 0.429   1.00 32.26  ? 314 LEU B O   1 
ATOM   1091 C CB  . LEU B 1 54  ? 8.399   -15.731 0.605   1.00 33.51  ? 314 LEU B CB  1 
ATOM   1092 C CG  . LEU B 1 54  ? 7.524   -16.790 1.273   1.00 33.01  ? 314 LEU B CG  1 
ATOM   1093 C CD1 . LEU B 1 54  ? 6.082   -16.333 1.374   1.00 29.48  ? 314 LEU B CD1 1 
ATOM   1094 C CD2 . LEU B 1 54  ? 7.606   -18.121 0.525   1.00 33.42  ? 314 LEU B CD2 1 
ATOM   1095 N N   . LEU B 1 55  ? 10.904  -15.204 -1.438  1.00 32.55  ? 315 LEU B N   1 
ATOM   1096 C CA  . LEU B 1 55  ? 11.472  -14.215 -2.381  1.00 31.54  ? 315 LEU B CA  1 
ATOM   1097 C C   . LEU B 1 55  ? 10.322  -13.323 -2.882  1.00 31.89  ? 315 LEU B C   1 
ATOM   1098 O O   . LEU B 1 55  ? 9.243   -13.862 -3.273  1.00 29.45  ? 315 LEU B O   1 
ATOM   1099 C CB  . LEU B 1 55  ? 12.148  -14.975 -3.513  1.00 33.38  ? 315 LEU B CB  1 
ATOM   1100 C CG  . LEU B 1 55  ? 12.824  -14.094 -4.567  1.00 34.47  ? 315 LEU B CG  1 
ATOM   1101 C CD1 . LEU B 1 55  ? 13.894  -13.215 -3.949  1.00 34.75  ? 315 LEU B CD1 1 
ATOM   1102 C CD2 . LEU B 1 55  ? 13.419  -14.941 -5.694  1.00 30.39  ? 315 LEU B CD2 1 
ATOM   1103 N N   . ALA B 1 56  ? 10.512  -12.003 -2.795  1.00 29.96  ? 316 ALA B N   1 
ATOM   1104 C CA  . ALA B 1 56  ? 9.439   -11.011 -2.988  1.00 30.26  ? 316 ALA B CA  1 
ATOM   1105 C C   . ALA B 1 56  ? 9.995   -9.736  -3.612  1.00 30.51  ? 316 ALA B C   1 
ATOM   1106 O O   . ALA B 1 56  ? 11.235  -9.582  -3.679  1.00 31.16  ? 316 ALA B O   1 
ATOM   1107 C CB  . ALA B 1 56  ? 8.760   -10.718 -1.676  1.00 29.98  ? 316 ALA B CB  1 
ATOM   1108 N N   . SER B 1 57  ? 9.089   -8.866  -4.070  1.00 28.33  ? 317 SER B N   1 
ATOM   1109 C CA  . SER B 1 57  ? 9.417   -7.520  -4.587  1.00 27.77  ? 317 SER B CA  1 
ATOM   1110 C C   . SER B 1 57  ? 8.381   -6.540  -4.058  1.00 28.30  ? 317 SER B C   1 
ATOM   1111 O O   . SER B 1 57  ? 7.182   -6.829  -4.148  1.00 28.96  ? 317 SER B O   1 
ATOM   1112 C CB  . SER B 1 57  ? 9.478   -7.498  -6.089  1.00 28.67  ? 317 SER B CB  1 
ATOM   1113 O OG  . SER B 1 57  ? 9.936   -6.236  -6.552  1.00 28.32  ? 317 SER B OG  1 
ATOM   1114 N N   . LEU B 1 58  ? 8.858   -5.415  -3.542  1.00 29.76  ? 318 LEU B N   1 
ATOM   1115 C CA  . LEU B 1 58  ? 8.004   -4.305  -3.078  1.00 32.00  ? 318 LEU B CA  1 
ATOM   1116 C C   . LEU B 1 58  ? 7.814   -3.319  -4.220  1.00 29.71  ? 318 LEU B C   1 
ATOM   1117 O O   . LEU B 1 58  ? 6.699   -2.839  -4.392  1.00 30.13  ? 318 LEU B O   1 
ATOM   1118 C CB  . LEU B 1 58  ? 8.669   -3.627  -1.882  1.00 33.60  ? 318 LEU B CB  1 
ATOM   1119 C CG  . LEU B 1 58  ? 7.900   -2.436  -1.318  1.00 34.70  ? 318 LEU B CG  1 
ATOM   1120 C CD1 . LEU B 1 58  ? 6.479   -2.839  -0.965  1.00 32.94  ? 318 LEU B CD1 1 
ATOM   1121 C CD2 . LEU B 1 58  ? 8.644   -1.838  -0.118  1.00 33.62  ? 318 LEU B CD2 1 
ATOM   1122 N N   . ASP B 1 59  ? 8.876   -3.081  -4.986  1.00 31.95  ? 319 ASP B N   1 
ATOM   1123 C CA  . ASP B 1 59  ? 8.937   -1.975  -5.973  1.00 33.16  ? 319 ASP B CA  1 
ATOM   1124 C C   . ASP B 1 59  ? 8.753   -2.521  -7.397  1.00 32.77  ? 319 ASP B C   1 
ATOM   1125 O O   . ASP B 1 59  ? 8.717   -1.730  -8.287  1.00 34.11  ? 319 ASP B O   1 
ATOM   1126 C CB  . ASP B 1 59  ? 10.242  -1.190  -5.814  1.00 32.24  ? 319 ASP B CB  1 
ATOM   1127 C CG  . ASP B 1 59  ? 11.485  -1.976  -6.190  1.00 34.78  ? 319 ASP B CG  1 
ATOM   1128 O OD1 . ASP B 1 59  ? 11.330  -3.089  -6.724  1.00 38.36  ? 319 ASP B OD1 1 
ATOM   1129 O OD2 . ASP B 1 59  ? 12.612  -1.472  -5.918  1.00 37.05  ? 319 ASP B OD2 1 
ATOM   1130 N N   . GLY B 1 60  ? 8.657   -3.829  -7.600  1.00 36.51  ? 320 GLY B N   1 
ATOM   1131 C CA  . GLY B 1 60  ? 8.444   -4.424  -8.939  1.00 37.59  ? 320 GLY B CA  1 
ATOM   1132 C C   . GLY B 1 60  ? 9.723   -4.599  -9.756  1.00 35.89  ? 320 GLY B C   1 
ATOM   1133 O O   . GLY B 1 60  ? 9.604   -5.047  -10.889 1.00 43.03  ? 320 GLY B O   1 
ATOM   1134 N N   . GLN B 1 61  ? 10.894  -4.245  -9.223  1.00 34.40  ? 321 GLN B N   1 
ATOM   1135 C CA  . GLN B 1 61  ? 12.192  -4.297  -9.946  1.00 38.79  ? 321 GLN B CA  1 
ATOM   1136 C C   . GLN B 1 61  ? 13.238  -4.992  -9.079  1.00 45.47  ? 321 GLN B C   1 
ATOM   1137 O O   . GLN B 1 61  ? 13.944  -5.879  -9.603  1.00 47.83  ? 321 GLN B O   1 
ATOM   1138 C CB  . GLN B 1 61  ? 12.686  -2.897  -10.307 1.00 43.63  ? 321 GLN B CB  1 
ATOM   1139 C CG  . GLN B 1 61  ? 11.844  -2.258  -11.404 1.00 49.77  ? 321 GLN B CG  1 
ATOM   1140 C CD  . GLN B 1 61  ? 12.385  -0.942  -11.907 1.00 51.64  ? 321 GLN B CD  1 
ATOM   1141 O OE1 . GLN B 1 61  ? 12.531  0.030   -11.160 1.00 53.05  ? 321 GLN B OE1 1 
ATOM   1142 N NE2 . GLN B 1 61  ? 12.660  -0.904  -13.199 1.00 49.36  ? 321 GLN B NE2 1 
ATOM   1143 N N   . THR B 1 62  ? 13.371  -4.589  -7.815  1.00 45.08  ? 322 THR B N   1 
ATOM   1144 C CA  . THR B 1 62  ? 14.354  -5.205  -6.888  1.00 44.80  ? 322 THR B CA  1 
ATOM   1145 C C   . THR B 1 62  ? 13.640  -6.337  -6.143  1.00 40.24  ? 322 THR B C   1 
ATOM   1146 O O   . THR B 1 62  ? 12.457  -6.208  -5.799  1.00 41.32  ? 322 THR B O   1 
ATOM   1147 C CB  . THR B 1 62  ? 15.054  -4.144  -6.030  1.00 43.37  ? 322 THR B CB  1 
ATOM   1148 O OG1 . THR B 1 62  ? 14.061  -3.353  -5.384  1.00 49.95  ? 322 THR B OG1 1 
ATOM   1149 C CG2 . THR B 1 62  ? 15.947  -3.264  -6.874  1.00 46.03  ? 322 THR B CG2 1 
ATOM   1150 N N   . THR B 1 63  ? 14.354  -7.429  -5.937  1.00 36.95  ? 323 THR B N   1 
ATOM   1151 C CA  . THR B 1 63  ? 13.855  -8.629  -5.228  1.00 41.22  ? 323 THR B CA  1 
ATOM   1152 C C   . THR B 1 63  ? 14.697  -8.892  -3.975  1.00 39.52  ? 323 THR B C   1 
ATOM   1153 O O   . THR B 1 63  ? 15.892  -8.534  -3.967  1.00 36.88  ? 323 THR B O   1 
ATOM   1154 C CB  . THR B 1 63  ? 13.881  -9.820  -6.181  1.00 39.52  ? 323 THR B CB  1 
ATOM   1155 O OG1 . THR B 1 63  ? 15.251  -10.011 -6.518  1.00 43.05  ? 323 THR B OG1 1 
ATOM   1156 C CG2 . THR B 1 63  ? 13.054  -9.578  -7.416  1.00 38.55  ? 323 THR B CG2 1 
ATOM   1157 N N   . GLY B 1 64  ? 14.097  -9.536  -2.975  1.00 35.50  ? 324 GLY B N   1 
ATOM   1158 C CA  . GLY B 1 64  ? 14.836  -10.040 -1.808  1.00 34.01  ? 324 GLY B CA  1 
ATOM   1159 C C   . GLY B 1 64  ? 13.949  -10.885 -0.929  1.00 34.97  ? 324 GLY B C   1 
ATOM   1160 O O   . GLY B 1 64  ? 12.776  -11.092 -1.298  1.00 33.48  ? 324 GLY B O   1 
ATOM   1161 N N   . LEU B 1 65  ? 14.504  -11.365 0.188   1.00 33.85  ? 325 LEU B N   1 
ATOM   1162 C CA  . LEU B 1 65  ? 13.798  -12.282 1.104   1.00 32.46  ? 325 LEU B CA  1 
ATOM   1163 C C   . LEU B 1 65  ? 13.001  -11.456 2.111   1.00 32.68  ? 325 LEU B C   1 
ATOM   1164 O O   . LEU B 1 65  ? 13.480  -10.390 2.576   1.00 28.87  ? 325 LEU B O   1 
ATOM   1165 C CB  . LEU B 1 65  ? 14.802  -13.235 1.762   1.00 35.32  ? 325 LEU B CB  1 
ATOM   1166 C CG  . LEU B 1 65  ? 15.617  -14.046 0.748   1.00 36.21  ? 325 LEU B CG  1 
ATOM   1167 C CD1 . LEU B 1 65  ? 16.725  -14.838 1.416   1.00 38.41  ? 325 LEU B CD1 1 
ATOM   1168 C CD2 . LEU B 1 65  ? 14.711  -14.968 -0.040  1.00 33.80  ? 325 LEU B CD2 1 
ATOM   1169 N N   . ILE B 1 66  ? 11.797  -11.947 2.388   1.00 31.68  ? 326 ILE B N   1 
ATOM   1170 C CA  . ILE B 1 66  ? 10.899  -11.461 3.456   1.00 30.40  ? 326 ILE B CA  1 
ATOM   1171 C C   . ILE B 1 66  ? 10.528  -12.671 4.304   1.00 33.50  ? 326 ILE B C   1 
ATOM   1172 O O   . ILE B 1 66  ? 10.551  -13.807 3.813   1.00 30.26  ? 326 ILE B O   1 
ATOM   1173 C CB  . ILE B 1 66  ? 9.670   -10.787 2.838   1.00 30.75  ? 326 ILE B CB  1 
ATOM   1174 C CG1 . ILE B 1 66  ? 8.798   -11.792 2.080   1.00 30.82  ? 326 ILE B CG1 1 
ATOM   1175 C CG2 . ILE B 1 66  ? 10.085  -9.619  1.961   1.00 31.30  ? 326 ILE B CG2 1 
ATOM   1176 C CD1 . ILE B 1 66  ? 7.459   -11.228 1.643   1.00 30.86  ? 326 ILE B CD1 1 
ATOM   1177 N N   . PRO B 1 67  ? 10.194  -12.475 5.601   1.00 32.18  ? 327 PRO B N   1 
ATOM   1178 C CA  . PRO B 1 67  ? 9.707   -13.579 6.420   1.00 33.79  ? 327 PRO B CA  1 
ATOM   1179 C C   . PRO B 1 67  ? 8.335   -14.035 5.911   1.00 32.03  ? 327 PRO B C   1 
ATOM   1180 O O   . PRO B 1 67  ? 7.419   -13.230 5.866   1.00 33.71  ? 327 PRO B O   1 
ATOM   1181 C CB  . PRO B 1 67  ? 9.622   -12.983 7.839   1.00 35.44  ? 327 PRO B CB  1 
ATOM   1182 C CG  . PRO B 1 67  ? 10.479  -11.720 7.768   1.00 34.62  ? 327 PRO B CG  1 
ATOM   1183 C CD  . PRO B 1 67  ? 10.305  -11.218 6.353   1.00 32.70  ? 327 PRO B CD  1 
ATOM   1184 N N   . ALA B 1 68  ? 8.216   -15.311 5.562   1.00 32.36  ? 328 ALA B N   1 
ATOM   1185 C CA  . ALA B 1 68  ? 6.978   -15.919 5.027   1.00 34.69  ? 328 ALA B CA  1 
ATOM   1186 C C   . ALA B 1 68  ? 5.783   -15.525 5.884   1.00 35.32  ? 328 ALA B C   1 
ATOM   1187 O O   . ALA B 1 68  ? 4.715   -15.214 5.336   1.00 34.43  ? 328 ALA B O   1 
ATOM   1188 C CB  . ALA B 1 68  ? 7.114   -17.415 4.971   1.00 37.51  ? 328 ALA B CB  1 
ATOM   1189 N N   . ASN B 1 69  ? 5.959   -15.556 7.202   1.00 34.91  ? 329 ASN B N   1 
ATOM   1190 C CA  . ASN B 1 69  ? 4.827   -15.437 8.148   1.00 37.14  ? 329 ASN B CA  1 
ATOM   1191 C C   . ASN B 1 69  ? 4.589   -13.957 8.475   1.00 37.54  ? 329 ASN B C   1 
ATOM   1192 O O   . ASN B 1 69  ? 3.768   -13.680 9.372   1.00 38.21  ? 329 ASN B O   1 
ATOM   1193 C CB  . ASN B 1 69  ? 5.033   -16.396 9.326   1.00 37.50  ? 329 ASN B CB  1 
ATOM   1194 C CG  . ASN B 1 69  ? 5.142   -17.840 8.842   1.00 42.93  ? 329 ASN B CG  1 
ATOM   1195 O OD1 . ASN B 1 69  ? 6.220   -18.450 8.756   1.00 43.06  ? 329 ASN B OD1 1 
ATOM   1196 N ND2 . ASN B 1 69  ? 4.020   -18.391 8.427   1.00 43.58  ? 329 ASN B ND2 1 
ATOM   1197 N N   . TYR B 1 70  ? 5.198   -13.025 7.736   1.00 36.12  ? 330 TYR B N   1 
ATOM   1198 C CA  . TYR B 1 70  ? 4.923   -11.572 7.909   1.00 36.09  ? 330 TYR B CA  1 
ATOM   1199 C C   . TYR B 1 70  ? 3.913   -11.104 6.856   1.00 34.65  ? 330 TYR B C   1 
ATOM   1200 O O   . TYR B 1 70  ? 3.534   -9.916  6.906   1.00 39.85  ? 330 TYR B O   1 
ATOM   1201 C CB  . TYR B 1 70  ? 6.227   -10.764 7.877   1.00 34.31  ? 330 TYR B CB  1 
ATOM   1202 C CG  . TYR B 1 70  ? 6.902   -10.643 9.221   1.00 33.65  ? 330 TYR B CG  1 
ATOM   1203 C CD1 . TYR B 1 70  ? 6.990   -11.731 10.068  1.00 34.78  ? 330 TYR B CD1 1 
ATOM   1204 C CD2 . TYR B 1 70  ? 7.475   -9.458  9.642   1.00 34.39  ? 330 TYR B CD2 1 
ATOM   1205 C CE1 . TYR B 1 70  ? 7.600   -11.644 11.306  1.00 34.97  ? 330 TYR B CE1 1 
ATOM   1206 C CE2 . TYR B 1 70  ? 8.115   -9.360  10.867  1.00 35.84  ? 330 TYR B CE2 1 
ATOM   1207 C CZ  . TYR B 1 70  ? 8.166   -10.454 11.710  1.00 35.28  ? 330 TYR B CZ  1 
ATOM   1208 O OH  . TYR B 1 70  ? 8.764   -10.389 12.933  1.00 33.22  ? 330 TYR B OH  1 
ATOM   1209 N N   . VAL B 1 71  ? 3.498   -11.982 5.938   1.00 32.60  ? 331 VAL B N   1 
ATOM   1210 C CA  . VAL B 1 71  ? 2.581   -11.600 4.820   1.00 35.94  ? 331 VAL B CA  1 
ATOM   1211 C C   . VAL B 1 71  ? 1.408   -12.567 4.719   1.00 37.77  ? 331 VAL B C   1 
ATOM   1212 O O   . VAL B 1 71  ? 1.553   -13.735 5.092   1.00 40.01  ? 331 VAL B O   1 
ATOM   1213 C CB  . VAL B 1 71  ? 3.301   -11.526 3.467   1.00 34.62  ? 331 VAL B CB  1 
ATOM   1214 C CG1 . VAL B 1 71  ? 4.440   -10.517 3.511   1.00 35.99  ? 331 VAL B CG1 1 
ATOM   1215 C CG2 . VAL B 1 71  ? 3.790   -12.880 3.018   1.00 34.66  ? 331 VAL B CG2 1 
ATOM   1216 N N   . LYS B 1 72  ? 0.297   -12.041 4.215   1.00 41.16  ? 332 LYS B N   1 
ATOM   1217 C CA  . LYS B 1 72  ? -0.941  -12.787 3.907   1.00 43.44  ? 332 LYS B CA  1 
ATOM   1218 C C   . LYS B 1 72  ? -0.951  -12.991 2.390   1.00 40.21  ? 332 LYS B C   1 
ATOM   1219 O O   . LYS B 1 72  ? -0.868  -11.993 1.645   1.00 35.35  ? 332 LYS B O   1 
ATOM   1220 C CB  . LYS B 1 72  ? -2.136  -12.006 4.463   1.00 49.27  ? 332 LYS B CB  1 
ATOM   1221 C CG  . LYS B 1 72  ? -3.508  -12.479 4.005   1.00 62.42  ? 332 LYS B CG  1 
ATOM   1222 C CD  . LYS B 1 72  ? -3.945  -13.795 4.609   1.00 76.42  ? 332 LYS B CD  1 
ATOM   1223 C CE  . LYS B 1 72  ? -4.888  -13.641 5.786   1.00 87.43  ? 332 LYS B CE  1 
ATOM   1224 N NZ  . LYS B 1 72  ? -5.025  -14.912 6.539   1.00 93.81  ? 332 LYS B NZ  1 
ATOM   1225 N N   . ILE B 1 73  ? -0.945  -14.239 1.943   1.00 39.28  ? 333 ILE B N   1 
ATOM   1226 C CA  . ILE B 1 73  ? -1.036  -14.563 0.494   1.00 41.68  ? 333 ILE B CA  1 
ATOM   1227 C C   . ILE B 1 73  ? -2.457  -14.234 0.037   1.00 41.65  ? 333 ILE B C   1 
ATOM   1228 O O   . ILE B 1 73  ? -3.385  -14.712 0.683   1.00 43.07  ? 333 ILE B O   1 
ATOM   1229 C CB  . ILE B 1 73  ? -0.672  -16.034 0.231   1.00 44.31  ? 333 ILE B CB  1 
ATOM   1230 C CG1 . ILE B 1 73  ? 0.691   -16.386 0.830   1.00 43.23  ? 333 ILE B CG1 1 
ATOM   1231 C CG2 . ILE B 1 73  ? -0.731  -16.344 -1.263  1.00 45.48  ? 333 ILE B CG2 1 
ATOM   1232 C CD1 . ILE B 1 73  ? 1.797   -15.494 0.340   1.00 46.27  ? 333 ILE B CD1 1 
ATOM   1233 N N   . LEU B 1 74  ? -2.605  -13.397 -0.993  1.00 43.43  ? 334 LEU B N   1 
ATOM   1234 C CA  . LEU B 1 74  ? -3.922  -13.031 -1.578  1.00 43.66  ? 334 LEU B CA  1 
ATOM   1235 C C   . LEU B 1 74  ? -4.215  -13.910 -2.807  1.00 47.20  ? 334 LEU B C   1 
ATOM   1236 O O   . LEU B 1 74  ? -5.395  -14.153 -3.047  1.00 47.10  ? 334 LEU B O   1 
ATOM   1237 C CB  . LEU B 1 74  ? -3.931  -11.547 -1.937  1.00 42.18  ? 334 LEU B CB  1 
ATOM   1238 C CG  . LEU B 1 74  ? -3.610  -10.586 -0.794  1.00 44.55  ? 334 LEU B CG  1 
ATOM   1239 C CD1 . LEU B 1 74  ? -3.667  -9.146  -1.271  1.00 43.84  ? 334 LEU B CD1 1 
ATOM   1240 C CD2 . LEU B 1 74  ? -4.561  -10.766 0.372   1.00 44.41  ? 334 LEU B CD2 1 
ATOM   1241 N N   . GLY B 1 75  ? -3.203  -14.391 -3.535  1.00 45.86  ? 335 GLY B N   1 
ATOM   1242 C CA  . GLY B 1 75  ? -3.400  -15.428 -4.566  1.00 47.22  ? 335 GLY B CA  1 
ATOM   1243 C C   . GLY B 1 75  ? -2.465  -15.290 -5.752  1.00 45.17  ? 335 GLY B C   1 
ATOM   1244 O O   . GLY B 1 75  ? -1.663  -14.341 -5.782  1.00 44.22  ? 335 GLY B O   1 
ATOM   1245 N N   . LYS B 1 76  ? -2.541  -16.256 -6.670  1.00 45.72  ? 336 LYS B N   1 
ATOM   1246 C CA  . LYS B 1 76  ? -1.770  -16.325 -7.933  1.00 49.38  ? 336 LYS B CA  1 
ATOM   1247 C C   . LYS B 1 76  ? -2.466  -15.407 -8.952  1.00 50.40  ? 336 LYS B C   1 
ATOM   1248 O O   . LYS B 1 76  ? -3.719  -15.417 -9.007  1.00 48.67  ? 336 LYS B O   1 
ATOM   1249 C CB  . LYS B 1 76  ? -1.670  -17.789 -8.376  1.00 56.16  ? 336 LYS B CB  1 
ATOM   1250 C CG  . LYS B 1 76  ? -0.673  -18.066 -9.495  1.00 61.55  ? 336 LYS B CG  1 
ATOM   1251 C CD  . LYS B 1 76  ? -0.515  -19.519 -9.898  1.00 63.19  ? 336 LYS B CD  1 
ATOM   1252 C CE  . LYS B 1 76  ? 0.300   -19.645 -11.171 1.00 70.44  ? 336 LYS B CE  1 
ATOM   1253 N NZ  . LYS B 1 76  ? 0.784   -21.023 -11.432 1.00 70.13  ? 336 LYS B NZ  1 
ATOM   1254 N N   . ARG B 1 77  ? -1.711  -14.564 -9.663  1.00 46.53  ? 337 ARG B N   1 
ATOM   1255 C CA  . ARG B 1 77  ? -2.243  -13.702 -10.756 1.00 46.02  ? 337 ARG B CA  1 
ATOM   1256 C C   . ARG B 1 77  ? -1.503  -14.049 -12.054 1.00 42.88  ? 337 ARG B C   1 
ATOM   1257 O O   . ARG B 1 77  ? -0.284  -14.324 -11.993 1.00 42.00  ? 337 ARG B O   1 
ATOM   1258 C CB  . ARG B 1 77  ? -2.063  -12.205 -10.477 1.00 47.23  ? 337 ARG B CB  1 
ATOM   1259 C CG  . ARG B 1 77  ? -2.841  -11.631 -9.308  1.00 53.92  ? 337 ARG B CG  1 
ATOM   1260 C CD  . ARG B 1 77  ? -4.343  -11.823 -9.357  1.00 62.25  ? 337 ARG B CD  1 
ATOM   1261 N NE  . ARG B 1 77  ? -4.737  -12.984 -8.546  1.00 77.86  ? 337 ARG B NE  1 
ATOM   1262 C CZ  . ARG B 1 77  ? -5.418  -12.959 -7.388  1.00 80.91  ? 337 ARG B CZ  1 
ATOM   1263 N NH1 . ARG B 1 77  ? -5.712  -14.094 -6.775  1.00 84.71  ? 337 ARG B NH1 1 
ATOM   1264 N NH2 . ARG B 1 77  ? -5.812  -11.821 -6.845  1.00 83.57  ? 337 ARG B NH2 1 
ATOM   1265 N N   . LYS B 1 78  ? -2.202  -13.978 -13.186 1.00 41.62  ? 338 LYS B N   1 
ATOM   1266 C CA  . LYS B 1 78  ? -1.598  -14.142 -14.535 1.00 44.16  ? 338 LYS B CA  1 
ATOM   1267 C C   . LYS B 1 78  ? -0.710  -12.936 -14.830 1.00 38.31  ? 338 LYS B C   1 
ATOM   1268 O O   . LYS B 1 78  ? -1.053  -11.817 -14.369 1.00 36.37  ? 338 LYS B O   1 
ATOM   1269 C CB  . LYS B 1 78  ? -2.672  -14.298 -15.611 1.00 49.16  ? 338 LYS B CB  1 
ATOM   1270 C CG  . LYS B 1 78  ? -3.184  -15.723 -15.780 1.00 62.79  ? 338 LYS B CG  1 
ATOM   1271 C CD  . LYS B 1 78  ? -3.776  -15.997 -17.157 1.00 75.63  ? 338 LYS B CD  1 
ATOM   1272 C CE  . LYS B 1 78  ? -3.778  -17.467 -17.523 1.00 83.93  ? 338 LYS B CE  1 
ATOM   1273 N NZ  . LYS B 1 78  ? -4.342  -17.684 -18.878 1.00 88.81  ? 338 LYS B NZ  1 
ATOM   1274 N N   . GLY B 1 79  ? 0.402   -13.169 -15.531 1.00 32.76  ? 339 GLY B N   1 
ATOM   1275 C CA  . GLY B 1 79  ? 1.326   -12.109 -15.972 1.00 32.84  ? 339 GLY B CA  1 
ATOM   1276 C C   . GLY B 1 79  ? 0.730   -11.249 -17.079 1.00 33.69  ? 339 GLY B C   1 
ATOM   1277 O O   . GLY B 1 79  ? -0.053  -11.765 -17.873 1.00 34.84  ? 339 GLY B O   1 
ATOM   1278 N N   . ARG B 1 80  ? 1.126   -9.984  -17.159 1.00 30.54  ? 340 ARG B N   1 
ATOM   1279 C CA  . ARG B 1 80  ? 0.734   -9.034  -18.213 1.00 32.39  ? 340 ARG B CA  1 
ATOM   1280 C C   . ARG B 1 80  ? 1.290   -9.540  -19.550 1.00 36.60  ? 340 ARG B C   1 
ATOM   1281 O O   . ARG B 1 80  ? 0.555   -9.427  -20.549 1.00 36.88  ? 340 ARG B O   1 
ATOM   1282 C CB  . ARG B 1 80  ? 1.232   -7.622  -17.872 1.00 33.14  ? 340 ARG B CB  1 
ATOM   1283 C CG  . ARG B 1 80  ? 0.581   -6.982  -16.649 1.00 30.01  ? 340 ARG B CG  1 
ATOM   1284 C CD  . ARG B 1 80  ? 1.303   -5.696  -16.247 1.00 27.96  ? 340 ARG B CD  1 
ATOM   1285 N NE  . ARG B 1 80  ? 1.520   -4.817  -17.404 1.00 27.92  ? 340 ARG B NE  1 
ATOM   1286 C CZ  . ARG B 1 80  ? 0.665   -3.913  -17.888 1.00 29.16  ? 340 ARG B CZ  1 
ATOM   1287 N NH1 . ARG B 1 80  ? -0.512  -3.725  -17.321 1.00 30.14  ? 340 ARG B NH1 1 
ATOM   1288 N NH2 . ARG B 1 80  ? 0.984   -3.192  -18.956 1.00 30.03  ? 340 ARG B NH2 1 
ATOM   1289 N N   . LYS B 1 81  ? 2.500   -10.112 -19.569 1.00 35.53  ? 341 LYS B N   1 
ATOM   1290 C CA  . LYS B 1 81  ? 3.161   -10.598 -20.809 1.00 38.98  ? 341 LYS B CA  1 
ATOM   1291 C C   . LYS B 1 81  ? 3.125   -9.469  -21.847 1.00 42.09  ? 341 LYS B C   1 
ATOM   1292 O O   . LYS B 1 81  ? 2.770   -9.722  -23.011 1.00 39.79  ? 341 LYS B O   1 
ATOM   1293 C CB  . LYS B 1 81  ? 2.444   -11.832 -21.371 1.00 43.26  ? 341 LYS B CB  1 
ATOM   1294 C CG  . LYS B 1 81  ? 2.406   -13.055 -20.469 1.00 45.03  ? 341 LYS B CG  1 
ATOM   1295 C CD  . LYS B 1 81  ? 3.766   -13.652 -20.260 1.00 49.12  ? 341 LYS B CD  1 
ATOM   1296 C CE  . LYS B 1 81  ? 3.726   -15.155 -20.058 1.00 53.69  ? 341 LYS B CE  1 
ATOM   1297 N NZ  . LYS B 1 81  ? 4.899   -15.597 -19.263 1.00 59.34  ? 341 LYS B NZ  1 
ATOM   1298 N N   . THR B 1 82  ? 3.445   -8.248  -21.435 1.00 42.52  ? 342 THR B N   1 
ATOM   1299 C CA  . THR B 1 82  ? 3.165   -7.028  -22.225 1.00 38.59  ? 342 THR B CA  1 
ATOM   1300 C C   . THR B 1 82  ? 3.842   -7.138  -23.594 1.00 39.89  ? 342 THR B C   1 
ATOM   1301 O O   . THR B 1 82  ? 3.206   -6.772  -24.600 1.00 37.85  ? 342 THR B O   1 
ATOM   1302 C CB  . THR B 1 82  ? 3.604   -5.772  -21.466 1.00 36.49  ? 342 THR B CB  1 
ATOM   1303 O OG1 . THR B 1 82  ? 2.847   -5.735  -20.250 1.00 34.02  ? 342 THR B OG1 1 
ATOM   1304 C CG2 . THR B 1 82  ? 3.413   -4.516  -22.293 1.00 36.50  ? 342 THR B CG2 1 
ATOM   1305 N N   . VAL B 1 83  ? 5.081   -7.616  -23.634 1.00 40.13  ? 343 VAL B N   1 
ATOM   1306 C CA  . VAL B 1 83  ? 5.919   -7.576  -24.869 1.00 47.05  ? 343 VAL B CA  1 
ATOM   1307 C C   . VAL B 1 83  ? 5.916   -8.950  -25.558 1.00 50.14  ? 343 VAL B C   1 
ATOM   1308 O O   . VAL B 1 83  ? 6.778   -9.142  -26.429 1.00 51.41  ? 343 VAL B O   1 
ATOM   1309 C CB  . VAL B 1 83  ? 7.352   -7.067  -24.597 1.00 46.13  ? 343 VAL B CB  1 
ATOM   1310 C CG1 . VAL B 1 83  ? 7.334   -5.711  -23.913 1.00 46.31  ? 343 VAL B CG1 1 
ATOM   1311 C CG2 . VAL B 1 83  ? 8.193   -8.050  -23.802 1.00 46.50  ? 343 VAL B CG2 1 
ATOM   1312 N N   . GLU B 1 84  ? 4.989   -9.860  -25.223 1.00 57.27  ? 344 GLU B N   1 
ATOM   1313 C CA  . GLU B 1 84  ? 4.666   -11.051 -26.065 1.00 65.49  ? 344 GLU B CA  1 
ATOM   1314 C C   . GLU B 1 84  ? 4.122   -10.547 -27.415 1.00 65.26  ? 344 GLU B C   1 
ATOM   1315 O O   . GLU B 1 84  ? 3.362   -9.538  -27.400 1.00 66.77  ? 344 GLU B O   1 
ATOM   1316 C CB  . GLU B 1 84  ? 3.702   -11.997 -25.342 1.00 71.73  ? 344 GLU B CB  1 
ATOM   1317 C CG  . GLU B 1 84  ? 4.144   -13.457 -25.379 1.00 78.32  ? 344 GLU B CG  1 
ATOM   1318 C CD  . GLU B 1 84  ? 3.328   -14.400 -24.511 1.00 80.00  ? 344 GLU B CD  1 
ATOM   1319 O OE1 . GLU B 1 84  ? 2.133   -14.586 -24.807 1.00 72.52  ? 344 GLU B OE1 1 
ATOM   1320 O OE2 . GLU B 1 84  ? 3.886   -14.931 -23.523 1.00 91.70  ? 344 GLU B OE2 1 
ATOM   1321 N N   . SER B 1 85  ? 4.510   -11.208 -28.523 1.00 66.79  ? 345 SER B N   1 
ATOM   1322 C CA  . SER B 1 85  ? 4.283   -10.810 -29.948 1.00 73.01  ? 345 SER B CA  1 
ATOM   1323 C C   . SER B 1 85  ? 2.956   -11.381 -30.468 1.00 65.00  ? 345 SER B C   1 
ATOM   1324 O O   . SER B 1 85  ? 2.485   -12.323 -29.849 1.00 54.90  ? 345 SER B O   1 
ATOM   1325 C CB  . SER B 1 85  ? 5.442   -11.248 -30.834 1.00 74.79  ? 345 SER B CB  1 
ATOM   1326 O OG  . SER B 1 85  ? 6.686   -10.927 -30.226 1.00 78.95  ? 345 SER B OG  1 
HETATM 1327 C C1  . EDO C 2 .   ? -12.764 14.061  9.235   1.00 67.61  ? 401 EDO A C1  1 
HETATM 1328 O O1  . EDO C 2 .   ? -12.668 15.022  10.282  1.00 72.74  ? 401 EDO A O1  1 
HETATM 1329 C C2  . EDO C 2 .   ? -12.286 14.588  7.936   1.00 68.49  ? 401 EDO A C2  1 
HETATM 1330 O O2  . EDO C 2 .   ? -11.161 15.467  8.007   1.00 62.52  ? 401 EDO A O2  1 
HETATM 1331 C C1  . EDO D 2 .   ? -3.296  -3.696  1.109   1.00 54.26  ? 401 EDO B C1  1 
HETATM 1332 O O1  . EDO D 2 .   ? -3.591  -3.142  2.388   1.00 52.31  ? 401 EDO B O1  1 
HETATM 1333 C C2  . EDO D 2 .   ? -3.808  -5.057  0.775   1.00 59.43  ? 401 EDO B C2  1 
HETATM 1334 O O2  . EDO D 2 .   ? -5.196  -5.184  0.553   1.00 58.40  ? 401 EDO B O2  1 
HETATM 1335 C C1  . EDO E 2 .   ? -6.180  -9.169  -4.737  1.00 49.58  ? 402 EDO B C1  1 
HETATM 1336 O O1  . EDO E 2 .   ? -7.139  -9.262  -5.758  1.00 50.52  ? 402 EDO B O1  1 
HETATM 1337 C C2  . EDO E 2 .   ? -4.817  -9.565  -5.168  1.00 49.70  ? 402 EDO B C2  1 
HETATM 1338 O O2  . EDO E 2 .   ? -4.511  -9.259  -6.531  1.00 54.77  ? 402 EDO B O2  1 
HETATM 1339 O O   . HOH F 3 .   ? 4.702   13.543  7.218   1.00 40.43  ? 501 HOH A O   1 
HETATM 1340 O O   . HOH F 3 .   ? -0.082  10.381  12.897  1.00 35.11  ? 502 HOH A O   1 
HETATM 1341 O O   . HOH F 3 .   ? -22.333 12.967  -4.123  1.00 51.94  ? 503 HOH A O   1 
HETATM 1342 O O   . HOH F 3 .   ? 4.982   -4.267  -6.757  1.00 32.66  ? 504 HOH A O   1 
HETATM 1343 O O   . HOH F 3 .   ? -0.111  3.395   -1.731  1.00 24.16  ? 505 HOH A O   1 
HETATM 1344 O O   . HOH F 3 .   ? -17.025 4.535   4.258   1.00 38.21  ? 506 HOH A O   1 
HETATM 1345 O O   . HOH F 3 .   ? -14.059 5.568   7.664   1.00 31.33  ? 507 HOH A O   1 
HETATM 1346 O O   . HOH F 3 .   ? 0.838   13.228  16.041  1.00 51.94  ? 508 HOH A O   1 
HETATM 1347 O O   . HOH F 3 .   ? -18.110 1.231   2.568   1.00 32.88  ? 509 HOH A O   1 
HETATM 1348 O O   . HOH F 3 .   ? -15.624 9.201   15.411  1.00 37.51  ? 510 HOH A O   1 
HETATM 1349 O O   . HOH F 3 .   ? -21.036 10.214  2.481   1.00 37.97  ? 511 HOH A O   1 
HETATM 1350 O O   . HOH F 3 .   ? -8.039  3.624   18.813  1.00 59.90  ? 512 HOH A O   1 
HETATM 1351 O O   . HOH F 3 .   ? -2.203  22.019  11.827  1.00 44.54  ? 513 HOH A O   1 
HETATM 1352 O O   . HOH F 3 .   ? -17.216 15.311  5.135   1.00 41.98  ? 514 HOH A O   1 
HETATM 1353 O O   . HOH F 3 .   ? -11.747 10.780  9.510   1.00 38.94  ? 515 HOH A O   1 
HETATM 1354 O O   . HOH F 3 .   ? -17.354 8.782   -9.438  1.00 42.35  ? 516 HOH A O   1 
HETATM 1355 O O   . HOH F 3 .   ? 4.200   14.273  12.257  1.00 43.10  ? 517 HOH A O   1 
HETATM 1356 O O   . HOH F 3 .   ? -20.217 15.553  0.610   1.00 48.17  ? 518 HOH A O   1 
HETATM 1357 O O   . HOH F 3 .   ? -18.719 12.018  -8.434  1.00 40.36  ? 519 HOH A O   1 
HETATM 1358 O O   . HOH F 3 .   ? -10.729 -0.145  10.323  1.00 39.38  ? 520 HOH A O   1 
HETATM 1359 O O   . HOH F 3 .   ? -2.600  19.748  20.322  1.00 70.12  ? 521 HOH A O   1 
HETATM 1360 O O   . HOH F 3 .   ? 0.769   -2.263  -5.336  1.00 29.45  ? 522 HOH A O   1 
HETATM 1361 O O   . HOH F 3 .   ? -2.971  2.895   10.649  1.00 43.50  ? 523 HOH A O   1 
HETATM 1362 O O   . HOH F 3 .   ? -16.327 20.195  0.849   1.00 50.89  ? 524 HOH A O   1 
HETATM 1363 O O   . HOH F 3 .   ? 2.706   13.248  5.542   1.00 30.45  ? 525 HOH A O   1 
HETATM 1364 O O   . HOH F 3 .   ? -1.271  7.641   14.484  1.00 51.38  ? 526 HOH A O   1 
HETATM 1365 O O   . HOH F 3 .   ? -10.522 15.058  12.632  1.00 36.94  ? 527 HOH A O   1 
HETATM 1366 O O   . HOH F 3 .   ? -2.405  5.113   15.804  1.00 60.55  ? 528 HOH A O   1 
HETATM 1367 O O   . HOH F 3 .   ? -3.758  16.358  -4.521  1.00 42.41  ? 529 HOH A O   1 
HETATM 1368 O O   . HOH F 3 .   ? -6.609  -1.904  4.120   1.00 53.00  ? 530 HOH A O   1 
HETATM 1369 O O   . HOH F 3 .   ? 0.174   17.693  18.077  1.00 56.30  ? 531 HOH A O   1 
HETATM 1370 O O   . HOH F 3 .   ? 3.506   1.870   -4.868  1.00 45.73  ? 532 HOH A O   1 
HETATM 1371 O O   . HOH F 3 .   ? -0.748  8.244   -9.110  1.00 50.71  ? 533 HOH A O   1 
HETATM 1372 O O   . HOH F 3 .   ? -17.732 -3.633  0.311   1.00 57.17  ? 534 HOH A O   1 
HETATM 1373 O O   . HOH F 3 .   ? -16.782 4.437   6.959   1.00 27.50  ? 535 HOH A O   1 
HETATM 1374 O O   . HOH F 3 .   ? -16.938 18.051  -5.600  1.00 50.77  ? 536 HOH A O   1 
HETATM 1375 O O   . HOH G 3 .   ? -0.921  -16.112 3.681   1.00 48.94  ? 501 HOH B O   1 
HETATM 1376 O O   . HOH G 3 .   ? 0.926   -10.112 -24.866 1.00 50.14  ? 502 HOH B O   1 
HETATM 1377 O O   . HOH G 3 .   ? 6.295   -8.529  -20.952 1.00 43.06  ? 503 HOH B O   1 
HETATM 1378 O O   . HOH G 3 .   ? 11.616  -20.123 0.783   1.00 47.84  ? 504 HOH B O   1 
HETATM 1379 O O   . HOH G 3 .   ? 1.224   -5.234  -25.550 1.00 35.22  ? 505 HOH B O   1 
HETATM 1380 O O   . HOH G 3 .   ? 6.865   -5.652  13.197  1.00 32.07  ? 506 HOH B O   1 
HETATM 1381 O O   . HOH G 3 .   ? 6.754   -16.497 -12.901 1.00 30.24  ? 507 HOH B O   1 
HETATM 1382 O O   . HOH G 3 .   ? 11.550  -4.425  -3.857  1.00 30.99  ? 508 HOH B O   1 
HETATM 1383 O O   . HOH G 3 .   ? 3.521   -2.184  -3.810  1.00 39.58  ? 509 HOH B O   1 
HETATM 1384 O O   . HOH G 3 .   ? -1.638  -5.045  -15.106 1.00 35.23  ? 510 HOH B O   1 
HETATM 1385 O O   . HOH G 3 .   ? 8.941   -15.278 -13.688 1.00 39.09  ? 511 HOH B O   1 
HETATM 1386 O O   . HOH G 3 .   ? 7.659   -1.082  13.493  1.00 47.55  ? 512 HOH B O   1 
HETATM 1387 O O   . HOH G 3 .   ? 2.985   -20.689 -6.878  1.00 46.35  ? 513 HOH B O   1 
HETATM 1388 O O   . HOH G 3 .   ? 4.248   -16.788 -16.306 1.00 42.73  ? 514 HOH B O   1 
HETATM 1389 O O   . HOH G 3 .   ? 12.414  -2.461  0.362   1.00 28.56  ? 515 HOH B O   1 
HETATM 1390 O O   . HOH G 3 .   ? 2.835   -20.291 -14.181 1.00 46.76  ? 516 HOH B O   1 
HETATM 1391 O O   . HOH G 3 .   ? 2.585   -5.835  -10.212 1.00 45.39  ? 517 HOH B O   1 
HETATM 1392 O O   . HOH G 3 .   ? 2.424   -16.750 4.227   1.00 47.65  ? 518 HOH B O   1 
HETATM 1393 O O   . HOH G 3 .   ? 0.858   -13.627 8.615   1.00 55.01  ? 519 HOH B O   1 
HETATM 1394 O O   . HOH G 3 .   ? 7.771   1.475   8.092   1.00 40.13  ? 520 HOH B O   1 
HETATM 1395 O O   . HOH G 3 .   ? 9.482   -0.657  8.017   1.00 47.04  ? 521 HOH B O   1 
HETATM 1396 O O   . HOH G 3 .   ? 3.206   1.120   9.849   1.00 42.66  ? 522 HOH B O   1 
HETATM 1397 O O   . HOH G 3 .   ? 14.565  1.348   -14.062 1.00 53.80  ? 523 HOH B O   1 
HETATM 1398 O O   . HOH G 3 .   ? 0.182   -6.832  -7.928  1.00 48.00  ? 524 HOH B O   1 
HETATM 1399 O O   . HOH G 3 .   ? -2.450  -10.169 -19.955 1.00 57.81  ? 525 HOH B O   1 
HETATM 1400 O O   . HOH G 3 .   ? -7.097  -9.373  -8.916  1.00 42.71  ? 526 HOH B O   1 
HETATM 1401 O O   . HOH G 3 .   ? 4.855   -0.214  -4.973  1.00 44.60  ? 527 HOH B O   1 
HETATM 1402 O O   . HOH G 3 .   ? 17.447  -7.243  -6.964  1.00 50.08  ? 528 HOH B O   1 
HETATM 1403 O O   . HOH G 3 .   ? 9.235   -20.924 3.896   1.00 55.72  ? 529 HOH B O   1 
HETATM 1404 O O   . HOH G 3 .   ? 14.823  -2.300  1.309   1.00 37.52  ? 530 HOH B O   1 
HETATM 1405 O O   . HOH G 3 .   ? 3.491   -6.221  -28.606 1.00 40.79  ? 531 HOH B O   1 
HETATM 1406 O O   . HOH G 3 .   ? 12.524  -2.680  -2.084  1.00 35.15  ? 532 HOH B O   1 
HETATM 1407 O O   . HOH G 3 .   ? 14.852  -21.898 -7.002  1.00 50.66  ? 533 HOH B O   1 
HETATM 1408 O O   . HOH G 3 .   ? 11.629  -24.080 2.812   1.00 50.74  ? 534 HOH B O   1 
HETATM 1409 O O   . HOH G 3 .   ? -3.015  -17.734 -12.619 1.00 49.98  ? 535 HOH B O   1 
HETATM 1410 O O   . HOH G 3 .   ? 10.963  0.049   -2.029  1.00 48.91  ? 536 HOH B O   1 
HETATM 1411 O O   . HOH G 3 .   ? 4.069   -18.694 -2.174  1.00 47.09  ? 537 HOH B O   1 
HETATM 1412 O O   . HOH G 3 .   ? 5.800   -18.697 -14.759 1.00 62.85  ? 538 HOH B O   1 
HETATM 1413 O O   . HOH G 3 .   ? -0.950  -19.367 -3.625  1.00 54.60  ? 539 HOH B O   1 
# 
